data_1JV4
# 
_entry.id   1JV4 
# 
_audit_conform.dict_name       mmcif_pdbx.dic 
_audit_conform.dict_version    5.397 
_audit_conform.dict_location   http://mmcif.pdb.org/dictionaries/ascii/mmcif_pdbx.dic 
# 
loop_
_database_2.database_id 
_database_2.database_code 
_database_2.pdbx_database_accession 
_database_2.pdbx_DOI 
PDB   1JV4         pdb_00001jv4 10.2210/pdb1jv4/pdb 
RCSB  RCSB014217   ?            ?                   
WWPDB D_1000014217 ?            ?                   
# 
loop_
_pdbx_audit_revision_history.ordinal 
_pdbx_audit_revision_history.data_content_type 
_pdbx_audit_revision_history.major_revision 
_pdbx_audit_revision_history.minor_revision 
_pdbx_audit_revision_history.revision_date 
1 'Structure model' 1 0 2001-12-05 
2 'Structure model' 1 1 2007-10-16 
3 'Structure model' 1 2 2011-07-13 
4 'Structure model' 1 3 2023-08-16 
5 'Structure model' 1 4 2024-10-30 
# 
_pdbx_audit_revision_details.ordinal             1 
_pdbx_audit_revision_details.revision_ordinal    1 
_pdbx_audit_revision_details.data_content_type   'Structure model' 
_pdbx_audit_revision_details.provider            repository 
_pdbx_audit_revision_details.type                'Initial release' 
_pdbx_audit_revision_details.description         ? 
_pdbx_audit_revision_details.details             ? 
# 
loop_
_pdbx_audit_revision_group.ordinal 
_pdbx_audit_revision_group.revision_ordinal 
_pdbx_audit_revision_group.data_content_type 
_pdbx_audit_revision_group.group 
1 2 'Structure model' 'Version format compliance' 
2 3 'Structure model' 'Version format compliance' 
3 4 'Structure model' 'Data collection'           
4 4 'Structure model' 'Database references'       
5 4 'Structure model' 'Derived calculations'      
6 4 'Structure model' 'Refinement description'    
7 5 'Structure model' 'Structure summary'         
# 
loop_
_pdbx_audit_revision_category.ordinal 
_pdbx_audit_revision_category.revision_ordinal 
_pdbx_audit_revision_category.data_content_type 
_pdbx_audit_revision_category.category 
1 4 'Structure model' chem_comp_atom                
2 4 'Structure model' chem_comp_bond                
3 4 'Structure model' database_2                    
4 4 'Structure model' pdbx_initial_refinement_model 
5 4 'Structure model' pdbx_struct_conn_angle        
6 4 'Structure model' struct_conn                   
7 4 'Structure model' struct_site                   
8 5 'Structure model' pdbx_entry_details            
9 5 'Structure model' pdbx_modification_feature     
# 
loop_
_pdbx_audit_revision_item.ordinal 
_pdbx_audit_revision_item.revision_ordinal 
_pdbx_audit_revision_item.data_content_type 
_pdbx_audit_revision_item.item 
1  4 'Structure model' '_database_2.pdbx_DOI'                         
2  4 'Structure model' '_database_2.pdbx_database_accession'          
3  4 'Structure model' '_pdbx_struct_conn_angle.ptnr1_auth_comp_id'   
4  4 'Structure model' '_pdbx_struct_conn_angle.ptnr1_auth_seq_id'    
5  4 'Structure model' '_pdbx_struct_conn_angle.ptnr1_label_asym_id'  
6  4 'Structure model' '_pdbx_struct_conn_angle.ptnr1_label_atom_id'  
7  4 'Structure model' '_pdbx_struct_conn_angle.ptnr1_label_comp_id'  
8  4 'Structure model' '_pdbx_struct_conn_angle.ptnr1_label_seq_id'   
9  4 'Structure model' '_pdbx_struct_conn_angle.ptnr1_symmetry'       
10 4 'Structure model' '_pdbx_struct_conn_angle.ptnr2_auth_seq_id'    
11 4 'Structure model' '_pdbx_struct_conn_angle.ptnr2_label_asym_id'  
12 4 'Structure model' '_pdbx_struct_conn_angle.ptnr3_auth_comp_id'   
13 4 'Structure model' '_pdbx_struct_conn_angle.ptnr3_auth_seq_id'    
14 4 'Structure model' '_pdbx_struct_conn_angle.ptnr3_label_asym_id'  
15 4 'Structure model' '_pdbx_struct_conn_angle.ptnr3_label_atom_id'  
16 4 'Structure model' '_pdbx_struct_conn_angle.ptnr3_label_comp_id'  
17 4 'Structure model' '_pdbx_struct_conn_angle.ptnr3_label_seq_id'   
18 4 'Structure model' '_pdbx_struct_conn_angle.ptnr3_symmetry'       
19 4 'Structure model' '_pdbx_struct_conn_angle.value'                
20 4 'Structure model' '_struct_conn.pdbx_dist_value'                 
21 4 'Structure model' '_struct_conn.ptnr1_auth_comp_id'              
22 4 'Structure model' '_struct_conn.ptnr1_auth_seq_id'               
23 4 'Structure model' '_struct_conn.ptnr1_label_asym_id'             
24 4 'Structure model' '_struct_conn.ptnr1_label_atom_id'             
25 4 'Structure model' '_struct_conn.ptnr1_label_comp_id'             
26 4 'Structure model' '_struct_conn.ptnr1_label_seq_id'              
27 4 'Structure model' '_struct_conn.ptnr1_symmetry'                  
28 4 'Structure model' '_struct_conn.ptnr2_auth_comp_id'              
29 4 'Structure model' '_struct_conn.ptnr2_auth_seq_id'               
30 4 'Structure model' '_struct_conn.ptnr2_label_asym_id'             
31 4 'Structure model' '_struct_conn.ptnr2_label_atom_id'             
32 4 'Structure model' '_struct_conn.ptnr2_label_comp_id'             
33 4 'Structure model' '_struct_conn.ptnr2_label_seq_id'              
34 4 'Structure model' '_struct_conn.ptnr2_symmetry'                  
35 4 'Structure model' '_struct_site.pdbx_auth_asym_id'               
36 4 'Structure model' '_struct_site.pdbx_auth_comp_id'               
37 4 'Structure model' '_struct_site.pdbx_auth_seq_id'                
38 5 'Structure model' '_pdbx_entry_details.has_protein_modification' 
# 
_pdbx_database_status.status_code                     REL 
_pdbx_database_status.entry_id                        1JV4 
_pdbx_database_status.recvd_initial_deposition_date   2001-08-28 
_pdbx_database_status.deposit_site                    RCSB 
_pdbx_database_status.process_site                    RCSB 
_pdbx_database_status.SG_entry                        . 
_pdbx_database_status.pdb_format_compatible           Y 
_pdbx_database_status.status_code_mr                  ? 
_pdbx_database_status.status_code_sf                  ? 
_pdbx_database_status.status_code_cs                  ? 
_pdbx_database_status.status_code_nmr_data            ? 
_pdbx_database_status.methods_development_category    ? 
# 
_pdbx_database_related.db_name        PDB 
_pdbx_database_related.db_id          1df3 
_pdbx_database_related.details        'Solution Structure Of A Recombinant Mouse Major Urinary Protein' 
_pdbx_database_related.content_type   unspecified 
# 
loop_
_audit_author.name 
_audit_author.pdbx_ordinal 
'Kuser, P.R.'    1 
'Franzoni, L.'   2 
'Ferrari, E.'    3 
'Spisni, A.'     4 
'Polikarpov, I.' 5 
# 
loop_
_citation.id 
_citation.title 
_citation.journal_abbrev 
_citation.journal_volume 
_citation.page_first 
_citation.page_last 
_citation.year 
_citation.journal_id_ASTM 
_citation.country 
_citation.journal_id_ISSN 
_citation.journal_id_CSD 
_citation.book_publisher 
_citation.pdbx_database_id_PubMed 
_citation.pdbx_database_id_DOI 
primary 
;The X-ray structure of a recombinant major urinary protein at 1.75 A resolution. A comparative study of X-ray and NMR-derived structures.
;
'Acta Crystallogr.,Sect.D' 57  1863 1869 2001 ABCRE6 DK 0907-4449 0766 ? 11717500 10.1107/S090744490101825X        
1       'Crystallization and preliminary diffraction studies of a recombinant major urinary protein' 'Acta Crystallogr.,Sect.D' 55 
1340 1341 1999 ABCRE6 DK 0907-4449 0766 ? ?        10.1107/S0907444999005661        
2       'Solution Structure of a Recombinant Mouse Major Urinary Protein' Eur.J.Biochem.             266 1210 1218 1999 EJBCAI IX 
0014-2956 0262 ? ?        10.1046/j.1432-1327.1999.00984.x 
# 
loop_
_citation_author.citation_id 
_citation_author.name 
_citation_author.ordinal 
_citation_author.identifier_ORCID 
primary 'Kuser, P.R.'    1  ? 
primary 'Franzoni, L.'   2  ? 
primary 'Ferrari, E.'    3  ? 
primary 'Spisni, A.'     4  ? 
primary 'Polikarpov, I.' 5  ? 
1       'Kuser, P.R.'    6  ? 
1       'Krauchenco, S.' 7  ? 
1       'Fangel, A.'     8  ? 
1       'Polikarpov, I.' 9  ? 
2       'Luecke, C.'     10 ? 
2       'Franzoni, L.'   11 ? 
2       'Abbate, F.'     12 ? 
2       'Lohr, F.'       13 ? 
2       'Ferrari, E.'    14 ? 
2       'Sorbi, R.T.'    15 ? 
2       'Rueterjans, H.' 16 ? 
2       'Spisni, A.'     17 ? 
# 
loop_
_entity.id 
_entity.type 
_entity.src_method 
_entity.pdbx_description 
_entity.formula_weight 
_entity.pdbx_number_of_molecules 
_entity.pdbx_ec 
_entity.pdbx_mutation 
_entity.pdbx_fragment 
_entity.details 
1 polymer     man 'Major urinary protein 2' 18733.869 1   ? ? ? ? 
2 non-polymer syn 'CADMIUM ION'             112.411   7   ? ? ? ? 
3 non-polymer syn '2-(SEC-BUTYL)THIAZOLE'   141.234   1   ? ? ? ? 
4 water       nat water                     18.015    171 ? ? ? ? 
# 
_entity_name_com.entity_id   1 
_entity_name_com.name        'MUP 2' 
# 
_entity_poly.entity_id                      1 
_entity_poly.type                           'polypeptide(L)' 
_entity_poly.nstd_linkage                   no 
_entity_poly.nstd_monomer                   no 
_entity_poly.pdbx_seq_one_letter_code       
;EEASSTGRNFNVEKINGEWHTIILASDKREKIEDNGNFRLFLEQIHVLEKSLVLKFHTVRDEECSELSMVADKTEKAGEY
SVTYDGFNTFTIPKTDYDNFLMAHLINEKDGETFQLMGLYGREPDLSSDIKERFAQLCEEHGILRENIIDLSNANRCLQA
RE
;
_entity_poly.pdbx_seq_one_letter_code_can   
;EEASSTGRNFNVEKINGEWHTIILASDKREKIEDNGNFRLFLEQIHVLEKSLVLKFHTVRDEECSELSMVADKTEKAGEY
SVTYDGFNTFTIPKTDYDNFLMAHLINEKDGETFQLMGLYGREPDLSSDIKERFAQLCEEHGILRENIIDLSNANRCLQA
RE
;
_entity_poly.pdbx_strand_id                 A 
_entity_poly.pdbx_target_identifier         ? 
# 
loop_
_pdbx_entity_nonpoly.entity_id 
_pdbx_entity_nonpoly.name 
_pdbx_entity_nonpoly.comp_id 
2 'CADMIUM ION'           CD  
3 '2-(SEC-BUTYL)THIAZOLE' TZL 
4 water                   HOH 
# 
loop_
_entity_poly_seq.entity_id 
_entity_poly_seq.num 
_entity_poly_seq.mon_id 
_entity_poly_seq.hetero 
1 1   GLU n 
1 2   GLU n 
1 3   ALA n 
1 4   SER n 
1 5   SER n 
1 6   THR n 
1 7   GLY n 
1 8   ARG n 
1 9   ASN n 
1 10  PHE n 
1 11  ASN n 
1 12  VAL n 
1 13  GLU n 
1 14  LYS n 
1 15  ILE n 
1 16  ASN n 
1 17  GLY n 
1 18  GLU n 
1 19  TRP n 
1 20  HIS n 
1 21  THR n 
1 22  ILE n 
1 23  ILE n 
1 24  LEU n 
1 25  ALA n 
1 26  SER n 
1 27  ASP n 
1 28  LYS n 
1 29  ARG n 
1 30  GLU n 
1 31  LYS n 
1 32  ILE n 
1 33  GLU n 
1 34  ASP n 
1 35  ASN n 
1 36  GLY n 
1 37  ASN n 
1 38  PHE n 
1 39  ARG n 
1 40  LEU n 
1 41  PHE n 
1 42  LEU n 
1 43  GLU n 
1 44  GLN n 
1 45  ILE n 
1 46  HIS n 
1 47  VAL n 
1 48  LEU n 
1 49  GLU n 
1 50  LYS n 
1 51  SER n 
1 52  LEU n 
1 53  VAL n 
1 54  LEU n 
1 55  LYS n 
1 56  PHE n 
1 57  HIS n 
1 58  THR n 
1 59  VAL n 
1 60  ARG n 
1 61  ASP n 
1 62  GLU n 
1 63  GLU n 
1 64  CYS n 
1 65  SER n 
1 66  GLU n 
1 67  LEU n 
1 68  SER n 
1 69  MET n 
1 70  VAL n 
1 71  ALA n 
1 72  ASP n 
1 73  LYS n 
1 74  THR n 
1 75  GLU n 
1 76  LYS n 
1 77  ALA n 
1 78  GLY n 
1 79  GLU n 
1 80  TYR n 
1 81  SER n 
1 82  VAL n 
1 83  THR n 
1 84  TYR n 
1 85  ASP n 
1 86  GLY n 
1 87  PHE n 
1 88  ASN n 
1 89  THR n 
1 90  PHE n 
1 91  THR n 
1 92  ILE n 
1 93  PRO n 
1 94  LYS n 
1 95  THR n 
1 96  ASP n 
1 97  TYR n 
1 98  ASP n 
1 99  ASN n 
1 100 PHE n 
1 101 LEU n 
1 102 MET n 
1 103 ALA n 
1 104 HIS n 
1 105 LEU n 
1 106 ILE n 
1 107 ASN n 
1 108 GLU n 
1 109 LYS n 
1 110 ASP n 
1 111 GLY n 
1 112 GLU n 
1 113 THR n 
1 114 PHE n 
1 115 GLN n 
1 116 LEU n 
1 117 MET n 
1 118 GLY n 
1 119 LEU n 
1 120 TYR n 
1 121 GLY n 
1 122 ARG n 
1 123 GLU n 
1 124 PRO n 
1 125 ASP n 
1 126 LEU n 
1 127 SER n 
1 128 SER n 
1 129 ASP n 
1 130 ILE n 
1 131 LYS n 
1 132 GLU n 
1 133 ARG n 
1 134 PHE n 
1 135 ALA n 
1 136 GLN n 
1 137 LEU n 
1 138 CYS n 
1 139 GLU n 
1 140 GLU n 
1 141 HIS n 
1 142 GLY n 
1 143 ILE n 
1 144 LEU n 
1 145 ARG n 
1 146 GLU n 
1 147 ASN n 
1 148 ILE n 
1 149 ILE n 
1 150 ASP n 
1 151 LEU n 
1 152 SER n 
1 153 ASN n 
1 154 ALA n 
1 155 ASN n 
1 156 ARG n 
1 157 CYS n 
1 158 LEU n 
1 159 GLN n 
1 160 ALA n 
1 161 ARG n 
1 162 GLU n 
# 
_entity_src_gen.entity_id                          1 
_entity_src_gen.pdbx_src_id                        1 
_entity_src_gen.pdbx_alt_source_flag               sample 
_entity_src_gen.pdbx_seq_type                      ? 
_entity_src_gen.pdbx_beg_seq_num                   ? 
_entity_src_gen.pdbx_end_seq_num                   ? 
_entity_src_gen.gene_src_common_name               'house mouse' 
_entity_src_gen.gene_src_genus                     Mus 
_entity_src_gen.pdbx_gene_src_gene                 'group 1 major urinary protein' 
_entity_src_gen.gene_src_species                   ? 
_entity_src_gen.gene_src_strain                    ? 
_entity_src_gen.gene_src_tissue                    ? 
_entity_src_gen.gene_src_tissue_fraction           ? 
_entity_src_gen.gene_src_details                   ? 
_entity_src_gen.pdbx_gene_src_fragment             ? 
_entity_src_gen.pdbx_gene_src_scientific_name      'Mus musculus' 
_entity_src_gen.pdbx_gene_src_ncbi_taxonomy_id     10090 
_entity_src_gen.pdbx_gene_src_variant              ? 
_entity_src_gen.pdbx_gene_src_cell_line            ? 
_entity_src_gen.pdbx_gene_src_atcc                 ? 
_entity_src_gen.pdbx_gene_src_organ                ? 
_entity_src_gen.pdbx_gene_src_organelle            ? 
_entity_src_gen.pdbx_gene_src_cell                 ? 
_entity_src_gen.pdbx_gene_src_cellular_location    ? 
_entity_src_gen.host_org_common_name               ? 
_entity_src_gen.pdbx_host_org_scientific_name      'Pichia pastoris' 
_entity_src_gen.pdbx_host_org_ncbi_taxonomy_id     4922 
_entity_src_gen.host_org_genus                     Pichia 
_entity_src_gen.pdbx_host_org_gene                 ? 
_entity_src_gen.pdbx_host_org_organ                ? 
_entity_src_gen.host_org_species                   ? 
_entity_src_gen.pdbx_host_org_tissue               ? 
_entity_src_gen.pdbx_host_org_tissue_fraction      ? 
_entity_src_gen.pdbx_host_org_strain               GS115 
_entity_src_gen.pdbx_host_org_variant              ? 
_entity_src_gen.pdbx_host_org_cell_line            ? 
_entity_src_gen.pdbx_host_org_atcc                 ? 
_entity_src_gen.pdbx_host_org_culture_collection   ? 
_entity_src_gen.pdbx_host_org_cell                 ? 
_entity_src_gen.pdbx_host_org_organelle            ? 
_entity_src_gen.pdbx_host_org_cellular_location    ? 
_entity_src_gen.pdbx_host_org_vector_type          plasmid 
_entity_src_gen.pdbx_host_org_vector               ? 
_entity_src_gen.host_org_details                   ? 
_entity_src_gen.expression_system_id               ? 
_entity_src_gen.plasmid_name                       pHIL-D2 
_entity_src_gen.plasmid_details                    ? 
_entity_src_gen.pdbx_description                   ? 
# 
loop_
_chem_comp.id 
_chem_comp.type 
_chem_comp.mon_nstd_flag 
_chem_comp.name 
_chem_comp.pdbx_synonyms 
_chem_comp.formula 
_chem_comp.formula_weight 
ALA 'L-peptide linking' y ALANINE                 ? 'C3 H7 N O2'     89.093  
ARG 'L-peptide linking' y ARGININE                ? 'C6 H15 N4 O2 1' 175.209 
ASN 'L-peptide linking' y ASPARAGINE              ? 'C4 H8 N2 O3'    132.118 
ASP 'L-peptide linking' y 'ASPARTIC ACID'         ? 'C4 H7 N O4'     133.103 
CD  non-polymer         . 'CADMIUM ION'           ? 'Cd 2'           112.411 
CYS 'L-peptide linking' y CYSTEINE                ? 'C3 H7 N O2 S'   121.158 
GLN 'L-peptide linking' y GLUTAMINE               ? 'C5 H10 N2 O3'   146.144 
GLU 'L-peptide linking' y 'GLUTAMIC ACID'         ? 'C5 H9 N O4'     147.129 
GLY 'peptide linking'   y GLYCINE                 ? 'C2 H5 N O2'     75.067  
HIS 'L-peptide linking' y HISTIDINE               ? 'C6 H10 N3 O2 1' 156.162 
HOH non-polymer         . WATER                   ? 'H2 O'           18.015  
ILE 'L-peptide linking' y ISOLEUCINE              ? 'C6 H13 N O2'    131.173 
LEU 'L-peptide linking' y LEUCINE                 ? 'C6 H13 N O2'    131.173 
LYS 'L-peptide linking' y LYSINE                  ? 'C6 H15 N2 O2 1' 147.195 
MET 'L-peptide linking' y METHIONINE              ? 'C5 H11 N O2 S'  149.211 
PHE 'L-peptide linking' y PHENYLALANINE           ? 'C9 H11 N O2'    165.189 
PRO 'L-peptide linking' y PROLINE                 ? 'C5 H9 N O2'     115.130 
SER 'L-peptide linking' y SERINE                  ? 'C3 H7 N O3'     105.093 
THR 'L-peptide linking' y THREONINE               ? 'C4 H9 N O3'     119.119 
TRP 'L-peptide linking' y TRYPTOPHAN              ? 'C11 H12 N2 O2'  204.225 
TYR 'L-peptide linking' y TYROSINE                ? 'C9 H11 N O3'    181.189 
TZL non-polymer         . '2-(SEC-BUTYL)THIAZOLE' ? 'C7 H11 N S'     141.234 
VAL 'L-peptide linking' y VALINE                  ? 'C5 H11 N O2'    117.146 
# 
loop_
_pdbx_poly_seq_scheme.asym_id 
_pdbx_poly_seq_scheme.entity_id 
_pdbx_poly_seq_scheme.seq_id 
_pdbx_poly_seq_scheme.mon_id 
_pdbx_poly_seq_scheme.ndb_seq_num 
_pdbx_poly_seq_scheme.pdb_seq_num 
_pdbx_poly_seq_scheme.auth_seq_num 
_pdbx_poly_seq_scheme.pdb_mon_id 
_pdbx_poly_seq_scheme.auth_mon_id 
_pdbx_poly_seq_scheme.pdb_strand_id 
_pdbx_poly_seq_scheme.pdb_ins_code 
_pdbx_poly_seq_scheme.hetero 
A 1 1   GLU 1   1   1   GLU ALA A . n 
A 1 2   GLU 2   2   2   GLU GLU A . n 
A 1 3   ALA 3   3   3   ALA ALA A . n 
A 1 4   SER 4   4   4   SER SER A . n 
A 1 5   SER 5   5   5   SER SER A . n 
A 1 6   THR 6   6   6   THR THR A . n 
A 1 7   GLY 7   7   7   GLY GLY A . n 
A 1 8   ARG 8   8   8   ARG ARG A . n 
A 1 9   ASN 9   9   9   ASN ASN A . n 
A 1 10  PHE 10  10  10  PHE PHE A . n 
A 1 11  ASN 11  11  11  ASN ASN A . n 
A 1 12  VAL 12  12  12  VAL VAL A . n 
A 1 13  GLU 13  13  13  GLU GLU A . n 
A 1 14  LYS 14  14  14  LYS LYS A . n 
A 1 15  ILE 15  15  15  ILE ILE A . n 
A 1 16  ASN 16  16  16  ASN ASN A . n 
A 1 17  GLY 17  17  17  GLY GLY A . n 
A 1 18  GLU 18  18  18  GLU GLU A . n 
A 1 19  TRP 19  19  19  TRP TRP A . n 
A 1 20  HIS 20  20  20  HIS HIS A . n 
A 1 21  THR 21  21  21  THR THR A . n 
A 1 22  ILE 22  22  22  ILE ILE A . n 
A 1 23  ILE 23  23  23  ILE ILE A . n 
A 1 24  LEU 24  24  24  LEU LEU A . n 
A 1 25  ALA 25  25  25  ALA ALA A . n 
A 1 26  SER 26  26  26  SER SER A . n 
A 1 27  ASP 27  27  27  ASP ASP A . n 
A 1 28  LYS 28  28  28  LYS LYS A . n 
A 1 29  ARG 29  29  29  ARG ARG A . n 
A 1 30  GLU 30  30  30  GLU GLU A . n 
A 1 31  LYS 31  31  31  LYS LYS A . n 
A 1 32  ILE 32  32  32  ILE ILE A . n 
A 1 33  GLU 33  33  33  GLU GLU A . n 
A 1 34  ASP 34  34  34  ASP ASP A . n 
A 1 35  ASN 35  35  35  ASN ASN A . n 
A 1 36  GLY 36  36  36  GLY GLY A . n 
A 1 37  ASN 37  37  37  ASN ASN A . n 
A 1 38  PHE 38  38  38  PHE PHE A . n 
A 1 39  ARG 39  39  39  ARG ARG A . n 
A 1 40  LEU 40  40  40  LEU LEU A . n 
A 1 41  PHE 41  41  41  PHE PHE A . n 
A 1 42  LEU 42  42  42  LEU LEU A . n 
A 1 43  GLU 43  43  43  GLU GLU A . n 
A 1 44  GLN 44  44  44  GLN GLN A . n 
A 1 45  ILE 45  45  45  ILE ILE A . n 
A 1 46  HIS 46  46  46  HIS HIS A . n 
A 1 47  VAL 47  47  47  VAL VAL A . n 
A 1 48  LEU 48  48  48  LEU LEU A . n 
A 1 49  GLU 49  49  49  GLU GLU A . n 
A 1 50  LYS 50  50  50  LYS LYS A . n 
A 1 51  SER 51  51  51  SER SER A . n 
A 1 52  LEU 52  52  52  LEU LEU A . n 
A 1 53  VAL 53  53  53  VAL VAL A . n 
A 1 54  LEU 54  54  54  LEU LEU A . n 
A 1 55  LYS 55  55  55  LYS LYS A . n 
A 1 56  PHE 56  56  56  PHE PHE A . n 
A 1 57  HIS 57  57  57  HIS HIS A . n 
A 1 58  THR 58  58  58  THR THR A . n 
A 1 59  VAL 59  59  59  VAL VAL A . n 
A 1 60  ARG 60  60  60  ARG ARG A . n 
A 1 61  ASP 61  61  61  ASP ASP A . n 
A 1 62  GLU 62  62  62  GLU GLU A . n 
A 1 63  GLU 63  63  63  GLU GLU A . n 
A 1 64  CYS 64  64  64  CYS CYS A . n 
A 1 65  SER 65  65  65  SER SER A . n 
A 1 66  GLU 66  66  66  GLU GLU A . n 
A 1 67  LEU 67  67  67  LEU LEU A . n 
A 1 68  SER 68  68  68  SER SER A . n 
A 1 69  MET 69  69  69  MET MET A . n 
A 1 70  VAL 70  70  70  VAL VAL A . n 
A 1 71  ALA 71  71  71  ALA ALA A . n 
A 1 72  ASP 72  72  72  ASP ASP A . n 
A 1 73  LYS 73  73  73  LYS LYS A . n 
A 1 74  THR 74  74  74  THR THR A . n 
A 1 75  GLU 75  75  75  GLU GLU A . n 
A 1 76  LYS 76  76  76  LYS LYS A . n 
A 1 77  ALA 77  77  77  ALA ALA A . n 
A 1 78  GLY 78  78  78  GLY GLY A . n 
A 1 79  GLU 79  79  79  GLU GLU A . n 
A 1 80  TYR 80  80  80  TYR TYR A . n 
A 1 81  SER 81  81  81  SER SER A . n 
A 1 82  VAL 82  82  82  VAL VAL A . n 
A 1 83  THR 83  83  83  THR THR A . n 
A 1 84  TYR 84  84  84  TYR TYR A . n 
A 1 85  ASP 85  85  85  ASP ASP A . n 
A 1 86  GLY 86  86  86  GLY GLY A . n 
A 1 87  PHE 87  87  87  PHE PHE A . n 
A 1 88  ASN 88  88  88  ASN ASN A . n 
A 1 89  THR 89  89  89  THR THR A . n 
A 1 90  PHE 90  90  90  PHE PHE A . n 
A 1 91  THR 91  91  91  THR THR A . n 
A 1 92  ILE 92  92  92  ILE ILE A . n 
A 1 93  PRO 93  93  93  PRO PRO A . n 
A 1 94  LYS 94  94  94  LYS LYS A . n 
A 1 95  THR 95  95  95  THR THR A . n 
A 1 96  ASP 96  96  96  ASP ASP A . n 
A 1 97  TYR 97  97  97  TYR TYR A . n 
A 1 98  ASP 98  98  98  ASP ASP A . n 
A 1 99  ASN 99  99  99  ASN ASN A . n 
A 1 100 PHE 100 100 100 PHE PHE A . n 
A 1 101 LEU 101 101 101 LEU LEU A . n 
A 1 102 MET 102 102 102 MET MET A . n 
A 1 103 ALA 103 103 103 ALA ALA A . n 
A 1 104 HIS 104 104 104 HIS HIS A . n 
A 1 105 LEU 105 105 105 LEU LEU A . n 
A 1 106 ILE 106 106 106 ILE ILE A . n 
A 1 107 ASN 107 107 107 ASN ASN A . n 
A 1 108 GLU 108 108 108 GLU GLU A . n 
A 1 109 LYS 109 109 109 LYS LYS A . n 
A 1 110 ASP 110 110 110 ASP ASP A . n 
A 1 111 GLY 111 111 111 GLY GLY A . n 
A 1 112 GLU 112 112 112 GLU GLU A . n 
A 1 113 THR 113 113 113 THR THR A . n 
A 1 114 PHE 114 114 114 PHE PHE A . n 
A 1 115 GLN 115 115 115 GLN GLN A . n 
A 1 116 LEU 116 116 116 LEU LEU A . n 
A 1 117 MET 117 117 117 MET MET A . n 
A 1 118 GLY 118 118 118 GLY GLY A . n 
A 1 119 LEU 119 119 119 LEU LEU A . n 
A 1 120 TYR 120 120 120 TYR TYR A . n 
A 1 121 GLY 121 121 121 GLY GLY A . n 
A 1 122 ARG 122 122 122 ARG ARG A . n 
A 1 123 GLU 123 123 123 GLU GLU A . n 
A 1 124 PRO 124 124 124 PRO PRO A . n 
A 1 125 ASP 125 125 125 ASP ASP A . n 
A 1 126 LEU 126 126 126 LEU LEU A . n 
A 1 127 SER 127 127 127 SER SER A . n 
A 1 128 SER 128 128 128 SER SER A . n 
A 1 129 ASP 129 129 129 ASP ASP A . n 
A 1 130 ILE 130 130 130 ILE ILE A . n 
A 1 131 LYS 131 131 131 LYS LYS A . n 
A 1 132 GLU 132 132 132 GLU GLU A . n 
A 1 133 ARG 133 133 133 ARG ARG A . n 
A 1 134 PHE 134 134 134 PHE PHE A . n 
A 1 135 ALA 135 135 135 ALA ALA A . n 
A 1 136 GLN 136 136 136 GLN GLN A . n 
A 1 137 LEU 137 137 137 LEU LEU A . n 
A 1 138 CYS 138 138 138 CYS CYS A . n 
A 1 139 GLU 139 139 139 GLU GLU A . n 
A 1 140 GLU 140 140 140 GLU GLU A . n 
A 1 141 HIS 141 141 141 HIS HIS A . n 
A 1 142 GLY 142 142 142 GLY GLY A . n 
A 1 143 ILE 143 143 143 ILE ILE A . n 
A 1 144 LEU 144 144 144 LEU LEU A . n 
A 1 145 ARG 145 145 145 ARG ARG A . n 
A 1 146 GLU 146 146 146 GLU GLU A . n 
A 1 147 ASN 147 147 147 ASN ASN A . n 
A 1 148 ILE 148 148 148 ILE ILE A . n 
A 1 149 ILE 149 149 149 ILE ILE A . n 
A 1 150 ASP 150 150 150 ASP ASP A . n 
A 1 151 LEU 151 151 151 LEU LEU A . n 
A 1 152 SER 152 152 152 SER SER A . n 
A 1 153 ASN 153 153 153 ASN ASN A . n 
A 1 154 ALA 154 154 154 ALA ALA A . n 
A 1 155 ASN 155 155 155 ASN ASN A . n 
A 1 156 ARG 156 156 156 ARG ARG A . n 
A 1 157 CYS 157 157 157 CYS CYS A . n 
A 1 158 LEU 158 158 ?   ?   ?   A . n 
A 1 159 GLN 159 159 ?   ?   ?   A . n 
A 1 160 ALA 160 160 ?   ?   ?   A . n 
A 1 161 ARG 161 161 ?   ?   ?   A . n 
A 1 162 GLU 162 162 ?   ?   ?   A . n 
# 
loop_
_pdbx_nonpoly_scheme.asym_id 
_pdbx_nonpoly_scheme.entity_id 
_pdbx_nonpoly_scheme.mon_id 
_pdbx_nonpoly_scheme.ndb_seq_num 
_pdbx_nonpoly_scheme.pdb_seq_num 
_pdbx_nonpoly_scheme.auth_seq_num 
_pdbx_nonpoly_scheme.pdb_mon_id 
_pdbx_nonpoly_scheme.auth_mon_id 
_pdbx_nonpoly_scheme.pdb_strand_id 
_pdbx_nonpoly_scheme.pdb_ins_code 
B 2 CD  1   163 159 CD  CD  A . 
C 2 CD  1   164 160 CD  CD  A . 
D 2 CD  1   165 161 CD  CD  A . 
E 2 CD  1   166 162 CD  CD  A . 
F 2 CD  1   167 163 CD  CD  A . 
G 2 CD  1   168 164 CD  CD  A . 
H 2 CD  1   169 165 CD  CD  A . 
I 3 TZL 1   170 158 TZL TZL A . 
J 4 HOH 1   171 166 HOH HOH A . 
J 4 HOH 2   172 167 HOH HOH A . 
J 4 HOH 3   173 168 HOH HOH A . 
J 4 HOH 4   174 169 HOH HOH A . 
J 4 HOH 5   175 170 HOH HOH A . 
J 4 HOH 6   176 171 HOH HOH A . 
J 4 HOH 7   177 172 HOH HOH A . 
J 4 HOH 8   178 173 HOH HOH A . 
J 4 HOH 9   179 174 HOH HOH A . 
J 4 HOH 10  180 175 HOH HOH A . 
J 4 HOH 11  181 176 HOH HOH A . 
J 4 HOH 12  182 177 HOH HOH A . 
J 4 HOH 13  183 178 HOH HOH A . 
J 4 HOH 14  184 179 HOH HOH A . 
J 4 HOH 15  185 180 HOH HOH A . 
J 4 HOH 16  186 181 HOH HOH A . 
J 4 HOH 17  187 182 HOH HOH A . 
J 4 HOH 18  188 183 HOH HOH A . 
J 4 HOH 19  189 184 HOH HOH A . 
J 4 HOH 20  190 185 HOH HOH A . 
J 4 HOH 21  191 186 HOH HOH A . 
J 4 HOH 22  192 187 HOH HOH A . 
J 4 HOH 23  193 188 HOH HOH A . 
J 4 HOH 24  194 189 HOH HOH A . 
J 4 HOH 25  195 190 HOH HOH A . 
J 4 HOH 26  196 191 HOH HOH A . 
J 4 HOH 27  197 192 HOH HOH A . 
J 4 HOH 28  198 193 HOH HOH A . 
J 4 HOH 29  199 194 HOH HOH A . 
J 4 HOH 30  200 195 HOH HOH A . 
J 4 HOH 31  201 196 HOH HOH A . 
J 4 HOH 32  202 197 HOH HOH A . 
J 4 HOH 33  203 198 HOH HOH A . 
J 4 HOH 34  204 199 HOH HOH A . 
J 4 HOH 35  205 200 HOH HOH A . 
J 4 HOH 36  206 201 HOH HOH A . 
J 4 HOH 37  207 202 HOH HOH A . 
J 4 HOH 38  208 203 HOH HOH A . 
J 4 HOH 39  209 204 HOH HOH A . 
J 4 HOH 40  210 205 HOH HOH A . 
J 4 HOH 41  211 206 HOH HOH A . 
J 4 HOH 42  212 207 HOH HOH A . 
J 4 HOH 43  213 208 HOH HOH A . 
J 4 HOH 44  214 209 HOH HOH A . 
J 4 HOH 45  215 210 HOH HOH A . 
J 4 HOH 46  216 211 HOH HOH A . 
J 4 HOH 47  217 212 HOH HOH A . 
J 4 HOH 48  218 213 HOH HOH A . 
J 4 HOH 49  219 214 HOH HOH A . 
J 4 HOH 50  220 215 HOH HOH A . 
J 4 HOH 51  221 216 HOH HOH A . 
J 4 HOH 52  222 217 HOH HOH A . 
J 4 HOH 53  223 218 HOH HOH A . 
J 4 HOH 54  224 219 HOH HOH A . 
J 4 HOH 55  225 220 HOH HOH A . 
J 4 HOH 56  226 221 HOH HOH A . 
J 4 HOH 57  227 222 HOH HOH A . 
J 4 HOH 58  228 223 HOH HOH A . 
J 4 HOH 59  229 224 HOH HOH A . 
J 4 HOH 60  230 225 HOH HOH A . 
J 4 HOH 61  231 226 HOH HOH A . 
J 4 HOH 62  232 227 HOH HOH A . 
J 4 HOH 63  233 228 HOH HOH A . 
J 4 HOH 64  234 229 HOH HOH A . 
J 4 HOH 65  235 230 HOH HOH A . 
J 4 HOH 66  236 231 HOH HOH A . 
J 4 HOH 67  237 232 HOH HOH A . 
J 4 HOH 68  238 233 HOH HOH A . 
J 4 HOH 69  239 234 HOH HOH A . 
J 4 HOH 70  240 235 HOH HOH A . 
J 4 HOH 71  241 236 HOH HOH A . 
J 4 HOH 72  242 237 HOH HOH A . 
J 4 HOH 73  243 238 HOH HOH A . 
J 4 HOH 74  244 239 HOH HOH A . 
J 4 HOH 75  245 240 HOH HOH A . 
J 4 HOH 76  246 241 HOH HOH A . 
J 4 HOH 77  247 242 HOH HOH A . 
J 4 HOH 78  248 243 HOH HOH A . 
J 4 HOH 79  249 244 HOH HOH A . 
J 4 HOH 80  250 245 HOH HOH A . 
J 4 HOH 81  251 246 HOH HOH A . 
J 4 HOH 82  252 247 HOH HOH A . 
J 4 HOH 83  253 248 HOH HOH A . 
J 4 HOH 84  254 249 HOH HOH A . 
J 4 HOH 85  255 250 HOH HOH A . 
J 4 HOH 86  256 251 HOH HOH A . 
J 4 HOH 87  257 252 HOH HOH A . 
J 4 HOH 88  258 253 HOH HOH A . 
J 4 HOH 89  259 254 HOH HOH A . 
J 4 HOH 90  260 255 HOH HOH A . 
J 4 HOH 91  261 256 HOH HOH A . 
J 4 HOH 92  262 257 HOH HOH A . 
J 4 HOH 93  263 258 HOH HOH A . 
J 4 HOH 94  264 259 HOH HOH A . 
J 4 HOH 95  265 260 HOH HOH A . 
J 4 HOH 96  266 261 HOH HOH A . 
J 4 HOH 97  267 262 HOH HOH A . 
J 4 HOH 98  268 263 HOH HOH A . 
J 4 HOH 99  269 264 HOH HOH A . 
J 4 HOH 100 270 265 HOH HOH A . 
J 4 HOH 101 271 266 HOH HOH A . 
J 4 HOH 102 272 267 HOH HOH A . 
J 4 HOH 103 273 268 HOH HOH A . 
J 4 HOH 104 274 269 HOH HOH A . 
J 4 HOH 105 275 270 HOH HOH A . 
J 4 HOH 106 276 271 HOH HOH A . 
J 4 HOH 107 277 272 HOH HOH A . 
J 4 HOH 108 278 273 HOH HOH A . 
J 4 HOH 109 279 274 HOH HOH A . 
J 4 HOH 110 280 275 HOH HOH A . 
J 4 HOH 111 281 276 HOH HOH A . 
J 4 HOH 112 282 277 HOH HOH A . 
J 4 HOH 113 283 278 HOH HOH A . 
J 4 HOH 114 284 279 HOH HOH A . 
J 4 HOH 115 285 280 HOH HOH A . 
J 4 HOH 116 286 281 HOH HOH A . 
J 4 HOH 117 287 282 HOH HOH A . 
J 4 HOH 118 288 283 HOH HOH A . 
J 4 HOH 119 289 284 HOH HOH A . 
J 4 HOH 120 290 285 HOH HOH A . 
J 4 HOH 121 291 286 HOH HOH A . 
J 4 HOH 122 292 287 HOH HOH A . 
J 4 HOH 123 293 288 HOH HOH A . 
J 4 HOH 124 294 289 HOH HOH A . 
J 4 HOH 125 295 290 HOH HOH A . 
J 4 HOH 126 296 291 HOH HOH A . 
J 4 HOH 127 297 292 HOH HOH A . 
J 4 HOH 128 298 293 HOH HOH A . 
J 4 HOH 129 299 294 HOH HOH A . 
J 4 HOH 130 300 295 HOH HOH A . 
J 4 HOH 131 301 296 HOH HOH A . 
J 4 HOH 132 302 297 HOH HOH A . 
J 4 HOH 133 303 298 HOH HOH A . 
J 4 HOH 134 304 299 HOH HOH A . 
J 4 HOH 135 305 300 HOH HOH A . 
J 4 HOH 136 306 301 HOH HOH A . 
J 4 HOH 137 307 302 HOH HOH A . 
J 4 HOH 138 308 303 HOH HOH A . 
J 4 HOH 139 309 304 HOH HOH A . 
J 4 HOH 140 310 305 HOH HOH A . 
J 4 HOH 141 311 306 HOH HOH A . 
J 4 HOH 142 312 307 HOH HOH A . 
J 4 HOH 143 313 308 HOH HOH A . 
J 4 HOH 144 314 309 HOH HOH A . 
J 4 HOH 145 315 310 HOH HOH A . 
J 4 HOH 146 316 311 HOH HOH A . 
J 4 HOH 147 317 312 HOH HOH A . 
J 4 HOH 148 318 313 HOH HOH A . 
J 4 HOH 149 319 314 HOH HOH A . 
J 4 HOH 150 320 315 HOH HOH A . 
J 4 HOH 151 321 316 HOH HOH A . 
J 4 HOH 152 322 317 HOH HOH A . 
J 4 HOH 153 323 318 HOH HOH A . 
J 4 HOH 154 324 319 HOH HOH A . 
J 4 HOH 155 325 320 HOH HOH A . 
J 4 HOH 156 326 321 HOH HOH A . 
J 4 HOH 157 327 322 HOH HOH A . 
J 4 HOH 158 328 323 HOH HOH A . 
J 4 HOH 159 329 324 HOH HOH A . 
J 4 HOH 160 330 325 HOH HOH A . 
J 4 HOH 161 331 326 HOH HOH A . 
J 4 HOH 162 332 327 HOH HOH A . 
J 4 HOH 163 333 328 HOH HOH A . 
J 4 HOH 164 334 329 HOH HOH A . 
J 4 HOH 165 335 330 HOH HOH A . 
J 4 HOH 166 336 331 HOH HOH A . 
J 4 HOH 167 337 332 HOH HOH A . 
J 4 HOH 168 338 334 HOH HOH A . 
J 4 HOH 169 339 335 HOH HOH A . 
J 4 HOH 170 340 336 HOH HOH A . 
J 4 HOH 171 341 337 HOH HOH A . 
# 
loop_
_pdbx_unobs_or_zero_occ_atoms.id 
_pdbx_unobs_or_zero_occ_atoms.PDB_model_num 
_pdbx_unobs_or_zero_occ_atoms.polymer_flag 
_pdbx_unobs_or_zero_occ_atoms.occupancy_flag 
_pdbx_unobs_or_zero_occ_atoms.auth_asym_id 
_pdbx_unobs_or_zero_occ_atoms.auth_comp_id 
_pdbx_unobs_or_zero_occ_atoms.auth_seq_id 
_pdbx_unobs_or_zero_occ_atoms.PDB_ins_code 
_pdbx_unobs_or_zero_occ_atoms.auth_atom_id 
_pdbx_unobs_or_zero_occ_atoms.label_alt_id 
_pdbx_unobs_or_zero_occ_atoms.label_asym_id 
_pdbx_unobs_or_zero_occ_atoms.label_comp_id 
_pdbx_unobs_or_zero_occ_atoms.label_seq_id 
_pdbx_unobs_or_zero_occ_atoms.label_atom_id 
1  1 Y 1 A GLU 1   ? CG  ? A GLU 1   CG  
2  1 Y 1 A GLU 1   ? CD  ? A GLU 1   CD  
3  1 Y 1 A GLU 1   ? OE1 ? A GLU 1   OE1 
4  1 Y 1 A GLU 1   ? OE2 ? A GLU 1   OE2 
5  1 Y 1 A GLU 13  ? CD  ? A GLU 13  CD  
6  1 Y 1 A GLU 13  ? OE1 ? A GLU 13  OE1 
7  1 Y 1 A GLU 13  ? OE2 ? A GLU 13  OE2 
8  1 Y 1 A ASN 153 ? CG  ? A ASN 153 CG  
9  1 Y 1 A ASN 153 ? OD1 ? A ASN 153 OD1 
10 1 Y 1 A ASN 153 ? ND2 ? A ASN 153 ND2 
# 
loop_
_software.name 
_software.classification 
_software.version 
_software.citation_id 
_software.pdbx_ordinal 
DENZO     'data reduction' . ? 1 
SCALEPACK 'data scaling'   . ? 2 
AMoRE     phasing          . ? 3 
REFMAC    refinement       . ? 4 
# 
_cell.entry_id           1JV4 
_cell.length_a           37.140 
_cell.length_b           55.790 
_cell.length_c           37.670 
_cell.angle_alpha        90.00 
_cell.angle_beta         93.24 
_cell.angle_gamma        90.00 
_cell.Z_PDB              2 
_cell.pdbx_unique_axis   ? 
# 
_symmetry.entry_id                         1JV4 
_symmetry.space_group_name_H-M             'P 1 21 1' 
_symmetry.pdbx_full_space_group_name_H-M   ? 
_symmetry.cell_setting                     ? 
_symmetry.Int_Tables_number                4 
# 
_exptl.entry_id          1JV4 
_exptl.method            'X-RAY DIFFRACTION' 
_exptl.crystals_number   1 
# 
_exptl_crystal.id                    1 
_exptl_crystal.density_meas          ? 
_exptl_crystal.density_Matthews      2.08 
_exptl_crystal.density_percent_sol   40.86 
_exptl_crystal.description           ? 
# 
_exptl_crystal_grow.crystal_id      1 
_exptl_crystal_grow.method          'VAPOR DIFFUSION, HANGING DROP' 
_exptl_crystal_grow.temp            291.0 
_exptl_crystal_grow.temp_details    ? 
_exptl_crystal_grow.pH              6.5 
_exptl_crystal_grow.pdbx_details    
'60mM CdCl2 and sodium phosphate buffer, pH 6.5, VAPOR DIFFUSION, HANGING DROP, temperature 291.0K' 
_exptl_crystal_grow.pdbx_pH_range   ? 
# 
_diffrn.id                     1 
_diffrn.ambient_temp           277 
_diffrn.ambient_temp_details   ? 
_diffrn.crystal_id             1 
# 
_diffrn_detector.diffrn_id              1 
_diffrn_detector.detector               'IMAGE PLATE' 
_diffrn_detector.type                   MARRESEARCH 
_diffrn_detector.pdbx_collection_date   1998-10-30 
_diffrn_detector.details                mirror 
# 
_diffrn_radiation.diffrn_id                        1 
_diffrn_radiation.wavelength_id                    1 
_diffrn_radiation.pdbx_monochromatic_or_laue_m_l   M 
_diffrn_radiation.monochromator                    'SI 111' 
_diffrn_radiation.pdbx_diffrn_protocol             'SINGLE WAVELENGTH' 
_diffrn_radiation.pdbx_scattering_type             x-ray 
# 
_diffrn_radiation_wavelength.id           1 
_diffrn_radiation_wavelength.wavelength   1.39 
_diffrn_radiation_wavelength.wt           1.0 
# 
_diffrn_source.diffrn_id                   1 
_diffrn_source.source                      SYNCHROTRON 
_diffrn_source.type                        'LNLS BEAMLINE D03B-MX1' 
_diffrn_source.pdbx_synchrotron_site       LNLS 
_diffrn_source.pdbx_synchrotron_beamline   D03B-MX1 
_diffrn_source.pdbx_wavelength             ? 
_diffrn_source.pdbx_wavelength_list        1.39 
# 
_reflns.entry_id                     1JV4 
_reflns.observed_criterion_sigma_I   2.0 
_reflns.observed_criterion_sigma_F   2.0 
_reflns.d_resolution_low             14 
_reflns.d_resolution_high            1.70 
_reflns.number_obs                   38851 
_reflns.number_all                   54995 
_reflns.percent_possible_obs         87 
_reflns.pdbx_Rmerge_I_obs            0.079 
_reflns.pdbx_Rsym_value              ? 
_reflns.pdbx_netI_over_sigmaI        10.9 
_reflns.B_iso_Wilson_estimate        ? 
_reflns.pdbx_redundancy              ? 
_reflns.R_free_details               ? 
_reflns.limit_h_max                  ? 
_reflns.limit_h_min                  ? 
_reflns.limit_k_max                  ? 
_reflns.limit_k_min                  ? 
_reflns.limit_l_max                  ? 
_reflns.limit_l_min                  ? 
_reflns.observed_criterion_F_max     ? 
_reflns.observed_criterion_F_min     ? 
_reflns.pdbx_diffrn_id               1 
_reflns.pdbx_ordinal                 1 
# 
_reflns_shell.d_res_high             1.70 
_reflns_shell.d_res_low              1.76 
_reflns_shell.percent_possible_all   84.3 
_reflns_shell.Rmerge_I_obs           0.233 
_reflns_shell.pdbx_Rsym_value        ? 
_reflns_shell.meanI_over_sigI_obs    2.46 
_reflns_shell.pdbx_redundancy        ? 
_reflns_shell.percent_possible_obs   ? 
_reflns_shell.number_unique_all      ? 
_reflns_shell.pdbx_diffrn_id         ? 
_reflns_shell.pdbx_ordinal           1 
# 
_refine.entry_id                                 1JV4 
_refine.ls_number_reflns_obs                     14021 
_refine.ls_number_reflns_all                     ? 
_refine.pdbx_ls_sigma_I                          ? 
_refine.pdbx_ls_sigma_F                          0.0 
_refine.pdbx_data_cutoff_high_absF               ? 
_refine.pdbx_data_cutoff_low_absF                ? 
_refine.ls_d_res_low                             14.0 
_refine.ls_d_res_high                            1.75 
_refine.ls_percent_reflns_obs                    89.6 
_refine.ls_R_factor_obs                          ? 
_refine.ls_R_factor_all                          ? 
_refine.ls_R_factor_R_work                       0.206 
_refine.ls_R_factor_R_free                       0.265 
_refine.ls_R_factor_R_free_error                 ? 
_refine.ls_R_factor_R_free_error_details         ? 
_refine.ls_percent_reflns_R_free                 ? 
_refine.ls_number_reflns_R_free                  748 
_refine.ls_number_parameters                     ? 
_refine.ls_number_restraints                     ? 
_refine.occupancy_min                            ? 
_refine.occupancy_max                            ? 
_refine.B_iso_mean                               ? 
_refine.aniso_B[1][1]                            1.8 
_refine.aniso_B[2][2]                            -0.7 
_refine.aniso_B[3][3]                            -1.2 
_refine.aniso_B[1][2]                            0.0 
_refine.aniso_B[1][3]                            -1.2 
_refine.aniso_B[2][3]                            0.0 
_refine.solvent_model_details                    ? 
_refine.solvent_model_param_ksol                 ? 
_refine.solvent_model_param_bsol                 ? 
_refine.pdbx_ls_cross_valid_method               THROUGHOUT 
_refine.details                                  ? 
_refine.pdbx_starting_model                      1mup.pdb 
_refine.pdbx_method_to_determine_struct          'MOLECULAR REPLACEMENT' 
_refine.pdbx_isotropic_thermal_model             ? 
_refine.pdbx_stereochemistry_target_values       'Engh & Huber' 
_refine.pdbx_stereochem_target_val_spec_case     ? 
_refine.pdbx_R_Free_selection_details            RANDOM 
_refine.pdbx_overall_ESU_R_Free                  ? 
_refine.overall_SU_B                             ? 
_refine.ls_redundancy_reflns_obs                 ? 
_refine.B_iso_min                                ? 
_refine.B_iso_max                                ? 
_refine.correlation_coeff_Fo_to_Fc               ? 
_refine.correlation_coeff_Fo_to_Fc_free          ? 
_refine.overall_SU_R_Cruickshank_DPI             ? 
_refine.overall_SU_R_free                        ? 
_refine.overall_SU_ML                            ? 
_refine.pdbx_overall_ESU_R                       ? 
_refine.pdbx_data_cutoff_high_rms_absF           ? 
_refine.pdbx_refine_id                           'X-RAY DIFFRACTION' 
_refine.pdbx_diffrn_id                           1 
_refine.pdbx_TLS_residual_ADP_flag               ? 
_refine.pdbx_solvent_vdw_probe_radii             ? 
_refine.pdbx_solvent_ion_probe_radii             ? 
_refine.pdbx_solvent_shrinkage_radii             ? 
_refine.pdbx_overall_phase_error                 ? 
_refine.pdbx_overall_SU_R_free_Cruickshank_DPI   ? 
_refine.pdbx_overall_SU_R_Blow_DPI               ? 
_refine.pdbx_overall_SU_R_free_Blow_DPI          ? 
# 
_refine_hist.pdbx_refine_id                   'X-RAY DIFFRACTION' 
_refine_hist.cycle_id                         LAST 
_refine_hist.pdbx_number_atoms_protein        1262 
_refine_hist.pdbx_number_atoms_nucleic_acid   0 
_refine_hist.pdbx_number_atoms_ligand         16 
_refine_hist.number_atoms_solvent             171 
_refine_hist.number_atoms_total               1449 
_refine_hist.d_res_high                       1.75 
_refine_hist.d_res_low                        14.0 
# 
loop_
_refine_ls_restr.type 
_refine_ls_restr.dev_ideal 
_refine_ls_restr.dev_ideal_target 
_refine_ls_restr.weight 
_refine_ls_restr.number 
_refine_ls_restr.pdbx_refine_id 
_refine_ls_restr.pdbx_restraint_function 
p_bond_d  0.021 ? ? ? 'X-RAY DIFFRACTION' ? 
p_angle_d 1.945 ? ? ? 'X-RAY DIFFRACTION' ? 
# 
_struct.entry_id                  1JV4 
_struct.title                     'Crystal structure of recombinant major mouse urinary protein (rmup) at 1.75 A resolution' 
_struct.pdbx_model_details        ? 
_struct.pdbx_CASP_flag            ? 
_struct.pdbx_model_type_details   ? 
# 
_struct_keywords.entry_id        1JV4 
_struct_keywords.pdbx_keywords   'TRANSPORT PROTEIN' 
_struct_keywords.text            'lipocalin recombinant beta barrel, TRANSPORT PROTEIN' 
# 
loop_
_struct_asym.id 
_struct_asym.pdbx_blank_PDB_chainid_flag 
_struct_asym.pdbx_modified 
_struct_asym.entity_id 
_struct_asym.details 
A N N 1 ? 
B N N 2 ? 
C N N 2 ? 
D N N 2 ? 
E N N 2 ? 
F N N 2 ? 
G N N 2 ? 
H N N 2 ? 
I N N 3 ? 
J N N 4 ? 
# 
_struct_ref.id                         1 
_struct_ref.db_name                    UNP 
_struct_ref.db_code                    MUP2_MOUSE 
_struct_ref.entity_id                  1 
_struct_ref.pdbx_seq_one_letter_code   
;EEASSTGRNFNVEKINGEWHTIILASDKREKIEDNGNFRLFLEQIHVLEKSLVLKFHTVRDEECSELSMVADKTEKAGEY
SVTYDGFNTFTIPKTDYDNFLMAHLINEKDGETFQLMGLYGREPDLSSDIKERFAKLCEEHGILRENIIDLSNANRCLQA
RE
;
_struct_ref.pdbx_align_begin           19 
_struct_ref.pdbx_db_accession          P11589 
_struct_ref.pdbx_db_isoform            ? 
# 
_struct_ref_seq.align_id                      1 
_struct_ref_seq.ref_id                        1 
_struct_ref_seq.pdbx_PDB_id_code              1JV4 
_struct_ref_seq.pdbx_strand_id                A 
_struct_ref_seq.seq_align_beg                 1 
_struct_ref_seq.pdbx_seq_align_beg_ins_code   ? 
_struct_ref_seq.seq_align_end                 162 
_struct_ref_seq.pdbx_seq_align_end_ins_code   ? 
_struct_ref_seq.pdbx_db_accession             P11589 
_struct_ref_seq.db_align_beg                  19 
_struct_ref_seq.pdbx_db_align_beg_ins_code    ? 
_struct_ref_seq.db_align_end                  180 
_struct_ref_seq.pdbx_db_align_end_ins_code    ? 
_struct_ref_seq.pdbx_auth_seq_align_beg       1 
_struct_ref_seq.pdbx_auth_seq_align_end       162 
# 
_struct_ref_seq_dif.align_id                     1 
_struct_ref_seq_dif.pdbx_pdb_id_code             1JV4 
_struct_ref_seq_dif.mon_id                       GLN 
_struct_ref_seq_dif.pdbx_pdb_strand_id           A 
_struct_ref_seq_dif.seq_num                      136 
_struct_ref_seq_dif.pdbx_pdb_ins_code            ? 
_struct_ref_seq_dif.pdbx_seq_db_name             UNP 
_struct_ref_seq_dif.pdbx_seq_db_accession_code   P11589 
_struct_ref_seq_dif.db_mon_id                    LYS 
_struct_ref_seq_dif.pdbx_seq_db_seq_num          154 
_struct_ref_seq_dif.details                      'SEE REMARK 999' 
_struct_ref_seq_dif.pdbx_auth_seq_num            136 
_struct_ref_seq_dif.pdbx_ordinal                 1 
# 
_pdbx_struct_assembly.id                   1 
_pdbx_struct_assembly.details              author_defined_assembly 
_pdbx_struct_assembly.method_details       ? 
_pdbx_struct_assembly.oligomeric_details   monomeric 
_pdbx_struct_assembly.oligomeric_count     1 
# 
_pdbx_struct_assembly_gen.assembly_id       1 
_pdbx_struct_assembly_gen.oper_expression   1 
_pdbx_struct_assembly_gen.asym_id_list      A,B,C,D,E,F,G,H,I,J 
# 
_pdbx_struct_oper_list.id                   1 
_pdbx_struct_oper_list.type                 'identity operation' 
_pdbx_struct_oper_list.name                 1_555 
_pdbx_struct_oper_list.symmetry_operation   x,y,z 
_pdbx_struct_oper_list.matrix[1][1]         1.0000000000 
_pdbx_struct_oper_list.matrix[1][2]         0.0000000000 
_pdbx_struct_oper_list.matrix[1][3]         0.0000000000 
_pdbx_struct_oper_list.vector[1]            0.0000000000 
_pdbx_struct_oper_list.matrix[2][1]         0.0000000000 
_pdbx_struct_oper_list.matrix[2][2]         1.0000000000 
_pdbx_struct_oper_list.matrix[2][3]         0.0000000000 
_pdbx_struct_oper_list.vector[2]            0.0000000000 
_pdbx_struct_oper_list.matrix[3][1]         0.0000000000 
_pdbx_struct_oper_list.matrix[3][2]         0.0000000000 
_pdbx_struct_oper_list.matrix[3][3]         1.0000000000 
_pdbx_struct_oper_list.vector[3]            0.0000000000 
# 
_struct_biol.id                    1 
_struct_biol.pdbx_parent_biol_id   ? 
_struct_biol.details               ? 
# 
loop_
_struct_conf.conf_type_id 
_struct_conf.id 
_struct_conf.pdbx_PDB_helix_id 
_struct_conf.beg_label_comp_id 
_struct_conf.beg_label_asym_id 
_struct_conf.beg_label_seq_id 
_struct_conf.pdbx_beg_PDB_ins_code 
_struct_conf.end_label_comp_id 
_struct_conf.end_label_asym_id 
_struct_conf.end_label_seq_id 
_struct_conf.pdbx_end_PDB_ins_code 
_struct_conf.beg_auth_comp_id 
_struct_conf.beg_auth_asym_id 
_struct_conf.beg_auth_seq_id 
_struct_conf.end_auth_comp_id 
_struct_conf.end_auth_asym_id 
_struct_conf.end_auth_seq_id 
_struct_conf.pdbx_PDB_helix_class 
_struct_conf.details 
_struct_conf.pdbx_PDB_helix_length 
HELX_P HELX_P1 1 ASN A 11  ? ASN A 16  ? ASN A 11  ASN A 16  5 ? 6  
HELX_P HELX_P2 2 LYS A 28  ? ILE A 32  ? LYS A 28  ILE A 32  5 ? 5  
HELX_P HELX_P3 3 SER A 127 ? HIS A 141 ? SER A 127 HIS A 141 1 ? 15 
HELX_P HELX_P4 4 LEU A 144 ? GLU A 146 ? LEU A 144 GLU A 146 5 ? 3  
# 
_struct_conf_type.id          HELX_P 
_struct_conf_type.criteria    ? 
_struct_conf_type.reference   ? 
# 
loop_
_struct_conn.id 
_struct_conn.conn_type_id 
_struct_conn.pdbx_leaving_atom_flag 
_struct_conn.pdbx_PDB_id 
_struct_conn.ptnr1_label_asym_id 
_struct_conn.ptnr1_label_comp_id 
_struct_conn.ptnr1_label_seq_id 
_struct_conn.ptnr1_label_atom_id 
_struct_conn.pdbx_ptnr1_label_alt_id 
_struct_conn.pdbx_ptnr1_PDB_ins_code 
_struct_conn.pdbx_ptnr1_standard_comp_id 
_struct_conn.ptnr1_symmetry 
_struct_conn.ptnr2_label_asym_id 
_struct_conn.ptnr2_label_comp_id 
_struct_conn.ptnr2_label_seq_id 
_struct_conn.ptnr2_label_atom_id 
_struct_conn.pdbx_ptnr2_label_alt_id 
_struct_conn.pdbx_ptnr2_PDB_ins_code 
_struct_conn.ptnr1_auth_asym_id 
_struct_conn.ptnr1_auth_comp_id 
_struct_conn.ptnr1_auth_seq_id 
_struct_conn.ptnr2_auth_asym_id 
_struct_conn.ptnr2_auth_comp_id 
_struct_conn.ptnr2_auth_seq_id 
_struct_conn.ptnr2_symmetry 
_struct_conn.pdbx_ptnr3_label_atom_id 
_struct_conn.pdbx_ptnr3_label_seq_id 
_struct_conn.pdbx_ptnr3_label_comp_id 
_struct_conn.pdbx_ptnr3_label_asym_id 
_struct_conn.pdbx_ptnr3_label_alt_id 
_struct_conn.pdbx_ptnr3_PDB_ins_code 
_struct_conn.details 
_struct_conn.pdbx_dist_value 
_struct_conn.pdbx_value_order 
_struct_conn.pdbx_role 
disulf1  disulf ? ? A CYS 64  SG  ? ? ? 1_555 A CYS 157 SG ? ? A CYS 64  A CYS 157 1_555 ? ? ? ? ? ? ? 2.035 ? ? 
metalc1  metalc ? ? A GLU 18  OE2 ? ? ? 1_554 B CD  .   CD ? ? A GLU 18  A CD  163 1_555 ? ? ? ? ? ? ? 2.373 ? ? 
metalc2  metalc ? ? A GLU 18  OE1 ? ? ? 1_555 E CD  .   CD ? ? A GLU 18  A CD  166 1_555 ? ? ? ? ? ? ? 2.428 ? ? 
metalc3  metalc ? ? A GLU 18  OE2 ? ? ? 1_555 E CD  .   CD ? ? A GLU 18  A CD  166 1_555 ? ? ? ? ? ? ? 2.409 ? ? 
metalc4  metalc ? ? A HIS 20  NE2 ? ? ? 1_554 B CD  .   CD ? ? A HIS 20  A CD  163 1_555 ? ? ? ? ? ? ? 2.872 ? ? 
metalc5  metalc ? ? A GLU 43  OE1 ? ? ? 1_555 G CD  .   CD ? ? A GLU 43  A CD  168 1_555 ? ? ? ? ? ? ? 2.219 ? ? 
metalc6  metalc ? ? A GLU 43  OE2 ? ? ? 1_555 G CD  .   CD ? ? A GLU 43  A CD  168 1_555 ? ? ? ? ? ? ? 3.142 ? ? 
metalc7  metalc ? ? A GLU 63  OE2 ? ? ? 1_555 F CD  .   CD ? ? A GLU 63  A CD  167 1_555 ? ? ? ? ? ? ? 2.218 ? ? 
metalc8  metalc ? ? A GLU 63  OE1 ? ? ? 1_555 F CD  .   CD ? ? A GLU 63  A CD  167 1_555 ? ? ? ? ? ? ? 2.630 ? ? 
metalc9  metalc ? ? A ASP 72  OD1 ? ? ? 1_555 H CD  .   CD ? ? A ASP 72  A CD  169 1_555 ? ? ? ? ? ? ? 2.436 ? ? 
metalc10 metalc ? ? A ASP 72  OD2 ? ? ? 1_555 H CD  .   CD ? ? A ASP 72  A CD  169 1_555 ? ? ? ? ? ? ? 2.257 ? ? 
metalc11 metalc ? ? A GLU 75  OE2 ? ? ? 1_555 B CD  .   CD ? ? A GLU 75  A CD  163 1_555 ? ? ? ? ? ? ? 2.391 ? ? 
metalc12 metalc ? ? A GLU 75  OE1 ? ? ? 1_555 B CD  .   CD ? ? A GLU 75  A CD  163 1_555 ? ? ? ? ? ? ? 2.956 ? ? 
metalc13 metalc ? ? A GLU 75  OE2 ? ? ? 1_556 E CD  .   CD ? ? A GLU 75  A CD  166 1_555 ? ? ? ? ? ? ? 2.515 ? ? 
metalc14 metalc ? ? A HIS 104 NE2 ? ? ? 1_555 C CD  .   CD ? ? A HIS 104 A CD  164 1_555 ? ? ? ? ? ? ? 2.316 ? ? 
metalc15 metalc ? ? A HIS 141 ND1 ? ? ? 1_555 C CD  .   CD ? ? A HIS 141 A CD  164 1_555 ? ? ? ? ? ? ? 2.294 ? ? 
metalc16 metalc ? ? B CD  .   CD  ? ? ? 1_555 J HOH .   O  ? ? A CD  163 A HOH 186 1_554 ? ? ? ? ? ? ? 2.649 ? ? 
metalc17 metalc ? ? B CD  .   CD  ? ? ? 1_555 J HOH .   O  ? ? A CD  163 A HOH 199 1_554 ? ? ? ? ? ? ? 2.459 ? ? 
metalc18 metalc ? ? B CD  .   CD  ? ? ? 1_555 J HOH .   O  ? ? A CD  163 A HOH 304 1_554 ? ? ? ? ? ? ? 2.237 ? ? 
metalc19 metalc ? ? C CD  .   CD  ? ? ? 1_555 J HOH .   O  ? ? A CD  164 A HOH 203 1_555 ? ? ? ? ? ? ? 2.804 ? ? 
metalc20 metalc ? ? C CD  .   CD  ? ? ? 1_555 J HOH .   O  ? ? A CD  164 A HOH 219 1_555 ? ? ? ? ? ? ? 2.313 ? ? 
metalc21 metalc ? ? D CD  .   CD  ? ? ? 1_555 J HOH .   O  ? ? A CD  165 A HOH 234 1_555 ? ? ? ? ? ? ? 3.066 ? ? 
metalc22 metalc ? ? F CD  .   CD  ? ? ? 1_555 J HOH .   O  ? ? A CD  167 A HOH 274 1_455 ? ? ? ? ? ? ? 2.243 ? ? 
metalc23 metalc ? ? G CD  .   CD  ? ? ? 1_555 J HOH .   O  ? ? A CD  168 A HOH 230 1_555 ? ? ? ? ? ? ? 2.694 ? ? 
metalc24 metalc ? ? H CD  .   CD  ? ? ? 1_555 J HOH .   O  ? ? A CD  169 A HOH 295 1_555 ? ? ? ? ? ? ? 3.099 ? ? 
metalc25 metalc ? ? H CD  .   CD  ? ? ? 1_555 J HOH .   O  ? ? A CD  169 A HOH 318 1_555 ? ? ? ? ? ? ? 2.351 ? ? 
# 
loop_
_struct_conn_type.id 
_struct_conn_type.criteria 
_struct_conn_type.reference 
disulf ? ? 
metalc ? ? 
# 
loop_
_pdbx_struct_conn_angle.id 
_pdbx_struct_conn_angle.ptnr1_label_atom_id 
_pdbx_struct_conn_angle.ptnr1_label_alt_id 
_pdbx_struct_conn_angle.ptnr1_label_asym_id 
_pdbx_struct_conn_angle.ptnr1_label_comp_id 
_pdbx_struct_conn_angle.ptnr1_label_seq_id 
_pdbx_struct_conn_angle.ptnr1_auth_atom_id 
_pdbx_struct_conn_angle.ptnr1_auth_asym_id 
_pdbx_struct_conn_angle.ptnr1_auth_comp_id 
_pdbx_struct_conn_angle.ptnr1_auth_seq_id 
_pdbx_struct_conn_angle.ptnr1_PDB_ins_code 
_pdbx_struct_conn_angle.ptnr1_symmetry 
_pdbx_struct_conn_angle.ptnr2_label_atom_id 
_pdbx_struct_conn_angle.ptnr2_label_alt_id 
_pdbx_struct_conn_angle.ptnr2_label_asym_id 
_pdbx_struct_conn_angle.ptnr2_label_comp_id 
_pdbx_struct_conn_angle.ptnr2_label_seq_id 
_pdbx_struct_conn_angle.ptnr2_auth_atom_id 
_pdbx_struct_conn_angle.ptnr2_auth_asym_id 
_pdbx_struct_conn_angle.ptnr2_auth_comp_id 
_pdbx_struct_conn_angle.ptnr2_auth_seq_id 
_pdbx_struct_conn_angle.ptnr2_PDB_ins_code 
_pdbx_struct_conn_angle.ptnr2_symmetry 
_pdbx_struct_conn_angle.ptnr3_label_atom_id 
_pdbx_struct_conn_angle.ptnr3_label_alt_id 
_pdbx_struct_conn_angle.ptnr3_label_asym_id 
_pdbx_struct_conn_angle.ptnr3_label_comp_id 
_pdbx_struct_conn_angle.ptnr3_label_seq_id 
_pdbx_struct_conn_angle.ptnr3_auth_atom_id 
_pdbx_struct_conn_angle.ptnr3_auth_asym_id 
_pdbx_struct_conn_angle.ptnr3_auth_comp_id 
_pdbx_struct_conn_angle.ptnr3_auth_seq_id 
_pdbx_struct_conn_angle.ptnr3_PDB_ins_code 
_pdbx_struct_conn_angle.ptnr3_symmetry 
_pdbx_struct_conn_angle.value 
_pdbx_struct_conn_angle.value_esd 
1  OE2 ? A GLU 18  ? A GLU 18  ? 1_554 CD ? B CD . ? A CD 163 ? 1_555 NE2 ? A HIS 20  ? A HIS 20  ? 1_554 63.2  ? 
2  OE2 ? A GLU 18  ? A GLU 18  ? 1_554 CD ? B CD . ? A CD 163 ? 1_555 OE2 ? A GLU 75  ? A GLU 75  ? 1_555 66.4  ? 
3  NE2 ? A HIS 20  ? A HIS 20  ? 1_554 CD ? B CD . ? A CD 163 ? 1_555 OE2 ? A GLU 75  ? A GLU 75  ? 1_555 93.2  ? 
4  OE2 ? A GLU 18  ? A GLU 18  ? 1_554 CD ? B CD . ? A CD 163 ? 1_555 OE1 ? A GLU 75  ? A GLU 75  ? 1_555 111.6 ? 
5  NE2 ? A HIS 20  ? A HIS 20  ? 1_554 CD ? B CD . ? A CD 163 ? 1_555 OE1 ? A GLU 75  ? A GLU 75  ? 1_555 102.0 ? 
6  OE2 ? A GLU 75  ? A GLU 75  ? 1_555 CD ? B CD . ? A CD 163 ? 1_555 OE1 ? A GLU 75  ? A GLU 75  ? 1_555 47.1  ? 
7  OE2 ? A GLU 18  ? A GLU 18  ? 1_554 CD ? B CD . ? A CD 163 ? 1_555 O   ? J HOH .   ? A HOH 186 ? 1_554 91.5  ? 
8  NE2 ? A HIS 20  ? A HIS 20  ? 1_554 CD ? B CD . ? A CD 163 ? 1_555 O   ? J HOH .   ? A HOH 186 ? 1_554 85.4  ? 
9  OE2 ? A GLU 75  ? A GLU 75  ? 1_555 CD ? B CD . ? A CD 163 ? 1_555 O   ? J HOH .   ? A HOH 186 ? 1_554 155.5 ? 
10 OE1 ? A GLU 75  ? A GLU 75  ? 1_555 CD ? B CD . ? A CD 163 ? 1_555 O   ? J HOH .   ? A HOH 186 ? 1_554 156.7 ? 
11 OE2 ? A GLU 18  ? A GLU 18  ? 1_554 CD ? B CD . ? A CD 163 ? 1_555 O   ? J HOH .   ? A HOH 199 ? 1_554 159.3 ? 
12 NE2 ? A HIS 20  ? A HIS 20  ? 1_554 CD ? B CD . ? A CD 163 ? 1_555 O   ? J HOH .   ? A HOH 199 ? 1_554 115.1 ? 
13 OE2 ? A GLU 75  ? A GLU 75  ? 1_555 CD ? B CD . ? A CD 163 ? 1_555 O   ? J HOH .   ? A HOH 199 ? 1_554 133.2 ? 
14 OE1 ? A GLU 75  ? A GLU 75  ? 1_555 CD ? B CD . ? A CD 163 ? 1_555 O   ? J HOH .   ? A HOH 199 ? 1_554 89.1  ? 
15 O   ? J HOH .   ? A HOH 186 ? 1_554 CD ? B CD . ? A CD 163 ? 1_555 O   ? J HOH .   ? A HOH 199 ? 1_554 67.9  ? 
16 OE2 ? A GLU 18  ? A GLU 18  ? 1_554 CD ? B CD . ? A CD 163 ? 1_555 O   ? J HOH .   ? A HOH 304 ? 1_554 93.4  ? 
17 NE2 ? A HIS 20  ? A HIS 20  ? 1_554 CD ? B CD . ? A CD 163 ? 1_555 O   ? J HOH .   ? A HOH 304 ? 1_554 156.2 ? 
18 OE2 ? A GLU 75  ? A GLU 75  ? 1_555 CD ? B CD . ? A CD 163 ? 1_555 O   ? J HOH .   ? A HOH 304 ? 1_554 72.0  ? 
19 OE1 ? A GLU 75  ? A GLU 75  ? 1_555 CD ? B CD . ? A CD 163 ? 1_555 O   ? J HOH .   ? A HOH 304 ? 1_554 81.8  ? 
20 O   ? J HOH .   ? A HOH 186 ? 1_554 CD ? B CD . ? A CD 163 ? 1_555 O   ? J HOH .   ? A HOH 304 ? 1_554 100.3 ? 
21 O   ? J HOH .   ? A HOH 199 ? 1_554 CD ? B CD . ? A CD 163 ? 1_555 O   ? J HOH .   ? A HOH 304 ? 1_554 88.2  ? 
22 OE1 ? A GLU 18  ? A GLU 18  ? 1_555 CD ? E CD . ? A CD 166 ? 1_555 OE2 ? A GLU 18  ? A GLU 18  ? 1_555 53.8  ? 
23 OE1 ? A GLU 18  ? A GLU 18  ? 1_555 CD ? E CD . ? A CD 166 ? 1_555 OE2 ? A GLU 75  ? A GLU 75  ? 1_556 116.8 ? 
24 OE2 ? A GLU 18  ? A GLU 18  ? 1_555 CD ? E CD . ? A CD 166 ? 1_555 OE2 ? A GLU 75  ? A GLU 75  ? 1_556 64.0  ? 
25 OE1 ? A GLU 43  ? A GLU 43  ? 1_555 CD ? G CD . ? A CD 168 ? 1_555 OE2 ? A GLU 43  ? A GLU 43  ? 1_555 44.6  ? 
26 OE1 ? A GLU 43  ? A GLU 43  ? 1_555 CD ? G CD . ? A CD 168 ? 1_555 O   ? J HOH .   ? A HOH 230 ? 1_555 90.0  ? 
27 OE2 ? A GLU 43  ? A GLU 43  ? 1_555 CD ? G CD . ? A CD 168 ? 1_555 O   ? J HOH .   ? A HOH 230 ? 1_555 45.7  ? 
28 OE2 ? A GLU 63  ? A GLU 63  ? 1_555 CD ? F CD . ? A CD 167 ? 1_555 OE1 ? A GLU 63  ? A GLU 63  ? 1_555 52.7  ? 
29 OE2 ? A GLU 63  ? A GLU 63  ? 1_555 CD ? F CD . ? A CD 167 ? 1_555 O   ? J HOH .   ? A HOH 274 ? 1_455 91.7  ? 
30 OE1 ? A GLU 63  ? A GLU 63  ? 1_555 CD ? F CD . ? A CD 167 ? 1_555 O   ? J HOH .   ? A HOH 274 ? 1_455 101.8 ? 
31 OD1 ? A ASP 72  ? A ASP 72  ? 1_555 CD ? H CD . ? A CD 169 ? 1_555 OD2 ? A ASP 72  ? A ASP 72  ? 1_555 54.1  ? 
32 OD1 ? A ASP 72  ? A ASP 72  ? 1_555 CD ? H CD . ? A CD 169 ? 1_555 O   ? J HOH .   ? A HOH 295 ? 1_555 67.4  ? 
33 OD2 ? A ASP 72  ? A ASP 72  ? 1_555 CD ? H CD . ? A CD 169 ? 1_555 O   ? J HOH .   ? A HOH 295 ? 1_555 88.8  ? 
34 OD1 ? A ASP 72  ? A ASP 72  ? 1_555 CD ? H CD . ? A CD 169 ? 1_555 O   ? J HOH .   ? A HOH 318 ? 1_555 141.3 ? 
35 OD2 ? A ASP 72  ? A ASP 72  ? 1_555 CD ? H CD . ? A CD 169 ? 1_555 O   ? J HOH .   ? A HOH 318 ? 1_555 90.6  ? 
36 O   ? J HOH .   ? A HOH 295 ? 1_555 CD ? H CD . ? A CD 169 ? 1_555 O   ? J HOH .   ? A HOH 318 ? 1_555 100.2 ? 
37 NE2 ? A HIS 104 ? A HIS 104 ? 1_555 CD ? C CD . ? A CD 164 ? 1_555 ND1 ? A HIS 141 ? A HIS 141 ? 1_555 94.3  ? 
38 NE2 ? A HIS 104 ? A HIS 104 ? 1_555 CD ? C CD . ? A CD 164 ? 1_555 O   ? J HOH .   ? A HOH 203 ? 1_555 93.0  ? 
39 ND1 ? A HIS 141 ? A HIS 141 ? 1_555 CD ? C CD . ? A CD 164 ? 1_555 O   ? J HOH .   ? A HOH 203 ? 1_555 85.7  ? 
40 NE2 ? A HIS 104 ? A HIS 104 ? 1_555 CD ? C CD . ? A CD 164 ? 1_555 O   ? J HOH .   ? A HOH 219 ? 1_555 173.5 ? 
41 ND1 ? A HIS 141 ? A HIS 141 ? 1_555 CD ? C CD . ? A CD 164 ? 1_555 O   ? J HOH .   ? A HOH 219 ? 1_555 91.7  ? 
42 O   ? J HOH .   ? A HOH 203 ? 1_555 CD ? C CD . ? A CD 164 ? 1_555 O   ? J HOH .   ? A HOH 219 ? 1_555 84.8  ? 
# 
_pdbx_modification_feature.ordinal                            1 
_pdbx_modification_feature.label_comp_id                      CYS 
_pdbx_modification_feature.label_asym_id                      A 
_pdbx_modification_feature.label_seq_id                       64 
_pdbx_modification_feature.label_alt_id                       ? 
_pdbx_modification_feature.modified_residue_label_comp_id     CYS 
_pdbx_modification_feature.modified_residue_label_asym_id     A 
_pdbx_modification_feature.modified_residue_label_seq_id      157 
_pdbx_modification_feature.modified_residue_label_alt_id      ? 
_pdbx_modification_feature.auth_comp_id                       CYS 
_pdbx_modification_feature.auth_asym_id                       A 
_pdbx_modification_feature.auth_seq_id                        64 
_pdbx_modification_feature.PDB_ins_code                       ? 
_pdbx_modification_feature.symmetry                           1_555 
_pdbx_modification_feature.modified_residue_auth_comp_id      CYS 
_pdbx_modification_feature.modified_residue_auth_asym_id      A 
_pdbx_modification_feature.modified_residue_auth_seq_id       157 
_pdbx_modification_feature.modified_residue_PDB_ins_code      ? 
_pdbx_modification_feature.modified_residue_symmetry          1_555 
_pdbx_modification_feature.comp_id_linking_atom               SG 
_pdbx_modification_feature.modified_residue_id_linking_atom   SG 
_pdbx_modification_feature.modified_residue_id                . 
_pdbx_modification_feature.ref_pcm_id                         . 
_pdbx_modification_feature.ref_comp_id                        . 
_pdbx_modification_feature.type                               None 
_pdbx_modification_feature.category                           'Disulfide bridge' 
# 
_struct_sheet.id               A 
_struct_sheet.type             ? 
_struct_sheet.number_strands   10 
_struct_sheet.details          ? 
# 
loop_
_struct_sheet_order.sheet_id 
_struct_sheet_order.range_id_1 
_struct_sheet_order.range_id_2 
_struct_sheet_order.offset 
_struct_sheet_order.sense 
A 1 2  ? anti-parallel 
A 2 3  ? anti-parallel 
A 3 4  ? anti-parallel 
A 4 5  ? anti-parallel 
A 5 6  ? anti-parallel 
A 6 7  ? anti-parallel 
A 7 8  ? anti-parallel 
A 8 9  ? anti-parallel 
A 9 10 ? anti-parallel 
# 
loop_
_struct_sheet_range.sheet_id 
_struct_sheet_range.id 
_struct_sheet_range.beg_label_comp_id 
_struct_sheet_range.beg_label_asym_id 
_struct_sheet_range.beg_label_seq_id 
_struct_sheet_range.pdbx_beg_PDB_ins_code 
_struct_sheet_range.end_label_comp_id 
_struct_sheet_range.end_label_asym_id 
_struct_sheet_range.end_label_seq_id 
_struct_sheet_range.pdbx_end_PDB_ins_code 
_struct_sheet_range.beg_auth_comp_id 
_struct_sheet_range.beg_auth_asym_id 
_struct_sheet_range.beg_auth_seq_id 
_struct_sheet_range.end_auth_comp_id 
_struct_sheet_range.end_auth_asym_id 
_struct_sheet_range.end_auth_seq_id 
A 1  GLY A 17  ? GLU A 18  ? GLY A 17  GLU A 18  
A 2  LEU A 40  ? VAL A 47  ? LEU A 40  VAL A 47  
A 3  SER A 51  ? ARG A 60  ? SER A 51  ARG A 60  
A 4  GLU A 63  ? LYS A 73  ? GLU A 63  LYS A 73  
A 5  TYR A 80  ? THR A 83  ? TYR A 80  THR A 83  
A 6  PHE A 87  ? THR A 95  ? PHE A 87  THR A 95  
A 7  PHE A 100 ? LYS A 109 ? PHE A 100 LYS A 109 
A 8  GLU A 112 ? GLY A 121 ? GLU A 112 GLY A 121 
A 9  HIS A 20  ? SER A 26  ? HIS A 20  SER A 26  
A 10 ILE A 148 ? ASP A 150 ? ILE A 148 ASP A 150 
# 
loop_
_pdbx_struct_sheet_hbond.sheet_id 
_pdbx_struct_sheet_hbond.range_id_1 
_pdbx_struct_sheet_hbond.range_id_2 
_pdbx_struct_sheet_hbond.range_1_label_atom_id 
_pdbx_struct_sheet_hbond.range_1_label_comp_id 
_pdbx_struct_sheet_hbond.range_1_label_asym_id 
_pdbx_struct_sheet_hbond.range_1_label_seq_id 
_pdbx_struct_sheet_hbond.range_1_PDB_ins_code 
_pdbx_struct_sheet_hbond.range_1_auth_atom_id 
_pdbx_struct_sheet_hbond.range_1_auth_comp_id 
_pdbx_struct_sheet_hbond.range_1_auth_asym_id 
_pdbx_struct_sheet_hbond.range_1_auth_seq_id 
_pdbx_struct_sheet_hbond.range_2_label_atom_id 
_pdbx_struct_sheet_hbond.range_2_label_comp_id 
_pdbx_struct_sheet_hbond.range_2_label_asym_id 
_pdbx_struct_sheet_hbond.range_2_label_seq_id 
_pdbx_struct_sheet_hbond.range_2_PDB_ins_code 
_pdbx_struct_sheet_hbond.range_2_auth_atom_id 
_pdbx_struct_sheet_hbond.range_2_auth_comp_id 
_pdbx_struct_sheet_hbond.range_2_auth_asym_id 
_pdbx_struct_sheet_hbond.range_2_auth_seq_id 
A 1 2  N GLY A 17  ? N GLY A 17  O ILE A 45  ? O ILE A 45  
A 2 3  N HIS A 46  ? N HIS A 46  O VAL A 53  ? O VAL A 53  
A 3 4  N LEU A 54  ? N LEU A 54  O MET A 69  ? O MET A 69  
A 4 5  N ASP A 72  ? N ASP A 72  O SER A 81  ? O SER A 81  
A 5 6  N TYR A 80  ? N TYR A 80  O PHE A 90  ? O PHE A 90  
A 6 7  N LYS A 94  ? N LYS A 94  O MET A 102 ? O MET A 102 
A 7 8  N LEU A 105 ? N LEU A 105 O LEU A 116 ? O LEU A 116 
A 8 9  O LEU A 119 ? O LEU A 119 N ILE A 23  ? N ILE A 23  
A 9 10 N LEU A 24  ? N LEU A 24  O ILE A 149 ? O ILE A 149 
# 
loop_
_struct_site.id 
_struct_site.pdbx_evidence_code 
_struct_site.pdbx_auth_asym_id 
_struct_site.pdbx_auth_comp_id 
_struct_site.pdbx_auth_seq_id 
_struct_site.pdbx_auth_ins_code 
_struct_site.pdbx_num_residues 
_struct_site.details 
AC1 Software A CD  163 ? 6 'BINDING SITE FOR RESIDUE CD A 163'  
AC2 Software A CD  164 ? 5 'BINDING SITE FOR RESIDUE CD A 164'  
AC3 Software A CD  165 ? 2 'BINDING SITE FOR RESIDUE CD A 165'  
AC4 Software A CD  166 ? 2 'BINDING SITE FOR RESIDUE CD A 166'  
AC5 Software A CD  167 ? 2 'BINDING SITE FOR RESIDUE CD A 167'  
AC6 Software A CD  168 ? 2 'BINDING SITE FOR RESIDUE CD A 168'  
AC7 Software A CD  169 ? 3 'BINDING SITE FOR RESIDUE CD A 169'  
AC8 Software A TZL 170 ? 2 'BINDING SITE FOR RESIDUE TZL A 170' 
# 
loop_
_struct_site_gen.id 
_struct_site_gen.site_id 
_struct_site_gen.pdbx_num_res 
_struct_site_gen.label_comp_id 
_struct_site_gen.label_asym_id 
_struct_site_gen.label_seq_id 
_struct_site_gen.pdbx_auth_ins_code 
_struct_site_gen.auth_comp_id 
_struct_site_gen.auth_asym_id 
_struct_site_gen.auth_seq_id 
_struct_site_gen.label_atom_id 
_struct_site_gen.label_alt_id 
_struct_site_gen.symmetry 
_struct_site_gen.details 
1  AC1 6 GLU A 18  ? GLU A 18  . ? 1_554 ? 
2  AC1 6 HIS A 20  ? HIS A 20  . ? 1_554 ? 
3  AC1 6 GLU A 75  ? GLU A 75  . ? 1_555 ? 
4  AC1 6 HOH J .   ? HOH A 186 . ? 1_554 ? 
5  AC1 6 HOH J .   ? HOH A 199 . ? 1_554 ? 
6  AC1 6 HOH J .   ? HOH A 304 . ? 1_554 ? 
7  AC2 5 HIS A 104 ? HIS A 104 . ? 1_555 ? 
8  AC2 5 GLN A 115 ? GLN A 115 . ? 1_555 ? 
9  AC2 5 HIS A 141 ? HIS A 141 . ? 1_555 ? 
10 AC2 5 HOH J .   ? HOH A 203 . ? 1_555 ? 
11 AC2 5 HOH J .   ? HOH A 219 . ? 1_555 ? 
12 AC3 2 HIS A 46  ? HIS A 46  . ? 1_555 ? 
13 AC3 2 HOH J .   ? HOH A 234 . ? 1_555 ? 
14 AC4 2 GLU A 18  ? GLU A 18  . ? 1_555 ? 
15 AC4 2 GLU A 75  ? GLU A 75  . ? 1_556 ? 
16 AC5 2 GLU A 63  ? GLU A 63  . ? 1_555 ? 
17 AC5 2 HOH J .   ? HOH A 274 . ? 1_455 ? 
18 AC6 2 GLU A 43  ? GLU A 43  . ? 1_555 ? 
19 AC6 2 HOH J .   ? HOH A 230 . ? 1_555 ? 
20 AC7 3 ASP A 72  ? ASP A 72  . ? 1_555 ? 
21 AC7 3 HOH J .   ? HOH A 295 . ? 1_555 ? 
22 AC7 3 HOH J .   ? HOH A 318 . ? 1_555 ? 
23 AC8 2 PHE A 90  ? PHE A 90  . ? 1_555 ? 
24 AC8 2 TYR A 120 ? TYR A 120 . ? 1_555 ? 
# 
_pdbx_entry_details.entry_id                   1JV4 
_pdbx_entry_details.compound_details           ? 
_pdbx_entry_details.source_details             ? 
_pdbx_entry_details.nonpolymer_details         ? 
_pdbx_entry_details.sequence_details           
;RESIDUE 136 IS GLN IN RMUP.  THERE IS NO MUTATION WITH RESPECT TO ALL MUP
ISOFORMS DEPOSITED IN SWS.  THE RECOMBINANT PROTEIN IS JUST A NEW MUP. IT
IS DEPOSITED IN THE EMBLNEW, ACCESSION CODE MMU309921.
;
_pdbx_entry_details.has_ligand_of_interest     ? 
_pdbx_entry_details.has_protein_modification   Y 
# 
loop_
_pdbx_validate_close_contact.id 
_pdbx_validate_close_contact.PDB_model_num 
_pdbx_validate_close_contact.auth_atom_id_1 
_pdbx_validate_close_contact.auth_asym_id_1 
_pdbx_validate_close_contact.auth_comp_id_1 
_pdbx_validate_close_contact.auth_seq_id_1 
_pdbx_validate_close_contact.PDB_ins_code_1 
_pdbx_validate_close_contact.label_alt_id_1 
_pdbx_validate_close_contact.auth_atom_id_2 
_pdbx_validate_close_contact.auth_asym_id_2 
_pdbx_validate_close_contact.auth_comp_id_2 
_pdbx_validate_close_contact.auth_seq_id_2 
_pdbx_validate_close_contact.PDB_ins_code_2 
_pdbx_validate_close_contact.label_alt_id_2 
_pdbx_validate_close_contact.dist 
1 1 O A HOH 172 ? ? O A HOH 263 ? ? 1.95 
2 1 O A HOH 244 ? ? O A HOH 266 ? ? 2.01 
# 
loop_
_pdbx_validate_symm_contact.id 
_pdbx_validate_symm_contact.PDB_model_num 
_pdbx_validate_symm_contact.auth_atom_id_1 
_pdbx_validate_symm_contact.auth_asym_id_1 
_pdbx_validate_symm_contact.auth_comp_id_1 
_pdbx_validate_symm_contact.auth_seq_id_1 
_pdbx_validate_symm_contact.PDB_ins_code_1 
_pdbx_validate_symm_contact.label_alt_id_1 
_pdbx_validate_symm_contact.site_symmetry_1 
_pdbx_validate_symm_contact.auth_atom_id_2 
_pdbx_validate_symm_contact.auth_asym_id_2 
_pdbx_validate_symm_contact.auth_comp_id_2 
_pdbx_validate_symm_contact.auth_seq_id_2 
_pdbx_validate_symm_contact.PDB_ins_code_2 
_pdbx_validate_symm_contact.label_alt_id_2 
_pdbx_validate_symm_contact.site_symmetry_2 
_pdbx_validate_symm_contact.dist 
1 1 O   A HOH 172 ? ? 1_555 O  A HOH 206 ? ? 2_646 2.03 
2 1 CE1 A HIS 20  ? ? 1_555 CD A CD  163 ? ? 1_556 2.15 
# 
loop_
_pdbx_validate_rmsd_bond.id 
_pdbx_validate_rmsd_bond.PDB_model_num 
_pdbx_validate_rmsd_bond.auth_atom_id_1 
_pdbx_validate_rmsd_bond.auth_asym_id_1 
_pdbx_validate_rmsd_bond.auth_comp_id_1 
_pdbx_validate_rmsd_bond.auth_seq_id_1 
_pdbx_validate_rmsd_bond.PDB_ins_code_1 
_pdbx_validate_rmsd_bond.label_alt_id_1 
_pdbx_validate_rmsd_bond.auth_atom_id_2 
_pdbx_validate_rmsd_bond.auth_asym_id_2 
_pdbx_validate_rmsd_bond.auth_comp_id_2 
_pdbx_validate_rmsd_bond.auth_seq_id_2 
_pdbx_validate_rmsd_bond.PDB_ins_code_2 
_pdbx_validate_rmsd_bond.label_alt_id_2 
_pdbx_validate_rmsd_bond.bond_value 
_pdbx_validate_rmsd_bond.bond_target_value 
_pdbx_validate_rmsd_bond.bond_deviation 
_pdbx_validate_rmsd_bond.bond_standard_deviation 
_pdbx_validate_rmsd_bond.linker_flag 
1 1 CB A LEU 144 ? ? CG  A LEU 144 ? ? 1.881 1.521 0.360 0.029 N 
2 1 CG A LEU 144 ? ? CD1 A LEU 144 ? ? 2.091 1.514 0.577 0.037 N 
3 1 CG A LEU 144 ? ? CD2 A LEU 144 ? ? 2.066 1.514 0.552 0.037 N 
# 
loop_
_pdbx_validate_rmsd_angle.id 
_pdbx_validate_rmsd_angle.PDB_model_num 
_pdbx_validate_rmsd_angle.auth_atom_id_1 
_pdbx_validate_rmsd_angle.auth_asym_id_1 
_pdbx_validate_rmsd_angle.auth_comp_id_1 
_pdbx_validate_rmsd_angle.auth_seq_id_1 
_pdbx_validate_rmsd_angle.PDB_ins_code_1 
_pdbx_validate_rmsd_angle.label_alt_id_1 
_pdbx_validate_rmsd_angle.auth_atom_id_2 
_pdbx_validate_rmsd_angle.auth_asym_id_2 
_pdbx_validate_rmsd_angle.auth_comp_id_2 
_pdbx_validate_rmsd_angle.auth_seq_id_2 
_pdbx_validate_rmsd_angle.PDB_ins_code_2 
_pdbx_validate_rmsd_angle.label_alt_id_2 
_pdbx_validate_rmsd_angle.auth_atom_id_3 
_pdbx_validate_rmsd_angle.auth_asym_id_3 
_pdbx_validate_rmsd_angle.auth_comp_id_3 
_pdbx_validate_rmsd_angle.auth_seq_id_3 
_pdbx_validate_rmsd_angle.PDB_ins_code_3 
_pdbx_validate_rmsd_angle.label_alt_id_3 
_pdbx_validate_rmsd_angle.angle_value 
_pdbx_validate_rmsd_angle.angle_target_value 
_pdbx_validate_rmsd_angle.angle_deviation 
_pdbx_validate_rmsd_angle.angle_standard_deviation 
_pdbx_validate_rmsd_angle.linker_flag 
1 1 CB A ASP 27  ? ? CG A ASP 27  ? ? OD2 A ASP 27  ? ? 123.74 118.30 5.44  0.90 N 
2 1 CB A ASP 129 ? ? CG A ASP 129 ? ? OD2 A ASP 129 ? ? 123.77 118.30 5.47  0.90 N 
3 1 CB A LEU 144 ? ? CG A LEU 144 ? ? CD1 A LEU 144 ? ? 127.00 111.00 16.00 1.70 N 
4 1 CB A LEU 144 ? ? CG A LEU 144 ? ? CD2 A LEU 144 ? ? 121.70 111.00 10.70 1.70 N 
# 
loop_
_pdbx_validate_torsion.id 
_pdbx_validate_torsion.PDB_model_num 
_pdbx_validate_torsion.auth_comp_id 
_pdbx_validate_torsion.auth_asym_id 
_pdbx_validate_torsion.auth_seq_id 
_pdbx_validate_torsion.PDB_ins_code 
_pdbx_validate_torsion.label_alt_id 
_pdbx_validate_torsion.phi 
_pdbx_validate_torsion.psi 
1 1 GLU A 2   ? ? 66.31   121.70  
2 1 TYR A 84  ? ? -166.12 109.83  
3 1 TYR A 97  ? ? 70.99   -49.97  
4 1 ASN A 99  ? ? -135.48 -55.94  
5 1 ASN A 155 ? ? -80.79  49.88   
6 1 ARG A 156 ? ? -85.43  -118.37 
# 
loop_
_pdbx_unobs_or_zero_occ_residues.id 
_pdbx_unobs_or_zero_occ_residues.PDB_model_num 
_pdbx_unobs_or_zero_occ_residues.polymer_flag 
_pdbx_unobs_or_zero_occ_residues.occupancy_flag 
_pdbx_unobs_or_zero_occ_residues.auth_asym_id 
_pdbx_unobs_or_zero_occ_residues.auth_comp_id 
_pdbx_unobs_or_zero_occ_residues.auth_seq_id 
_pdbx_unobs_or_zero_occ_residues.PDB_ins_code 
_pdbx_unobs_or_zero_occ_residues.label_asym_id 
_pdbx_unobs_or_zero_occ_residues.label_comp_id 
_pdbx_unobs_or_zero_occ_residues.label_seq_id 
1 1 Y 1 A LEU 158 ? A LEU 158 
2 1 Y 1 A GLN 159 ? A GLN 159 
3 1 Y 1 A ALA 160 ? A ALA 160 
4 1 Y 1 A ARG 161 ? A ARG 161 
5 1 Y 1 A GLU 162 ? A GLU 162 
# 
loop_
_chem_comp_atom.comp_id 
_chem_comp_atom.atom_id 
_chem_comp_atom.type_symbol 
_chem_comp_atom.pdbx_aromatic_flag 
_chem_comp_atom.pdbx_stereo_config 
_chem_comp_atom.pdbx_ordinal 
ALA N    N  N N 1   
ALA CA   C  N S 2   
ALA C    C  N N 3   
ALA O    O  N N 4   
ALA CB   C  N N 5   
ALA OXT  O  N N 6   
ALA H    H  N N 7   
ALA H2   H  N N 8   
ALA HA   H  N N 9   
ALA HB1  H  N N 10  
ALA HB2  H  N N 11  
ALA HB3  H  N N 12  
ALA HXT  H  N N 13  
ARG N    N  N N 14  
ARG CA   C  N S 15  
ARG C    C  N N 16  
ARG O    O  N N 17  
ARG CB   C  N N 18  
ARG CG   C  N N 19  
ARG CD   C  N N 20  
ARG NE   N  N N 21  
ARG CZ   C  N N 22  
ARG NH1  N  N N 23  
ARG NH2  N  N N 24  
ARG OXT  O  N N 25  
ARG H    H  N N 26  
ARG H2   H  N N 27  
ARG HA   H  N N 28  
ARG HB2  H  N N 29  
ARG HB3  H  N N 30  
ARG HG2  H  N N 31  
ARG HG3  H  N N 32  
ARG HD2  H  N N 33  
ARG HD3  H  N N 34  
ARG HE   H  N N 35  
ARG HH11 H  N N 36  
ARG HH12 H  N N 37  
ARG HH21 H  N N 38  
ARG HH22 H  N N 39  
ARG HXT  H  N N 40  
ASN N    N  N N 41  
ASN CA   C  N S 42  
ASN C    C  N N 43  
ASN O    O  N N 44  
ASN CB   C  N N 45  
ASN CG   C  N N 46  
ASN OD1  O  N N 47  
ASN ND2  N  N N 48  
ASN OXT  O  N N 49  
ASN H    H  N N 50  
ASN H2   H  N N 51  
ASN HA   H  N N 52  
ASN HB2  H  N N 53  
ASN HB3  H  N N 54  
ASN HD21 H  N N 55  
ASN HD22 H  N N 56  
ASN HXT  H  N N 57  
ASP N    N  N N 58  
ASP CA   C  N S 59  
ASP C    C  N N 60  
ASP O    O  N N 61  
ASP CB   C  N N 62  
ASP CG   C  N N 63  
ASP OD1  O  N N 64  
ASP OD2  O  N N 65  
ASP OXT  O  N N 66  
ASP H    H  N N 67  
ASP H2   H  N N 68  
ASP HA   H  N N 69  
ASP HB2  H  N N 70  
ASP HB3  H  N N 71  
ASP HD2  H  N N 72  
ASP HXT  H  N N 73  
CD  CD   CD N N 74  
CYS N    N  N N 75  
CYS CA   C  N R 76  
CYS C    C  N N 77  
CYS O    O  N N 78  
CYS CB   C  N N 79  
CYS SG   S  N N 80  
CYS OXT  O  N N 81  
CYS H    H  N N 82  
CYS H2   H  N N 83  
CYS HA   H  N N 84  
CYS HB2  H  N N 85  
CYS HB3  H  N N 86  
CYS HG   H  N N 87  
CYS HXT  H  N N 88  
GLN N    N  N N 89  
GLN CA   C  N S 90  
GLN C    C  N N 91  
GLN O    O  N N 92  
GLN CB   C  N N 93  
GLN CG   C  N N 94  
GLN CD   C  N N 95  
GLN OE1  O  N N 96  
GLN NE2  N  N N 97  
GLN OXT  O  N N 98  
GLN H    H  N N 99  
GLN H2   H  N N 100 
GLN HA   H  N N 101 
GLN HB2  H  N N 102 
GLN HB3  H  N N 103 
GLN HG2  H  N N 104 
GLN HG3  H  N N 105 
GLN HE21 H  N N 106 
GLN HE22 H  N N 107 
GLN HXT  H  N N 108 
GLU N    N  N N 109 
GLU CA   C  N S 110 
GLU C    C  N N 111 
GLU O    O  N N 112 
GLU CB   C  N N 113 
GLU CG   C  N N 114 
GLU CD   C  N N 115 
GLU OE1  O  N N 116 
GLU OE2  O  N N 117 
GLU OXT  O  N N 118 
GLU H    H  N N 119 
GLU H2   H  N N 120 
GLU HA   H  N N 121 
GLU HB2  H  N N 122 
GLU HB3  H  N N 123 
GLU HG2  H  N N 124 
GLU HG3  H  N N 125 
GLU HE2  H  N N 126 
GLU HXT  H  N N 127 
GLY N    N  N N 128 
GLY CA   C  N N 129 
GLY C    C  N N 130 
GLY O    O  N N 131 
GLY OXT  O  N N 132 
GLY H    H  N N 133 
GLY H2   H  N N 134 
GLY HA2  H  N N 135 
GLY HA3  H  N N 136 
GLY HXT  H  N N 137 
HIS N    N  N N 138 
HIS CA   C  N S 139 
HIS C    C  N N 140 
HIS O    O  N N 141 
HIS CB   C  N N 142 
HIS CG   C  Y N 143 
HIS ND1  N  Y N 144 
HIS CD2  C  Y N 145 
HIS CE1  C  Y N 146 
HIS NE2  N  Y N 147 
HIS OXT  O  N N 148 
HIS H    H  N N 149 
HIS H2   H  N N 150 
HIS HA   H  N N 151 
HIS HB2  H  N N 152 
HIS HB3  H  N N 153 
HIS HD1  H  N N 154 
HIS HD2  H  N N 155 
HIS HE1  H  N N 156 
HIS HE2  H  N N 157 
HIS HXT  H  N N 158 
HOH O    O  N N 159 
HOH H1   H  N N 160 
HOH H2   H  N N 161 
ILE N    N  N N 162 
ILE CA   C  N S 163 
ILE C    C  N N 164 
ILE O    O  N N 165 
ILE CB   C  N S 166 
ILE CG1  C  N N 167 
ILE CG2  C  N N 168 
ILE CD1  C  N N 169 
ILE OXT  O  N N 170 
ILE H    H  N N 171 
ILE H2   H  N N 172 
ILE HA   H  N N 173 
ILE HB   H  N N 174 
ILE HG12 H  N N 175 
ILE HG13 H  N N 176 
ILE HG21 H  N N 177 
ILE HG22 H  N N 178 
ILE HG23 H  N N 179 
ILE HD11 H  N N 180 
ILE HD12 H  N N 181 
ILE HD13 H  N N 182 
ILE HXT  H  N N 183 
LEU N    N  N N 184 
LEU CA   C  N S 185 
LEU C    C  N N 186 
LEU O    O  N N 187 
LEU CB   C  N N 188 
LEU CG   C  N N 189 
LEU CD1  C  N N 190 
LEU CD2  C  N N 191 
LEU OXT  O  N N 192 
LEU H    H  N N 193 
LEU H2   H  N N 194 
LEU HA   H  N N 195 
LEU HB2  H  N N 196 
LEU HB3  H  N N 197 
LEU HG   H  N N 198 
LEU HD11 H  N N 199 
LEU HD12 H  N N 200 
LEU HD13 H  N N 201 
LEU HD21 H  N N 202 
LEU HD22 H  N N 203 
LEU HD23 H  N N 204 
LEU HXT  H  N N 205 
LYS N    N  N N 206 
LYS CA   C  N S 207 
LYS C    C  N N 208 
LYS O    O  N N 209 
LYS CB   C  N N 210 
LYS CG   C  N N 211 
LYS CD   C  N N 212 
LYS CE   C  N N 213 
LYS NZ   N  N N 214 
LYS OXT  O  N N 215 
LYS H    H  N N 216 
LYS H2   H  N N 217 
LYS HA   H  N N 218 
LYS HB2  H  N N 219 
LYS HB3  H  N N 220 
LYS HG2  H  N N 221 
LYS HG3  H  N N 222 
LYS HD2  H  N N 223 
LYS HD3  H  N N 224 
LYS HE2  H  N N 225 
LYS HE3  H  N N 226 
LYS HZ1  H  N N 227 
LYS HZ2  H  N N 228 
LYS HZ3  H  N N 229 
LYS HXT  H  N N 230 
MET N    N  N N 231 
MET CA   C  N S 232 
MET C    C  N N 233 
MET O    O  N N 234 
MET CB   C  N N 235 
MET CG   C  N N 236 
MET SD   S  N N 237 
MET CE   C  N N 238 
MET OXT  O  N N 239 
MET H    H  N N 240 
MET H2   H  N N 241 
MET HA   H  N N 242 
MET HB2  H  N N 243 
MET HB3  H  N N 244 
MET HG2  H  N N 245 
MET HG3  H  N N 246 
MET HE1  H  N N 247 
MET HE2  H  N N 248 
MET HE3  H  N N 249 
MET HXT  H  N N 250 
PHE N    N  N N 251 
PHE CA   C  N S 252 
PHE C    C  N N 253 
PHE O    O  N N 254 
PHE CB   C  N N 255 
PHE CG   C  Y N 256 
PHE CD1  C  Y N 257 
PHE CD2  C  Y N 258 
PHE CE1  C  Y N 259 
PHE CE2  C  Y N 260 
PHE CZ   C  Y N 261 
PHE OXT  O  N N 262 
PHE H    H  N N 263 
PHE H2   H  N N 264 
PHE HA   H  N N 265 
PHE HB2  H  N N 266 
PHE HB3  H  N N 267 
PHE HD1  H  N N 268 
PHE HD2  H  N N 269 
PHE HE1  H  N N 270 
PHE HE2  H  N N 271 
PHE HZ   H  N N 272 
PHE HXT  H  N N 273 
PRO N    N  N N 274 
PRO CA   C  N S 275 
PRO C    C  N N 276 
PRO O    O  N N 277 
PRO CB   C  N N 278 
PRO CG   C  N N 279 
PRO CD   C  N N 280 
PRO OXT  O  N N 281 
PRO H    H  N N 282 
PRO HA   H  N N 283 
PRO HB2  H  N N 284 
PRO HB3  H  N N 285 
PRO HG2  H  N N 286 
PRO HG3  H  N N 287 
PRO HD2  H  N N 288 
PRO HD3  H  N N 289 
PRO HXT  H  N N 290 
SER N    N  N N 291 
SER CA   C  N S 292 
SER C    C  N N 293 
SER O    O  N N 294 
SER CB   C  N N 295 
SER OG   O  N N 296 
SER OXT  O  N N 297 
SER H    H  N N 298 
SER H2   H  N N 299 
SER HA   H  N N 300 
SER HB2  H  N N 301 
SER HB3  H  N N 302 
SER HG   H  N N 303 
SER HXT  H  N N 304 
THR N    N  N N 305 
THR CA   C  N S 306 
THR C    C  N N 307 
THR O    O  N N 308 
THR CB   C  N R 309 
THR OG1  O  N N 310 
THR CG2  C  N N 311 
THR OXT  O  N N 312 
THR H    H  N N 313 
THR H2   H  N N 314 
THR HA   H  N N 315 
THR HB   H  N N 316 
THR HG1  H  N N 317 
THR HG21 H  N N 318 
THR HG22 H  N N 319 
THR HG23 H  N N 320 
THR HXT  H  N N 321 
TRP N    N  N N 322 
TRP CA   C  N S 323 
TRP C    C  N N 324 
TRP O    O  N N 325 
TRP CB   C  N N 326 
TRP CG   C  Y N 327 
TRP CD1  C  Y N 328 
TRP CD2  C  Y N 329 
TRP NE1  N  Y N 330 
TRP CE2  C  Y N 331 
TRP CE3  C  Y N 332 
TRP CZ2  C  Y N 333 
TRP CZ3  C  Y N 334 
TRP CH2  C  Y N 335 
TRP OXT  O  N N 336 
TRP H    H  N N 337 
TRP H2   H  N N 338 
TRP HA   H  N N 339 
TRP HB2  H  N N 340 
TRP HB3  H  N N 341 
TRP HD1  H  N N 342 
TRP HE1  H  N N 343 
TRP HE3  H  N N 344 
TRP HZ2  H  N N 345 
TRP HZ3  H  N N 346 
TRP HH2  H  N N 347 
TRP HXT  H  N N 348 
TYR N    N  N N 349 
TYR CA   C  N S 350 
TYR C    C  N N 351 
TYR O    O  N N 352 
TYR CB   C  N N 353 
TYR CG   C  Y N 354 
TYR CD1  C  Y N 355 
TYR CD2  C  Y N 356 
TYR CE1  C  Y N 357 
TYR CE2  C  Y N 358 
TYR CZ   C  Y N 359 
TYR OH   O  N N 360 
TYR OXT  O  N N 361 
TYR H    H  N N 362 
TYR H2   H  N N 363 
TYR HA   H  N N 364 
TYR HB2  H  N N 365 
TYR HB3  H  N N 366 
TYR HD1  H  N N 367 
TYR HD2  H  N N 368 
TYR HE1  H  N N 369 
TYR HE2  H  N N 370 
TYR HH   H  N N 371 
TYR HXT  H  N N 372 
TZL S1   S  Y N 373 
TZL C2   C  Y N 374 
TZL N3   N  Y N 375 
TZL C4   C  Y N 376 
TZL C5   C  Y N 377 
TZL C6   C  N R 378 
TZL C7   C  N N 379 
TZL C8   C  N N 380 
TZL C9   C  N N 381 
TZL H4   H  N N 382 
TZL H5   H  N N 383 
TZL H6   H  N N 384 
TZL H71  H  N N 385 
TZL H72  H  N N 386 
TZL H81  H  N N 387 
TZL H82  H  N N 388 
TZL H83  H  N N 389 
TZL H91  H  N N 390 
TZL H92  H  N N 391 
TZL H93  H  N N 392 
VAL N    N  N N 393 
VAL CA   C  N S 394 
VAL C    C  N N 395 
VAL O    O  N N 396 
VAL CB   C  N N 397 
VAL CG1  C  N N 398 
VAL CG2  C  N N 399 
VAL OXT  O  N N 400 
VAL H    H  N N 401 
VAL H2   H  N N 402 
VAL HA   H  N N 403 
VAL HB   H  N N 404 
VAL HG11 H  N N 405 
VAL HG12 H  N N 406 
VAL HG13 H  N N 407 
VAL HG21 H  N N 408 
VAL HG22 H  N N 409 
VAL HG23 H  N N 410 
VAL HXT  H  N N 411 
# 
loop_
_chem_comp_bond.comp_id 
_chem_comp_bond.atom_id_1 
_chem_comp_bond.atom_id_2 
_chem_comp_bond.value_order 
_chem_comp_bond.pdbx_aromatic_flag 
_chem_comp_bond.pdbx_stereo_config 
_chem_comp_bond.pdbx_ordinal 
ALA N   CA   sing N N 1   
ALA N   H    sing N N 2   
ALA N   H2   sing N N 3   
ALA CA  C    sing N N 4   
ALA CA  CB   sing N N 5   
ALA CA  HA   sing N N 6   
ALA C   O    doub N N 7   
ALA C   OXT  sing N N 8   
ALA CB  HB1  sing N N 9   
ALA CB  HB2  sing N N 10  
ALA CB  HB3  sing N N 11  
ALA OXT HXT  sing N N 12  
ARG N   CA   sing N N 13  
ARG N   H    sing N N 14  
ARG N   H2   sing N N 15  
ARG CA  C    sing N N 16  
ARG CA  CB   sing N N 17  
ARG CA  HA   sing N N 18  
ARG C   O    doub N N 19  
ARG C   OXT  sing N N 20  
ARG CB  CG   sing N N 21  
ARG CB  HB2  sing N N 22  
ARG CB  HB3  sing N N 23  
ARG CG  CD   sing N N 24  
ARG CG  HG2  sing N N 25  
ARG CG  HG3  sing N N 26  
ARG CD  NE   sing N N 27  
ARG CD  HD2  sing N N 28  
ARG CD  HD3  sing N N 29  
ARG NE  CZ   sing N N 30  
ARG NE  HE   sing N N 31  
ARG CZ  NH1  sing N N 32  
ARG CZ  NH2  doub N N 33  
ARG NH1 HH11 sing N N 34  
ARG NH1 HH12 sing N N 35  
ARG NH2 HH21 sing N N 36  
ARG NH2 HH22 sing N N 37  
ARG OXT HXT  sing N N 38  
ASN N   CA   sing N N 39  
ASN N   H    sing N N 40  
ASN N   H2   sing N N 41  
ASN CA  C    sing N N 42  
ASN CA  CB   sing N N 43  
ASN CA  HA   sing N N 44  
ASN C   O    doub N N 45  
ASN C   OXT  sing N N 46  
ASN CB  CG   sing N N 47  
ASN CB  HB2  sing N N 48  
ASN CB  HB3  sing N N 49  
ASN CG  OD1  doub N N 50  
ASN CG  ND2  sing N N 51  
ASN ND2 HD21 sing N N 52  
ASN ND2 HD22 sing N N 53  
ASN OXT HXT  sing N N 54  
ASP N   CA   sing N N 55  
ASP N   H    sing N N 56  
ASP N   H2   sing N N 57  
ASP CA  C    sing N N 58  
ASP CA  CB   sing N N 59  
ASP CA  HA   sing N N 60  
ASP C   O    doub N N 61  
ASP C   OXT  sing N N 62  
ASP CB  CG   sing N N 63  
ASP CB  HB2  sing N N 64  
ASP CB  HB3  sing N N 65  
ASP CG  OD1  doub N N 66  
ASP CG  OD2  sing N N 67  
ASP OD2 HD2  sing N N 68  
ASP OXT HXT  sing N N 69  
CYS N   CA   sing N N 70  
CYS N   H    sing N N 71  
CYS N   H2   sing N N 72  
CYS CA  C    sing N N 73  
CYS CA  CB   sing N N 74  
CYS CA  HA   sing N N 75  
CYS C   O    doub N N 76  
CYS C   OXT  sing N N 77  
CYS CB  SG   sing N N 78  
CYS CB  HB2  sing N N 79  
CYS CB  HB3  sing N N 80  
CYS SG  HG   sing N N 81  
CYS OXT HXT  sing N N 82  
GLN N   CA   sing N N 83  
GLN N   H    sing N N 84  
GLN N   H2   sing N N 85  
GLN CA  C    sing N N 86  
GLN CA  CB   sing N N 87  
GLN CA  HA   sing N N 88  
GLN C   O    doub N N 89  
GLN C   OXT  sing N N 90  
GLN CB  CG   sing N N 91  
GLN CB  HB2  sing N N 92  
GLN CB  HB3  sing N N 93  
GLN CG  CD   sing N N 94  
GLN CG  HG2  sing N N 95  
GLN CG  HG3  sing N N 96  
GLN CD  OE1  doub N N 97  
GLN CD  NE2  sing N N 98  
GLN NE2 HE21 sing N N 99  
GLN NE2 HE22 sing N N 100 
GLN OXT HXT  sing N N 101 
GLU N   CA   sing N N 102 
GLU N   H    sing N N 103 
GLU N   H2   sing N N 104 
GLU CA  C    sing N N 105 
GLU CA  CB   sing N N 106 
GLU CA  HA   sing N N 107 
GLU C   O    doub N N 108 
GLU C   OXT  sing N N 109 
GLU CB  CG   sing N N 110 
GLU CB  HB2  sing N N 111 
GLU CB  HB3  sing N N 112 
GLU CG  CD   sing N N 113 
GLU CG  HG2  sing N N 114 
GLU CG  HG3  sing N N 115 
GLU CD  OE1  doub N N 116 
GLU CD  OE2  sing N N 117 
GLU OE2 HE2  sing N N 118 
GLU OXT HXT  sing N N 119 
GLY N   CA   sing N N 120 
GLY N   H    sing N N 121 
GLY N   H2   sing N N 122 
GLY CA  C    sing N N 123 
GLY CA  HA2  sing N N 124 
GLY CA  HA3  sing N N 125 
GLY C   O    doub N N 126 
GLY C   OXT  sing N N 127 
GLY OXT HXT  sing N N 128 
HIS N   CA   sing N N 129 
HIS N   H    sing N N 130 
HIS N   H2   sing N N 131 
HIS CA  C    sing N N 132 
HIS CA  CB   sing N N 133 
HIS CA  HA   sing N N 134 
HIS C   O    doub N N 135 
HIS C   OXT  sing N N 136 
HIS CB  CG   sing N N 137 
HIS CB  HB2  sing N N 138 
HIS CB  HB3  sing N N 139 
HIS CG  ND1  sing Y N 140 
HIS CG  CD2  doub Y N 141 
HIS ND1 CE1  doub Y N 142 
HIS ND1 HD1  sing N N 143 
HIS CD2 NE2  sing Y N 144 
HIS CD2 HD2  sing N N 145 
HIS CE1 NE2  sing Y N 146 
HIS CE1 HE1  sing N N 147 
HIS NE2 HE2  sing N N 148 
HIS OXT HXT  sing N N 149 
HOH O   H1   sing N N 150 
HOH O   H2   sing N N 151 
ILE N   CA   sing N N 152 
ILE N   H    sing N N 153 
ILE N   H2   sing N N 154 
ILE CA  C    sing N N 155 
ILE CA  CB   sing N N 156 
ILE CA  HA   sing N N 157 
ILE C   O    doub N N 158 
ILE C   OXT  sing N N 159 
ILE CB  CG1  sing N N 160 
ILE CB  CG2  sing N N 161 
ILE CB  HB   sing N N 162 
ILE CG1 CD1  sing N N 163 
ILE CG1 HG12 sing N N 164 
ILE CG1 HG13 sing N N 165 
ILE CG2 HG21 sing N N 166 
ILE CG2 HG22 sing N N 167 
ILE CG2 HG23 sing N N 168 
ILE CD1 HD11 sing N N 169 
ILE CD1 HD12 sing N N 170 
ILE CD1 HD13 sing N N 171 
ILE OXT HXT  sing N N 172 
LEU N   CA   sing N N 173 
LEU N   H    sing N N 174 
LEU N   H2   sing N N 175 
LEU CA  C    sing N N 176 
LEU CA  CB   sing N N 177 
LEU CA  HA   sing N N 178 
LEU C   O    doub N N 179 
LEU C   OXT  sing N N 180 
LEU CB  CG   sing N N 181 
LEU CB  HB2  sing N N 182 
LEU CB  HB3  sing N N 183 
LEU CG  CD1  sing N N 184 
LEU CG  CD2  sing N N 185 
LEU CG  HG   sing N N 186 
LEU CD1 HD11 sing N N 187 
LEU CD1 HD12 sing N N 188 
LEU CD1 HD13 sing N N 189 
LEU CD2 HD21 sing N N 190 
LEU CD2 HD22 sing N N 191 
LEU CD2 HD23 sing N N 192 
LEU OXT HXT  sing N N 193 
LYS N   CA   sing N N 194 
LYS N   H    sing N N 195 
LYS N   H2   sing N N 196 
LYS CA  C    sing N N 197 
LYS CA  CB   sing N N 198 
LYS CA  HA   sing N N 199 
LYS C   O    doub N N 200 
LYS C   OXT  sing N N 201 
LYS CB  CG   sing N N 202 
LYS CB  HB2  sing N N 203 
LYS CB  HB3  sing N N 204 
LYS CG  CD   sing N N 205 
LYS CG  HG2  sing N N 206 
LYS CG  HG3  sing N N 207 
LYS CD  CE   sing N N 208 
LYS CD  HD2  sing N N 209 
LYS CD  HD3  sing N N 210 
LYS CE  NZ   sing N N 211 
LYS CE  HE2  sing N N 212 
LYS CE  HE3  sing N N 213 
LYS NZ  HZ1  sing N N 214 
LYS NZ  HZ2  sing N N 215 
LYS NZ  HZ3  sing N N 216 
LYS OXT HXT  sing N N 217 
MET N   CA   sing N N 218 
MET N   H    sing N N 219 
MET N   H2   sing N N 220 
MET CA  C    sing N N 221 
MET CA  CB   sing N N 222 
MET CA  HA   sing N N 223 
MET C   O    doub N N 224 
MET C   OXT  sing N N 225 
MET CB  CG   sing N N 226 
MET CB  HB2  sing N N 227 
MET CB  HB3  sing N N 228 
MET CG  SD   sing N N 229 
MET CG  HG2  sing N N 230 
MET CG  HG3  sing N N 231 
MET SD  CE   sing N N 232 
MET CE  HE1  sing N N 233 
MET CE  HE2  sing N N 234 
MET CE  HE3  sing N N 235 
MET OXT HXT  sing N N 236 
PHE N   CA   sing N N 237 
PHE N   H    sing N N 238 
PHE N   H2   sing N N 239 
PHE CA  C    sing N N 240 
PHE CA  CB   sing N N 241 
PHE CA  HA   sing N N 242 
PHE C   O    doub N N 243 
PHE C   OXT  sing N N 244 
PHE CB  CG   sing N N 245 
PHE CB  HB2  sing N N 246 
PHE CB  HB3  sing N N 247 
PHE CG  CD1  doub Y N 248 
PHE CG  CD2  sing Y N 249 
PHE CD1 CE1  sing Y N 250 
PHE CD1 HD1  sing N N 251 
PHE CD2 CE2  doub Y N 252 
PHE CD2 HD2  sing N N 253 
PHE CE1 CZ   doub Y N 254 
PHE CE1 HE1  sing N N 255 
PHE CE2 CZ   sing Y N 256 
PHE CE2 HE2  sing N N 257 
PHE CZ  HZ   sing N N 258 
PHE OXT HXT  sing N N 259 
PRO N   CA   sing N N 260 
PRO N   CD   sing N N 261 
PRO N   H    sing N N 262 
PRO CA  C    sing N N 263 
PRO CA  CB   sing N N 264 
PRO CA  HA   sing N N 265 
PRO C   O    doub N N 266 
PRO C   OXT  sing N N 267 
PRO CB  CG   sing N N 268 
PRO CB  HB2  sing N N 269 
PRO CB  HB3  sing N N 270 
PRO CG  CD   sing N N 271 
PRO CG  HG2  sing N N 272 
PRO CG  HG3  sing N N 273 
PRO CD  HD2  sing N N 274 
PRO CD  HD3  sing N N 275 
PRO OXT HXT  sing N N 276 
SER N   CA   sing N N 277 
SER N   H    sing N N 278 
SER N   H2   sing N N 279 
SER CA  C    sing N N 280 
SER CA  CB   sing N N 281 
SER CA  HA   sing N N 282 
SER C   O    doub N N 283 
SER C   OXT  sing N N 284 
SER CB  OG   sing N N 285 
SER CB  HB2  sing N N 286 
SER CB  HB3  sing N N 287 
SER OG  HG   sing N N 288 
SER OXT HXT  sing N N 289 
THR N   CA   sing N N 290 
THR N   H    sing N N 291 
THR N   H2   sing N N 292 
THR CA  C    sing N N 293 
THR CA  CB   sing N N 294 
THR CA  HA   sing N N 295 
THR C   O    doub N N 296 
THR C   OXT  sing N N 297 
THR CB  OG1  sing N N 298 
THR CB  CG2  sing N N 299 
THR CB  HB   sing N N 300 
THR OG1 HG1  sing N N 301 
THR CG2 HG21 sing N N 302 
THR CG2 HG22 sing N N 303 
THR CG2 HG23 sing N N 304 
THR OXT HXT  sing N N 305 
TRP N   CA   sing N N 306 
TRP N   H    sing N N 307 
TRP N   H2   sing N N 308 
TRP CA  C    sing N N 309 
TRP CA  CB   sing N N 310 
TRP CA  HA   sing N N 311 
TRP C   O    doub N N 312 
TRP C   OXT  sing N N 313 
TRP CB  CG   sing N N 314 
TRP CB  HB2  sing N N 315 
TRP CB  HB3  sing N N 316 
TRP CG  CD1  doub Y N 317 
TRP CG  CD2  sing Y N 318 
TRP CD1 NE1  sing Y N 319 
TRP CD1 HD1  sing N N 320 
TRP CD2 CE2  doub Y N 321 
TRP CD2 CE3  sing Y N 322 
TRP NE1 CE2  sing Y N 323 
TRP NE1 HE1  sing N N 324 
TRP CE2 CZ2  sing Y N 325 
TRP CE3 CZ3  doub Y N 326 
TRP CE3 HE3  sing N N 327 
TRP CZ2 CH2  doub Y N 328 
TRP CZ2 HZ2  sing N N 329 
TRP CZ3 CH2  sing Y N 330 
TRP CZ3 HZ3  sing N N 331 
TRP CH2 HH2  sing N N 332 
TRP OXT HXT  sing N N 333 
TYR N   CA   sing N N 334 
TYR N   H    sing N N 335 
TYR N   H2   sing N N 336 
TYR CA  C    sing N N 337 
TYR CA  CB   sing N N 338 
TYR CA  HA   sing N N 339 
TYR C   O    doub N N 340 
TYR C   OXT  sing N N 341 
TYR CB  CG   sing N N 342 
TYR CB  HB2  sing N N 343 
TYR CB  HB3  sing N N 344 
TYR CG  CD1  doub Y N 345 
TYR CG  CD2  sing Y N 346 
TYR CD1 CE1  sing Y N 347 
TYR CD1 HD1  sing N N 348 
TYR CD2 CE2  doub Y N 349 
TYR CD2 HD2  sing N N 350 
TYR CE1 CZ   doub Y N 351 
TYR CE1 HE1  sing N N 352 
TYR CE2 CZ   sing Y N 353 
TYR CE2 HE2  sing N N 354 
TYR CZ  OH   sing N N 355 
TYR OH  HH   sing N N 356 
TYR OXT HXT  sing N N 357 
TZL S1  C2   sing Y N 358 
TZL S1  C5   sing Y N 359 
TZL C2  N3   doub Y N 360 
TZL C2  C6   sing N N 361 
TZL N3  C4   sing Y N 362 
TZL C4  C5   doub Y N 363 
TZL C4  H4   sing N N 364 
TZL C5  H5   sing N N 365 
TZL C6  C7   sing N N 366 
TZL C6  C9   sing N N 367 
TZL C6  H6   sing N N 368 
TZL C7  C8   sing N N 369 
TZL C7  H71  sing N N 370 
TZL C7  H72  sing N N 371 
TZL C8  H81  sing N N 372 
TZL C8  H82  sing N N 373 
TZL C8  H83  sing N N 374 
TZL C9  H91  sing N N 375 
TZL C9  H92  sing N N 376 
TZL C9  H93  sing N N 377 
VAL N   CA   sing N N 378 
VAL N   H    sing N N 379 
VAL N   H2   sing N N 380 
VAL CA  C    sing N N 381 
VAL CA  CB   sing N N 382 
VAL CA  HA   sing N N 383 
VAL C   O    doub N N 384 
VAL C   OXT  sing N N 385 
VAL CB  CG1  sing N N 386 
VAL CB  CG2  sing N N 387 
VAL CB  HB   sing N N 388 
VAL CG1 HG11 sing N N 389 
VAL CG1 HG12 sing N N 390 
VAL CG1 HG13 sing N N 391 
VAL CG2 HG21 sing N N 392 
VAL CG2 HG22 sing N N 393 
VAL CG2 HG23 sing N N 394 
VAL OXT HXT  sing N N 395 
# 
_pdbx_initial_refinement_model.id               1 
_pdbx_initial_refinement_model.entity_id_list   ? 
_pdbx_initial_refinement_model.type             'experimental model' 
_pdbx_initial_refinement_model.source_name      PDB 
_pdbx_initial_refinement_model.accession_code   1MUP 
_pdbx_initial_refinement_model.details          1mup.pdb 
# 
_atom_sites.entry_id                    1JV4 
_atom_sites.fract_transf_matrix[1][1]   0.01500836 
_atom_sites.fract_transf_matrix[1][2]   -0.00666161 
_atom_sites.fract_transf_matrix[1][3]   -0.02139269 
_atom_sites.fract_transf_matrix[2][1]   -0.01477960 
_atom_sites.fract_transf_matrix[2][2]   -0.00504363 
_atom_sites.fract_transf_matrix[2][3]   -0.00879744 
_atom_sites.fract_transf_matrix[3][1]   -0.00187144 
_atom_sites.fract_transf_matrix[3][2]   0.02424442 
_atom_sites.fract_transf_matrix[3][3]   -0.01075550 
_atom_sites.fract_transf_vector[1]      0.286835 
_atom_sites.fract_transf_vector[2]      0.001579 
_atom_sites.fract_transf_vector[3]      0.295900 
# 
loop_
_atom_type.symbol 
C  
CD 
N  
O  
S  
# 
loop_
_atom_site.group_PDB 
_atom_site.id 
_atom_site.type_symbol 
_atom_site.label_atom_id 
_atom_site.label_alt_id 
_atom_site.label_comp_id 
_atom_site.label_asym_id 
_atom_site.label_entity_id 
_atom_site.label_seq_id 
_atom_site.pdbx_PDB_ins_code 
_atom_site.Cartn_x 
_atom_site.Cartn_y 
_atom_site.Cartn_z 
_atom_site.occupancy 
_atom_site.B_iso_or_equiv 
_atom_site.pdbx_formal_charge 
_atom_site.auth_seq_id 
_atom_site.auth_comp_id 
_atom_site.auth_asym_id 
_atom_site.auth_atom_id 
_atom_site.pdbx_PDB_model_num 
ATOM   1    N  N   . GLU A 1 1   ? 15.841  -0.412  -11.982 1.00 55.37 ? 1   GLU A N   1 
ATOM   2    C  CA  . GLU A 1 1   ? 16.216  -1.818  -11.660 1.00 55.26 ? 1   GLU A CA  1 
ATOM   3    C  C   . GLU A 1 1   ? 14.980  -2.707  -11.577 1.00 55.15 ? 1   GLU A C   1 
ATOM   4    O  O   . GLU A 1 1   ? 14.894  -3.734  -12.254 1.00 55.15 ? 1   GLU A O   1 
ATOM   5    C  CB  . GLU A 1 1   ? 16.999  -1.872  -10.352 1.00 55.36 ? 1   GLU A CB  1 
ATOM   6    N  N   . GLU A 1 2   ? 14.028  -2.291  -10.745 1.00 54.95 ? 2   GLU A N   1 
ATOM   7    C  CA  . GLU A 1 2   ? 12.779  -3.026  -10.515 1.00 54.61 ? 2   GLU A CA  1 
ATOM   8    C  C   . GLU A 1 2   ? 13.007  -4.369  -9.821  1.00 54.29 ? 2   GLU A C   1 
ATOM   9    O  O   . GLU A 1 2   ? 13.734  -5.228  -10.322 1.00 54.22 ? 2   GLU A O   1 
ATOM   10   C  CB  . GLU A 1 2   ? 11.980  -3.199  -11.809 1.00 54.68 ? 2   GLU A CB  1 
ATOM   11   C  CG  . GLU A 1 2   ? 11.670  -1.887  -12.512 1.00 55.25 ? 2   GLU A CG  1 
ATOM   12   C  CD  . GLU A 1 2   ? 10.303  -1.878  -13.159 1.00 55.81 ? 2   GLU A CD  1 
ATOM   13   O  OE1 . GLU A 1 2   ? 9.639   -2.939  -13.172 1.00 56.58 ? 2   GLU A OE1 1 
ATOM   14   O  OE2 . GLU A 1 2   ? 9.888   -0.810  -13.658 1.00 55.97 ? 2   GLU A OE2 1 
ATOM   15   N  N   . ALA A 1 3   ? 12.376  -4.540  -8.661  1.00 53.77 ? 3   ALA A N   1 
ATOM   16   C  CA  . ALA A 1 3   ? 12.519  -5.765  -7.882  1.00 53.27 ? 3   ALA A CA  1 
ATOM   17   C  C   . ALA A 1 3   ? 11.248  -6.125  -7.107  1.00 52.94 ? 3   ALA A C   1 
ATOM   18   O  O   . ALA A 1 3   ? 10.316  -5.326  -7.007  1.00 52.70 ? 3   ALA A O   1 
ATOM   19   C  CB  . ALA A 1 3   ? 13.706  -5.650  -6.934  1.00 53.30 ? 3   ALA A CB  1 
ATOM   20   N  N   . SER A 1 4   ? 11.222  -7.343  -6.572  1.00 52.55 ? 4   SER A N   1 
ATOM   21   C  CA  . SER A 1 4   ? 10.101  -7.826  -5.772  1.00 52.11 ? 4   SER A CA  1 
ATOM   22   C  C   . SER A 1 4   ? 10.564  -8.020  -4.331  1.00 51.66 ? 4   SER A C   1 
ATOM   23   O  O   . SER A 1 4   ? 11.718  -8.381  -4.097  1.00 51.76 ? 4   SER A O   1 
ATOM   24   C  CB  . SER A 1 4   ? 9.589   -9.152  -6.329  1.00 52.12 ? 4   SER A CB  1 
ATOM   25   O  OG  . SER A 1 4   ? 8.606   -9.716  -5.478  1.00 52.53 ? 4   SER A OG  1 
ATOM   26   N  N   . SER A 1 5   ? 9.675   -7.786  -3.367  1.00 50.93 ? 5   SER A N   1 
ATOM   27   C  CA  . SER A 1 5   ? 10.048  -7.933  -1.960  1.00 50.23 ? 5   SER A CA  1 
ATOM   28   C  C   . SER A 1 5   ? 10.302  -9.394  -1.612  1.00 50.06 ? 5   SER A C   1 
ATOM   29   O  O   . SER A 1 5   ? 11.138  -9.707  -0.764  1.00 50.14 ? 5   SER A O   1 
ATOM   30   C  CB  . SER A 1 5   ? 9.010   -7.299  -1.016  1.00 50.10 ? 5   SER A CB  1 
ATOM   31   O  OG  . SER A 1 5   ? 7.929   -8.167  -0.737  1.00 48.14 ? 5   SER A OG  1 
ATOM   32   N  N   . THR A 1 6   ? 9.584   -10.285 -2.289  1.00 49.75 ? 6   THR A N   1 
ATOM   33   C  CA  . THR A 1 6   ? 9.764   -11.716 -2.098  1.00 49.42 ? 6   THR A CA  1 
ATOM   34   C  C   . THR A 1 6   ? 10.902  -12.199 -2.983  1.00 49.01 ? 6   THR A C   1 
ATOM   35   O  O   . THR A 1 6   ? 11.327  -13.351 -2.893  1.00 49.03 ? 6   THR A O   1 
ATOM   36   C  CB  . THR A 1 6   ? 8.467   -12.477 -2.440  1.00 49.49 ? 6   THR A CB  1 
ATOM   37   O  OG1 . THR A 1 6   ? 8.243   -12.460 -3.858  1.00 49.86 ? 6   THR A OG1 1 
ATOM   38   C  CG2 . THR A 1 6   ? 7.264   -11.738 -1.880  1.00 49.52 ? 6   THR A CG2 1 
ATOM   39   N  N   . GLY A 1 7   ? 11.392  -11.304 -3.835  1.00 48.55 ? 7   GLY A N   1 
ATOM   40   C  CA  . GLY A 1 7   ? 12.481  -11.618 -4.739  1.00 47.85 ? 7   GLY A CA  1 
ATOM   41   C  C   . GLY A 1 7   ? 13.804  -11.601 -4.006  1.00 47.30 ? 7   GLY A C   1 
ATOM   42   O  O   . GLY A 1 7   ? 13.923  -10.987 -2.948  1.00 47.22 ? 7   GLY A O   1 
ATOM   43   N  N   . ARG A 1 8   ? 14.803  -12.270 -4.572  1.00 46.72 ? 8   ARG A N   1 
ATOM   44   C  CA  . ARG A 1 8   ? 16.118  -12.359 -3.946  1.00 46.14 ? 8   ARG A CA  1 
ATOM   45   C  C   . ARG A 1 8   ? 16.907  -11.051 -3.992  1.00 45.20 ? 8   ARG A C   1 
ATOM   46   O  O   . ARG A 1 8   ? 17.618  -10.718 -3.043  1.00 45.43 ? 8   ARG A O   1 
ATOM   47   C  CB  . ARG A 1 8   ? 16.938  -13.477 -4.591  1.00 46.51 ? 8   ARG A CB  1 
ATOM   48   C  CG  . ARG A 1 8   ? 16.221  -14.811 -4.634  1.00 47.62 ? 8   ARG A CG  1 
ATOM   49   C  CD  . ARG A 1 8   ? 17.043  -15.951 -5.209  1.00 49.61 ? 8   ARG A CD  1 
ATOM   50   N  NE  . ARG A 1 8   ? 16.321  -17.216 -5.122  1.00 50.74 ? 8   ARG A NE  1 
ATOM   51   C  CZ  . ARG A 1 8   ? 16.807  -18.384 -5.519  1.00 51.44 ? 8   ARG A CZ  1 
ATOM   52   N  NH1 . ARG A 1 8   ? 18.026  -18.457 -6.036  1.00 51.13 ? 8   ARG A NH1 1 
ATOM   53   N  NH2 . ARG A 1 8   ? 16.073  -19.484 -5.398  1.00 51.66 ? 8   ARG A NH2 1 
ATOM   54   N  N   . ASN A 1 9   ? 16.780  -10.311 -5.090  1.00 43.92 ? 9   ASN A N   1 
ATOM   55   C  CA  . ASN A 1 9   ? 17.534  -9.067  -5.260  1.00 42.58 ? 9   ASN A CA  1 
ATOM   56   C  C   . ASN A 1 9   ? 16.872  -7.835  -4.638  1.00 41.25 ? 9   ASN A C   1 
ATOM   57   O  O   . ASN A 1 9   ? 17.147  -6.712  -5.045  1.00 41.24 ? 9   ASN A O   1 
ATOM   58   C  CB  . ASN A 1 9   ? 17.833  -8.813  -6.743  1.00 42.77 ? 9   ASN A CB  1 
ATOM   59   C  CG  . ASN A 1 9   ? 16.577  -8.551  -7.563  1.00 43.50 ? 9   ASN A CG  1 
ATOM   60   O  OD1 . ASN A 1 9   ? 16.651  -8.336  -8.773  1.00 44.73 ? 9   ASN A OD1 1 
ATOM   61   N  ND2 . ASN A 1 9   ? 15.421  -8.565  -6.907  1.00 44.05 ? 9   ASN A ND2 1 
ATOM   62   N  N   . PHE A 1 10  ? 16.013  -8.054  -3.649  1.00 39.53 ? 10  PHE A N   1 
ATOM   63   C  CA  . PHE A 1 10  ? 15.294  -6.960  -3.009  1.00 37.80 ? 10  PHE A CA  1 
ATOM   64   C  C   . PHE A 1 10  ? 16.130  -6.267  -1.950  1.00 36.32 ? 10  PHE A C   1 
ATOM   65   O  O   . PHE A 1 10  ? 16.725  -6.911  -1.086  1.00 36.45 ? 10  PHE A O   1 
ATOM   66   C  CB  . PHE A 1 10  ? 13.999  -7.460  -2.373  1.00 37.85 ? 10  PHE A CB  1 
ATOM   67   C  CG  . PHE A 1 10  ? 13.079  -6.359  -1.929  1.00 38.28 ? 10  PHE A CG  1 
ATOM   68   C  CD1 . PHE A 1 10  ? 12.778  -5.307  -2.775  1.00 38.34 ? 10  PHE A CD1 1 
ATOM   69   C  CD2 . PHE A 1 10  ? 12.515  -6.374  -0.664  1.00 38.73 ? 10  PHE A CD2 1 
ATOM   70   C  CE1 . PHE A 1 10  ? 11.929  -4.291  -2.370  1.00 38.46 ? 10  PHE A CE1 1 
ATOM   71   C  CE2 . PHE A 1 10  ? 11.663  -5.358  -0.256  1.00 38.39 ? 10  PHE A CE2 1 
ATOM   72   C  CZ  . PHE A 1 10  ? 11.373  -4.318  -1.108  1.00 38.07 ? 10  PHE A CZ  1 
ATOM   73   N  N   . ASN A 1 11  ? 16.187  -4.945  -2.036  1.00 34.15 ? 11  ASN A N   1 
ATOM   74   C  CA  . ASN A 1 11  ? 16.867  -4.156  -1.032  1.00 32.19 ? 11  ASN A CA  1 
ATOM   75   C  C   . ASN A 1 11  ? 15.788  -3.325  -0.356  1.00 30.11 ? 11  ASN A C   1 
ATOM   76   O  O   . ASN A 1 11  ? 15.406  -2.286  -0.872  1.00 29.77 ? 11  ASN A O   1 
ATOM   77   C  CB  . ASN A 1 11  ? 17.932  -3.261  -1.670  1.00 32.34 ? 11  ASN A CB  1 
ATOM   78   C  CG  . ASN A 1 11  ? 18.950  -2.736  -0.657  1.00 33.98 ? 11  ASN A CG  1 
ATOM   79   O  OD1 . ASN A 1 11  ? 19.975  -2.153  -1.029  1.00 35.95 ? 11  ASN A OD1 1 
ATOM   80   N  ND2 . ASN A 1 11  ? 18.675  -2.947  0.625   1.00 35.36 ? 11  ASN A ND2 1 
ATOM   81   N  N   . VAL A 1 12  ? 15.264  -3.806  0.770   1.00 27.95 ? 12  VAL A N   1 
ATOM   82   C  CA  . VAL A 1 12  ? 14.249  -3.049  1.505   1.00 25.67 ? 12  VAL A CA  1 
ATOM   83   C  C   . VAL A 1 12  ? 14.755  -1.652  1.829   1.00 23.89 ? 12  VAL A C   1 
ATOM   84   O  O   . VAL A 1 12  ? 13.980  -0.697  1.886   1.00 22.57 ? 12  VAL A O   1 
ATOM   85   C  CB  . VAL A 1 12  ? 13.855  -3.727  2.821   1.00 25.70 ? 12  VAL A CB  1 
ATOM   86   C  CG1 . VAL A 1 12  ? 12.963  -4.918  2.556   1.00 26.70 ? 12  VAL A CG1 1 
ATOM   87   C  CG2 . VAL A 1 12  ? 15.098  -4.137  3.613   1.00 25.73 ? 12  VAL A CG2 1 
ATOM   88   N  N   . GLU A 1 13  ? 16.061  -1.531  2.045   1.00 22.26 ? 13  GLU A N   1 
ATOM   89   C  CA  . GLU A 1 13  ? 16.651  -0.245  2.370   1.00 21.06 ? 13  GLU A CA  1 
ATOM   90   C  C   . GLU A 1 13  ? 16.275  0.851   1.375   1.00 19.25 ? 13  GLU A C   1 
ATOM   91   O  O   . GLU A 1 13  ? 16.035  1.990   1.753   1.00 17.24 ? 13  GLU A O   1 
ATOM   92   C  CB  . GLU A 1 13  ? 18.166  -0.369  2.422   1.00 21.93 ? 13  GLU A CB  1 
ATOM   93   C  CG  . GLU A 1 13  ? 18.740  0.916   2.441   1.00 25.66 ? 13  GLU A CG  1 
ATOM   94   N  N   . LYS A 1 14  ? 16.190  0.491   0.102   1.00 17.36 ? 14  LYS A N   1 
ATOM   95   C  CA  . LYS A 1 14  ? 15.908  1.477   -0.924  1.00 16.71 ? 14  LYS A CA  1 
ATOM   96   C  C   . LYS A 1 14  ? 14.469  1.991   -0.953  1.00 15.31 ? 14  LYS A C   1 
ATOM   97   O  O   . LYS A 1 14  ? 14.185  2.891   -1.721  1.00 15.70 ? 14  LYS A O   1 
ATOM   98   C  CB  . LYS A 1 14  ? 16.306  0.961   -2.307  1.00 17.12 ? 14  LYS A CB  1 
ATOM   99   C  CG  . LYS A 1 14  ? 17.774  0.688   -2.446  1.00 19.79 ? 14  LYS A CG  1 
ATOM   100  C  CD  . LYS A 1 14  ? 18.083  0.258   -3.886  1.00 24.65 ? 14  LYS A CD  1 
ATOM   101  C  CE  . LYS A 1 14  ? 18.399  1.474   -4.741  1.00 26.72 ? 14  LYS A CE  1 
ATOM   102  N  NZ  . LYS A 1 14  ? 19.576  2.200   -4.176  1.00 28.52 ? 14  LYS A NZ  1 
ATOM   103  N  N   . ILE A 1 15  ? 13.565  1.424   -0.146  1.00 13.98 ? 15  ILE A N   1 
ATOM   104  C  CA  . ILE A 1 15  ? 12.196  1.985   -0.100  1.00 13.07 ? 15  ILE A CA  1 
ATOM   105  C  C   . ILE A 1 15  ? 12.029  3.026   0.998   1.00 12.19 ? 15  ILE A C   1 
ATOM   106  O  O   . ILE A 1 15  ? 10.930  3.583   1.183   1.00 12.19 ? 15  ILE A O   1 
ATOM   107  C  CB  . ILE A 1 15  ? 11.092  0.921   -0.019  1.00 13.14 ? 15  ILE A CB  1 
ATOM   108  C  CG1 . ILE A 1 15  ? 11.110  0.212   1.337   1.00 13.08 ? 15  ILE A CG1 1 
ATOM   109  C  CG2 . ILE A 1 15  ? 11.207  -0.066  -1.189  1.00 12.99 ? 15  ILE A CG2 1 
ATOM   110  C  CD1 . ILE A 1 15  ? 9.938   -0.726  1.519   1.00 13.78 ? 15  ILE A CD1 1 
ATOM   111  N  N   . ASN A 1 16  ? 13.109  3.264   1.741   1.00 11.63 ? 16  ASN A N   1 
ATOM   112  C  CA  . ASN A 1 16  ? 13.109  4.304   2.770   1.00 10.67 ? 16  ASN A CA  1 
ATOM   113  C  C   . ASN A 1 16  ? 12.702  5.666   2.213   1.00 10.02 ? 16  ASN A C   1 
ATOM   114  O  O   . ASN A 1 16  ? 13.033  6.022   1.071   1.00 8.82  ? 16  ASN A O   1 
ATOM   115  C  CB  . ASN A 1 16  ? 14.508  4.428   3.412   1.00 11.19 ? 16  ASN A CB  1 
ATOM   116  C  CG  . ASN A 1 16  ? 14.501  5.229   4.701   1.00 13.39 ? 16  ASN A CG  1 
ATOM   117  O  OD1 . ASN A 1 16  ? 13.950  4.797   5.724   1.00 16.76 ? 16  ASN A OD1 1 
ATOM   118  N  ND2 . ASN A 1 16  ? 15.133  6.402   4.668   1.00 16.18 ? 16  ASN A ND2 1 
ATOM   119  N  N   . GLY A 1 17  ? 11.975  6.436   3.017   1.00 9.04  ? 17  GLY A N   1 
ATOM   120  C  CA  . GLY A 1 17  ? 11.676  7.801   2.641   1.00 8.72  ? 17  GLY A CA  1 
ATOM   121  C  C   . GLY A 1 17  ? 10.242  8.138   2.217   1.00 8.45  ? 17  GLY A C   1 
ATOM   122  O  O   . GLY A 1 17  ? 9.273   7.478   2.588   1.00 9.00  ? 17  GLY A O   1 
ATOM   123  N  N   . GLU A 1 18  ? 10.152  9.218   1.452   1.00 8.91  ? 18  GLU A N   1 
ATOM   124  C  CA  . GLU A 1 18  ? 8.889   9.792   1.044   1.00 9.92  ? 18  GLU A CA  1 
ATOM   125  C  C   . GLU A 1 18  ? 8.093   8.963   0.034   1.00 9.69  ? 18  GLU A C   1 
ATOM   126  O  O   . GLU A 1 18  ? 8.623   8.486   -0.953  1.00 10.58 ? 18  GLU A O   1 
ATOM   127  C  CB  . GLU A 1 18  ? 9.116   11.206  0.502   1.00 10.70 ? 18  GLU A CB  1 
ATOM   128  C  CG  . GLU A 1 18  ? 7.846   11.915  0.099   1.00 12.37 ? 18  GLU A CG  1 
ATOM   129  C  CD  . GLU A 1 18  ? 8.117   13.166  -0.719  1.00 13.82 ? 18  GLU A CD  1 
ATOM   130  O  OE1 . GLU A 1 18  ? 9.274   13.392  -1.128  1.00 17.63 ? 18  GLU A OE1 1 
ATOM   131  O  OE2 . GLU A 1 18  ? 7.157   13.916  -0.956  1.00 16.16 ? 18  GLU A OE2 1 
ATOM   132  N  N   . TRP A 1 19  ? 6.808   8.800   0.318   1.00 9.81  ? 19  TRP A N   1 
ATOM   133  C  CA  . TRP A 1 19  ? 5.877   8.145   -0.607  1.00 9.94  ? 19  TRP A CA  1 
ATOM   134  C  C   . TRP A 1 19  ? 4.542   8.859   -0.573  1.00 10.90 ? 19  TRP A C   1 
ATOM   135  O  O   . TRP A 1 19  ? 4.276   9.649   0.340   1.00 12.11 ? 19  TRP A O   1 
ATOM   136  C  CB  . TRP A 1 19  ? 5.661   6.662   -0.258  1.00 10.51 ? 19  TRP A CB  1 
ATOM   137  C  CG  . TRP A 1 19  ? 6.866   5.824   -0.522  1.00 10.76 ? 19  TRP A CG  1 
ATOM   138  C  CD1 . TRP A 1 19  ? 7.798   5.416   0.391   1.00 10.18 ? 19  TRP A CD1 1 
ATOM   139  C  CD2 . TRP A 1 19  ? 7.288   5.297   -1.793  1.00 10.50 ? 19  TRP A CD2 1 
ATOM   140  N  NE1 . TRP A 1 19  ? 8.769   4.666   -0.232  1.00 11.06 ? 19  TRP A NE1 1 
ATOM   141  C  CE2 . TRP A 1 19  ? 8.486   4.586   -1.568  1.00 9.50  ? 19  TRP A CE2 1 
ATOM   142  C  CE3 . TRP A 1 19  ? 6.772   5.358   -3.101  1.00 9.47  ? 19  TRP A CE3 1 
ATOM   143  C  CZ2 . TRP A 1 19  ? 9.181   3.942   -2.596  1.00 9.90  ? 19  TRP A CZ2 1 
ATOM   144  C  CZ3 . TRP A 1 19  ? 7.467   4.724   -4.124  1.00 12.14 ? 19  TRP A CZ3 1 
ATOM   145  C  CH2 . TRP A 1 19  ? 8.651   4.010   -3.853  1.00 12.93 ? 19  TRP A CH2 1 
ATOM   146  N  N   . HIS A 1 20  ? 3.729   8.609   -1.586  1.00 10.94 ? 20  HIS A N   1 
ATOM   147  C  CA  . HIS A 1 20  ? 2.371   9.151   -1.648  1.00 10.96 ? 20  HIS A CA  1 
ATOM   148  C  C   . HIS A 1 20  ? 1.433   8.067   -2.113  1.00 11.21 ? 20  HIS A C   1 
ATOM   149  O  O   . HIS A 1 20  ? 1.790   7.267   -2.977  1.00 11.59 ? 20  HIS A O   1 
ATOM   150  C  CB  . HIS A 1 20  ? 2.298   10.293  -2.639  1.00 11.12 ? 20  HIS A CB  1 
ATOM   151  C  CG  . HIS A 1 20  ? 3.316   11.344  -2.390  1.00 12.72 ? 20  HIS A CG  1 
ATOM   152  N  ND1 . HIS A 1 20  ? 3.048   12.488  -1.667  1.00 17.49 ? 20  HIS A ND1 1 
ATOM   153  C  CD2 . HIS A 1 20  ? 4.600   11.439  -2.789  1.00 9.69  ? 20  HIS A CD2 1 
ATOM   154  C  CE1 . HIS A 1 20  ? 4.137   13.228  -1.615  1.00 10.21 ? 20  HIS A CE1 1 
ATOM   155  N  NE2 . HIS A 1 20  ? 5.091   12.621  -2.292  1.00 16.97 ? 20  HIS A NE2 1 
ATOM   156  N  N   . THR A 1 21  ? 0.222   8.033   -1.553  1.00 10.59 ? 21  THR A N   1 
ATOM   157  C  CA  . THR A 1 21  ? -0.757  7.082   -2.025  1.00 10.12 ? 21  THR A CA  1 
ATOM   158  C  C   . THR A 1 21  ? -1.292  7.583   -3.365  1.00 11.06 ? 21  THR A C   1 
ATOM   159  O  O   . THR A 1 21  ? -1.732  8.704   -3.443  1.00 12.21 ? 21  THR A O   1 
ATOM   160  C  CB  . THR A 1 21  ? -1.932  6.957   -1.028  1.00 10.43 ? 21  THR A CB  1 
ATOM   161  O  OG1 . THR A 1 21  ? -1.481  6.335   0.182   1.00 9.28  ? 21  THR A OG1 1 
ATOM   162  C  CG2 . THR A 1 21  ? -3.007  5.994   -1.563  1.00 10.25 ? 21  THR A CG2 1 
ATOM   163  N  N   . ILE A 1 22  ? -1.206  6.782   -4.427  1.00 10.80 ? 22  ILE A N   1 
ATOM   164  C  CA  . ILE A 1 22  ? -1.754  7.183   -5.722  1.00 11.49 ? 22  ILE A CA  1 
ATOM   165  C  C   . ILE A 1 22  ? -3.063  6.445   -6.008  1.00 11.74 ? 22  ILE A C   1 
ATOM   166  O  O   . ILE A 1 22  ? -4.080  7.070   -6.365  1.00 11.42 ? 22  ILE A O   1 
ATOM   167  C  CB  . ILE A 1 22  ? -0.723  6.925   -6.860  1.00 11.40 ? 22  ILE A CB  1 
ATOM   168  C  CG1 . ILE A 1 22  ? 0.649   7.510   -6.485  1.00 13.41 ? 22  ILE A CG1 1 
ATOM   169  C  CG2 . ILE A 1 22  ? -1.254  7.434   -8.225  1.00 13.48 ? 22  ILE A CG2 1 
ATOM   170  C  CD1 . ILE A 1 22  ? 0.608   8.950   -6.062  1.00 14.41 ? 22  ILE A CD1 1 
ATOM   171  N  N   . ILE A 1 23  ? -3.047  5.120   -5.864  1.00 11.30 ? 23  ILE A N   1 
ATOM   172  C  CA  . ILE A 1 23  ? -4.262  4.309   -6.141  1.00 11.90 ? 23  ILE A CA  1 
ATOM   173  C  C   . ILE A 1 23  ? -4.438  3.209   -5.099  1.00 11.81 ? 23  ILE A C   1 
ATOM   174  O  O   . ILE A 1 23  ? -3.476  2.557   -4.702  1.00 11.15 ? 23  ILE A O   1 
ATOM   175  C  CB  . ILE A 1 23  ? -4.200  3.651   -7.546  1.00 12.73 ? 23  ILE A CB  1 
ATOM   176  C  CG1 . ILE A 1 23  ? -3.943  4.684   -8.639  1.00 14.68 ? 23  ILE A CG1 1 
ATOM   177  C  CG2 . ILE A 1 23  ? -5.519  2.869   -7.872  1.00 11.50 ? 23  ILE A CG2 1 
ATOM   178  C  CD1 . ILE A 1 23  ? -4.015  4.085   -10.058 1.00 16.88 ? 23  ILE A CD1 1 
ATOM   179  N  N   . LEU A 1 24  ? -5.672  3.006   -4.646  1.00 11.92 ? 24  LEU A N   1 
ATOM   180  C  CA  . LEU A 1 24  ? -5.979  1.883   -3.777  1.00 11.03 ? 24  LEU A CA  1 
ATOM   181  C  C   . LEU A 1 24  ? -6.976  0.988   -4.513  1.00 12.05 ? 24  LEU A C   1 
ATOM   182  O  O   . LEU A 1 24  ? -7.791  1.471   -5.298  1.00 11.80 ? 24  LEU A O   1 
ATOM   183  C  CB  . LEU A 1 24  ? -6.539  2.354   -2.415  1.00 11.92 ? 24  LEU A CB  1 
ATOM   184  C  CG  . LEU A 1 24  ? -5.582  3.174   -1.533  1.00 11.59 ? 24  LEU A CG  1 
ATOM   185  C  CD1 . LEU A 1 24  ? -6.274  3.565   -0.213  1.00 13.76 ? 24  LEU A CD1 1 
ATOM   186  C  CD2 . LEU A 1 24  ? -4.286  2.419   -1.244  1.00 13.75 ? 24  LEU A CD2 1 
ATOM   187  N  N   . ALA A 1 25  ? -6.876  -0.314  -4.298  1.00 11.45 ? 25  ALA A N   1 
ATOM   188  C  CA  . ALA A 1 25  ? -7.830  -1.284  -4.858  1.00 12.60 ? 25  ALA A CA  1 
ATOM   189  C  C   . ALA A 1 25  ? -8.178  -2.316  -3.802  1.00 13.35 ? 25  ALA A C   1 
ATOM   190  O  O   . ALA A 1 25  ? -7.370  -2.629  -2.950  1.00 13.55 ? 25  ALA A O   1 
ATOM   191  C  CB  . ALA A 1 25  ? -7.265  -1.948  -6.123  1.00 12.89 ? 25  ALA A CB  1 
ATOM   192  N  N   . SER A 1 26  ? -9.391  -2.849  -3.842  1.00 14.83 ? 26  SER A N   1 
ATOM   193  C  CA  . SER A 1 26  ? -9.755  -3.853  -2.856  1.00 16.28 ? 26  SER A CA  1 
ATOM   194  C  C   . SER A 1 26  ? -10.900 -4.730  -3.299  1.00 17.42 ? 26  SER A C   1 
ATOM   195  O  O   . SER A 1 26  ? -11.751 -4.309  -4.085  1.00 17.03 ? 26  SER A O   1 
ATOM   196  C  CB  . SER A 1 26  ? -10.137 -3.202  -1.525  1.00 16.24 ? 26  SER A CB  1 
ATOM   197  O  OG  . SER A 1 26  ? -10.437 -4.219  -0.578  1.00 17.94 ? 26  SER A OG  1 
ATOM   198  N  N   . ASP A 1 27  ? -10.874 -5.948  -2.772  1.00 19.24 ? 27  ASP A N   1 
ATOM   199  C  CA  . ASP A 1 27  ? -11.910 -6.960  -2.891  1.00 21.65 ? 27  ASP A CA  1 
ATOM   200  C  C   . ASP A 1 27  ? -13.198 -6.462  -2.256  1.00 21.97 ? 27  ASP A C   1 
ATOM   201  O  O   . ASP A 1 27  ? -14.304 -6.866  -2.651  1.00 22.89 ? 27  ASP A O   1 
ATOM   202  C  CB  . ASP A 1 27  ? -11.463 -8.200  -2.092  1.00 23.04 ? 27  ASP A CB  1 
ATOM   203  C  CG  . ASP A 1 27  ? -10.878 -9.265  -2.965  1.00 25.78 ? 27  ASP A CG  1 
ATOM   204  O  OD1 . ASP A 1 27  ? -10.815 -9.040  -4.182  1.00 31.96 ? 27  ASP A OD1 1 
ATOM   205  O  OD2 . ASP A 1 27  ? -10.481 -10.367 -2.540  1.00 29.23 ? 27  ASP A OD2 1 
ATOM   206  N  N   . LYS A 1 28  ? -13.053 -5.621  -1.238  1.00 21.37 ? 28  LYS A N   1 
ATOM   207  C  CA  . LYS A 1 28  ? -14.194 -5.074  -0.511  1.00 22.03 ? 28  LYS A CA  1 
ATOM   208  C  C   . LYS A 1 28  ? -14.094 -3.564  -0.583  1.00 21.17 ? 28  LYS A C   1 
ATOM   209  O  O   . LYS A 1 28  ? -13.401 -2.930  0.211   1.00 20.46 ? 28  LYS A O   1 
ATOM   210  C  CB  . LYS A 1 28  ? -14.191 -5.539  0.948   1.00 22.60 ? 28  LYS A CB  1 
ATOM   211  C  CG  . LYS A 1 28  ? -14.714 -6.953  1.162   1.00 24.97 ? 28  LYS A CG  1 
ATOM   212  C  CD  . LYS A 1 28  ? -14.776 -7.303  2.646   1.00 28.69 ? 28  LYS A CD  1 
ATOM   213  C  CE  . LYS A 1 28  ? -15.130 -8.766  2.841   1.00 30.70 ? 28  LYS A CE  1 
ATOM   214  N  NZ  . LYS A 1 28  ? -15.350 -9.108  4.273   1.00 32.95 ? 28  LYS A NZ  1 
ATOM   215  N  N   . ARG A 1 29  ? -14.810 -2.993  -1.545  1.00 20.62 ? 29  ARG A N   1 
ATOM   216  C  CA  . ARG A 1 29  ? -14.690 -1.584  -1.848  1.00 20.45 ? 29  ARG A CA  1 
ATOM   217  C  C   . ARG A 1 29  ? -14.948 -0.650  -0.664  1.00 20.30 ? 29  ARG A C   1 
ATOM   218  O  O   . ARG A 1 29  ? -14.278 0.364   -0.525  1.00 19.89 ? 29  ARG A O   1 
ATOM   219  C  CB  . ARG A 1 29  ? -15.591 -1.242  -3.040  1.00 20.50 ? 29  ARG A CB  1 
ATOM   220  C  CG  . ARG A 1 29  ? -15.112 -0.074  -3.873  1.00 23.64 ? 29  ARG A CG  1 
ATOM   221  C  CD  . ARG A 1 29  ? -15.912 0.123   -5.152  1.00 28.49 ? 29  ARG A CD  1 
ATOM   222  N  NE  . ARG A 1 29  ? -16.014 1.524   -5.537  1.00 32.13 ? 29  ARG A NE  1 
ATOM   223  C  CZ  . ARG A 1 29  ? -17.118 2.067   -6.044  1.00 34.73 ? 29  ARG A CZ  1 
ATOM   224  N  NH1 . ARG A 1 29  ? -18.204 1.323   -6.224  1.00 36.29 ? 29  ARG A NH1 1 
ATOM   225  N  NH2 . ARG A 1 29  ? -17.144 3.352   -6.371  1.00 35.98 ? 29  ARG A NH2 1 
ATOM   226  N  N   . GLU A 1 30  ? -15.891 -1.008  0.203   1.00 20.05 ? 30  GLU A N   1 
ATOM   227  C  CA  . GLU A 1 30  ? -16.214 -0.146  1.336   1.00 20.57 ? 30  GLU A CA  1 
ATOM   228  C  C   . GLU A 1 30  ? -14.985 0.186   2.198   1.00 20.01 ? 30  GLU A C   1 
ATOM   229  O  O   . GLU A 1 30  ? -14.934 1.237   2.823   1.00 19.60 ? 30  GLU A O   1 
ATOM   230  C  CB  . GLU A 1 30  ? -17.321 -0.784  2.196   1.00 20.83 ? 30  GLU A CB  1 
ATOM   231  C  CG  . GLU A 1 30  ? -16.826 -1.905  3.089   1.00 24.55 ? 30  GLU A CG  1 
ATOM   232  C  CD  . GLU A 1 30  ? -17.942 -2.788  3.633   1.00 28.77 ? 30  GLU A CD  1 
ATOM   233  O  OE1 . GLU A 1 30  ? -18.945 -2.249  4.160   1.00 30.35 ? 30  GLU A OE1 1 
ATOM   234  O  OE2 . GLU A 1 30  ? -17.797 -4.027  3.549   1.00 30.86 ? 30  GLU A OE2 1 
ATOM   235  N  N   . LYS A 1 31  ? -13.997 -0.708  2.217   1.00 19.16 ? 31  LYS A N   1 
ATOM   236  C  CA  . LYS A 1 31  ? -12.808 -0.526  3.040   1.00 19.18 ? 31  LYS A CA  1 
ATOM   237  C  C   . LYS A 1 31  ? -11.983 0.684   2.614   1.00 18.37 ? 31  LYS A C   1 
ATOM   238  O  O   . LYS A 1 31  ? -11.292 1.293   3.433   1.00 17.96 ? 31  LYS A O   1 
ATOM   239  C  CB  . LYS A 1 31  ? -11.936 -1.793  3.020   1.00 19.40 ? 31  LYS A CB  1 
ATOM   240  C  CG  . LYS A 1 31  ? -12.614 -3.086  3.490   1.00 21.55 ? 31  LYS A CG  1 
ATOM   241  C  CD  . LYS A 1 31  ? -12.834 -3.131  4.987   1.00 25.31 ? 31  LYS A CD  1 
ATOM   242  C  CE  . LYS A 1 31  ? -13.499 -4.447  5.389   1.00 27.18 ? 31  LYS A CE  1 
ATOM   243  N  NZ  . LYS A 1 31  ? -13.466 -4.656  6.864   1.00 30.22 ? 31  LYS A NZ  1 
ATOM   244  N  N   . ILE A 1 32  ? -12.069 1.033   1.332   1.00 17.74 ? 32  ILE A N   1 
ATOM   245  C  CA  . ILE A 1 32  ? -11.281 2.112   0.763   1.00 18.02 ? 32  ILE A CA  1 
ATOM   246  C  C   . ILE A 1 32  ? -12.099 3.344   0.373   1.00 19.05 ? 32  ILE A C   1 
ATOM   247  O  O   . ILE A 1 32  ? -11.552 4.356   -0.073  1.00 18.94 ? 32  ILE A O   1 
ATOM   248  C  CB  . ILE A 1 32  ? -10.527 1.598   -0.481  1.00 17.13 ? 32  ILE A CB  1 
ATOM   249  C  CG1 . ILE A 1 32  ? -9.647  0.410   -0.105  0.50 17.17 ? 32  ILE A CG1 1 
ATOM   250  C  CG2 . ILE A 1 32  ? -9.705  2.720   -1.091  0.50 17.75 ? 32  ILE A CG2 1 
ATOM   251  C  CD1 . ILE A 1 32  ? -8.584  0.742   0.850   0.50 17.45 ? 32  ILE A CD1 1 
ATOM   252  N  N   . GLU A 1 33  ? -13.409 3.270   0.557   1.00 20.50 ? 33  GLU A N   1 
ATOM   253  C  CA  . GLU A 1 33  ? -14.242 4.408   0.214   1.00 22.47 ? 33  GLU A CA  1 
ATOM   254  C  C   . GLU A 1 33  ? -14.137 5.505   1.272   1.00 23.43 ? 33  GLU A C   1 
ATOM   255  O  O   . GLU A 1 33  ? -13.449 5.348   2.280   1.00 23.08 ? 33  GLU A O   1 
ATOM   256  C  CB  . GLU A 1 33  ? -15.690 3.966   0.004   1.00 22.77 ? 33  GLU A CB  1 
ATOM   257  C  CG  . GLU A 1 33  ? -15.880 3.265   -1.327  1.00 24.04 ? 33  GLU A CG  1 
ATOM   258  C  CD  . GLU A 1 33  ? -17.268 2.701   -1.491  1.00 27.41 ? 33  GLU A CD  1 
ATOM   259  O  OE1 . GLU A 1 33  ? -18.081 2.854   -0.553  1.00 29.53 ? 33  GLU A OE1 1 
ATOM   260  O  OE2 . GLU A 1 33  ? -17.540 2.107   -2.557  1.00 28.96 ? 33  GLU A OE2 1 
ATOM   261  N  N   . ASP A 1 34  ? -14.818 6.617   1.014   1.00 24.87 ? 34  ASP A N   1 
ATOM   262  C  CA  . ASP A 1 34  ? -14.810 7.794   1.882   1.00 26.71 ? 34  ASP A CA  1 
ATOM   263  C  C   . ASP A 1 34  ? -14.651 7.525   3.369   1.00 26.90 ? 34  ASP A C   1 
ATOM   264  O  O   . ASP A 1 34  ? -13.839 8.167   4.022   1.00 27.66 ? 34  ASP A O   1 
ATOM   265  C  CB  . ASP A 1 34  ? -16.105 8.580   1.682   1.00 27.13 ? 34  ASP A CB  1 
ATOM   266  C  CG  . ASP A 1 34  ? -16.098 9.413   0.418   1.00 30.01 ? 34  ASP A CG  1 
ATOM   267  O  OD1 . ASP A 1 34  ? -15.710 8.890   -0.646  1.00 33.63 ? 34  ASP A OD1 1 
ATOM   268  O  OD2 . ASP A 1 34  ? -16.470 10.605  0.396   1.00 33.66 ? 34  ASP A OD2 1 
ATOM   269  N  N   . ASN A 1 35  ? -15.426 6.599   3.922   1.00 27.40 ? 35  ASN A N   1 
ATOM   270  C  CA  . ASN A 1 35  ? -15.363 6.388   5.371   1.00 27.76 ? 35  ASN A CA  1 
ATOM   271  C  C   . ASN A 1 35  ? -14.551 5.170   5.777   1.00 26.77 ? 35  ASN A C   1 
ATOM   272  O  O   . ASN A 1 35  ? -14.519 4.809   6.946   1.00 27.05 ? 35  ASN A O   1 
ATOM   273  C  CB  . ASN A 1 35  ? -16.768 6.299   5.971   1.00 28.41 ? 35  ASN A CB  1 
ATOM   274  C  CG  . ASN A 1 35  ? -17.669 7.411   5.497   1.00 30.13 ? 35  ASN A CG  1 
ATOM   275  O  OD1 . ASN A 1 35  ? -17.537 8.557   5.926   1.00 33.50 ? 35  ASN A OD1 1 
ATOM   276  N  ND2 . ASN A 1 35  ? -18.590 7.082   4.600   1.00 32.35 ? 35  ASN A ND2 1 
ATOM   277  N  N   . GLY A 1 36  ? -13.879 4.562   4.804   1.00 25.28 ? 36  GLY A N   1 
ATOM   278  C  CA  . GLY A 1 36  ? -13.134 3.338   5.028   1.00 23.39 ? 36  GLY A CA  1 
ATOM   279  C  C   . GLY A 1 36  ? -11.874 3.435   5.869   1.00 22.02 ? 36  GLY A C   1 
ATOM   280  O  O   . GLY A 1 36  ? -11.095 4.380   5.736   1.00 21.60 ? 36  GLY A O   1 
ATOM   281  N  N   . ASN A 1 37  ? -11.670 2.418   6.707   1.00 21.03 ? 37  ASN A N   1 
ATOM   282  C  CA  . ASN A 1 37  ? -10.517 2.337   7.605   1.00 20.33 ? 37  ASN A CA  1 
ATOM   283  C  C   . ASN A 1 37  ? -9.197  2.149   6.883   1.00 19.10 ? 37  ASN A C   1 
ATOM   284  O  O   . ASN A 1 37  ? -8.135  2.394   7.450   1.00 18.52 ? 37  ASN A O   1 
ATOM   285  C  CB  . ASN A 1 37  ? -10.702 1.195   8.608   1.00 20.73 ? 37  ASN A CB  1 
ATOM   286  C  CG  . ASN A 1 37  ? -11.582 1.595   9.762   1.00 22.60 ? 37  ASN A CG  1 
ATOM   287  O  OD1 . ASN A 1 37  ? -11.842 2.782   9.955   1.00 24.29 ? 37  ASN A OD1 1 
ATOM   288  N  ND2 . ASN A 1 37  ? -12.049 0.617   10.531  1.00 24.47 ? 37  ASN A ND2 1 
ATOM   289  N  N   . PHE A 1 38  ? -9.266  1.708   5.631   1.00 17.52 ? 38  PHE A N   1 
ATOM   290  C  CA  . PHE A 1 38  ? -8.044  1.454   4.874   1.00 16.44 ? 38  PHE A CA  1 
ATOM   291  C  C   . PHE A 1 38  ? -7.778  2.520   3.815   1.00 16.31 ? 38  PHE A C   1 
ATOM   292  O  O   . PHE A 1 38  ? -6.913  2.358   2.948   1.00 15.40 ? 38  PHE A O   1 
ATOM   293  C  CB  . PHE A 1 38  ? -8.063  0.032   4.283   1.00 16.62 ? 38  PHE A CB  1 
ATOM   294  C  CG  . PHE A 1 38  ? -7.869  -1.040  5.315   1.00 17.02 ? 38  PHE A CG  1 
ATOM   295  C  CD1 . PHE A 1 38  ? -8.907  -1.405  6.154   1.00 17.58 ? 38  PHE A CD1 1 
ATOM   296  C  CD2 . PHE A 1 38  ? -6.631  -1.669  5.470   1.00 16.93 ? 38  PHE A CD2 1 
ATOM   297  C  CE1 . PHE A 1 38  ? -8.729  -2.377  7.133   1.00 17.36 ? 38  PHE A CE1 1 
ATOM   298  C  CE2 . PHE A 1 38  ? -6.443  -2.651  6.455   1.00 17.19 ? 38  PHE A CE2 1 
ATOM   299  C  CZ  . PHE A 1 38  ? -7.501  -3.004  7.284   1.00 17.27 ? 38  PHE A CZ  1 
ATOM   300  N  N   . ARG A 1 39  ? -8.533  3.607   3.864   1.00 16.36 ? 39  ARG A N   1 
ATOM   301  C  CA  . ARG A 1 39  ? -8.307  4.714   2.939   1.00 16.39 ? 39  ARG A CA  1 
ATOM   302  C  C   . ARG A 1 39  ? -7.207  5.543   3.582   1.00 16.51 ? 39  ARG A C   1 
ATOM   303  O  O   . ARG A 1 39  ? -7.461  6.575   4.218   1.00 16.58 ? 39  ARG A O   1 
ATOM   304  C  CB  . ARG A 1 39  ? -9.600  5.508   2.752   1.00 17.31 ? 39  ARG A CB  1 
ATOM   305  C  CG  . ARG A 1 39  ? -9.552  6.665   1.774   1.00 19.79 ? 39  ARG A CG  1 
ATOM   306  C  CD  . ARG A 1 39  ? -10.969 7.100   1.362   1.00 21.38 ? 39  ARG A CD  1 
ATOM   307  N  NE  . ARG A 1 39  ? -11.001 8.179   0.382   1.00 24.60 ? 39  ARG A NE  1 
ATOM   308  C  CZ  . ARG A 1 39  ? -11.563 8.081   -0.820  1.00 24.38 ? 39  ARG A CZ  1 
ATOM   309  N  NH1 . ARG A 1 39  ? -11.552 9.126   -1.635  1.00 26.32 ? 39  ARG A NH1 1 
ATOM   310  N  NH2 . ARG A 1 39  ? -12.130 6.944   -1.216  1.00 23.48 ? 39  ARG A NH2 1 
ATOM   311  N  N   . LEU A 1 40  ? -5.972  5.061   3.443   1.00 15.37 ? 40  LEU A N   1 
ATOM   312  C  CA  . LEU A 1 40  ? -4.839  5.657   4.131   1.00 14.59 ? 40  LEU A CA  1 
ATOM   313  C  C   . LEU A 1 40  ? -3.875  6.256   3.146   1.00 13.07 ? 40  LEU A C   1 
ATOM   314  O  O   . LEU A 1 40  ? -3.581  5.658   2.095   1.00 12.24 ? 40  LEU A O   1 
ATOM   315  C  CB  . LEU A 1 40  ? -4.129  4.616   4.994   1.00 14.58 ? 40  LEU A CB  1 
ATOM   316  C  CG  . LEU A 1 40  ? -4.995  4.014   6.104   1.00 16.71 ? 40  LEU A CG  1 
ATOM   317  C  CD1 . LEU A 1 40  ? -4.382  2.738   6.653   1.00 18.84 ? 40  LEU A CD1 1 
ATOM   318  C  CD2 . LEU A 1 40  ? -5.202  5.040   7.195   1.00 19.40 ? 40  LEU A CD2 1 
ATOM   319  N  N   . PHE A 1 41  ? -3.410  7.451   3.492   1.00 11.61 ? 41  PHE A N   1 
ATOM   320  C  CA  . PHE A 1 41  ? -2.512  8.215   2.659   1.00 12.13 ? 41  PHE A CA  1 
ATOM   321  C  C   . PHE A 1 41  ? -1.119  8.150   3.260   1.00 12.07 ? 41  PHE A C   1 
ATOM   322  O  O   . PHE A 1 41  ? -0.812  8.808   4.256   1.00 11.60 ? 41  PHE A O   1 
ATOM   323  C  CB  . PHE A 1 41  ? -2.988  9.660   2.572   1.00 13.22 ? 41  PHE A CB  1 
ATOM   324  C  CG  . PHE A 1 41  ? -4.296  9.811   1.884   1.00 13.86 ? 41  PHE A CG  1 
ATOM   325  C  CD1 . PHE A 1 41  ? -5.466  9.927   2.610   1.00 17.34 ? 41  PHE A CD1 1 
ATOM   326  C  CD2 . PHE A 1 41  ? -4.357  9.849   0.499   1.00 16.60 ? 41  PHE A CD2 1 
ATOM   327  C  CE1 . PHE A 1 41  ? -6.693  10.052  1.954   1.00 19.07 ? 41  PHE A CE1 1 
ATOM   328  C  CE2 . PHE A 1 41  ? -5.566  10.002  -0.163  1.00 18.27 ? 41  PHE A CE2 1 
ATOM   329  C  CZ  . PHE A 1 41  ? -6.740  10.092  0.575   1.00 19.67 ? 41  PHE A CZ  1 
ATOM   330  N  N   . LEU A 1 42  ? -0.287  7.329   2.643   1.00 11.61 ? 42  LEU A N   1 
ATOM   331  C  CA  . LEU A 1 42  ? 1.069   7.124   3.093   1.00 12.27 ? 42  LEU A CA  1 
ATOM   332  C  C   . LEU A 1 42  ? 1.893   8.388   2.912   1.00 12.85 ? 42  LEU A C   1 
ATOM   333  O  O   . LEU A 1 42  ? 1.716   9.113   1.933   1.00 14.19 ? 42  LEU A O   1 
ATOM   334  C  CB  . LEU A 1 42  ? 1.684   5.980   2.283   1.00 11.44 ? 42  LEU A CB  1 
ATOM   335  C  CG  . LEU A 1 42  ? 3.065   5.495   2.709   1.00 11.98 ? 42  LEU A CG  1 
ATOM   336  C  CD1 . LEU A 1 42  ? 3.086   5.095   4.171   1.00 13.87 ? 42  LEU A CD1 1 
ATOM   337  C  CD2 . LEU A 1 42  ? 3.472   4.313   1.826   1.00 13.24 ? 42  LEU A CD2 1 
ATOM   338  N  N   . GLU A 1 43  ? 2.796   8.658   3.858   1.00 12.62 ? 43  GLU A N   1 
ATOM   339  C  CA  . GLU A 1 43  ? 3.656   9.823   3.762   1.00 13.40 ? 43  GLU A CA  1 
ATOM   340  C  C   . GLU A 1 43  ? 5.111   9.423   3.813   1.00 12.74 ? 43  GLU A C   1 
ATOM   341  O  O   . GLU A 1 43  ? 5.936   10.000  3.122   1.00 12.90 ? 43  GLU A O   1 
ATOM   342  C  CB  . GLU A 1 43  ? 3.435   10.769  4.930   1.00 13.77 ? 43  GLU A CB  1 
ATOM   343  C  CG  . GLU A 1 43  ? 2.060   11.368  5.026   1.00 17.92 ? 43  GLU A CG  1 
ATOM   344  C  CD  . GLU A 1 43  ? 1.932   12.183  6.295   1.00 22.67 ? 43  GLU A CD  1 
ATOM   345  O  OE1 . GLU A 1 43  ? 2.928   12.853  6.654   1.00 23.12 ? 43  GLU A OE1 1 
ATOM   346  O  OE2 . GLU A 1 43  ? 0.868   12.119  6.950   1.00 27.38 ? 43  GLU A OE2 1 
ATOM   347  N  N   . GLN A 1 44  ? 5.428   8.455   4.662   1.00 12.86 ? 44  GLN A N   1 
ATOM   348  C  CA  . GLN A 1 44  ? 6.818   8.051   4.840   1.00 13.61 ? 44  GLN A CA  1 
ATOM   349  C  C   . GLN A 1 44  ? 6.951   6.608   5.287   1.00 13.34 ? 44  GLN A C   1 
ATOM   350  O  O   . GLN A 1 44  ? 6.103   6.091   6.012   1.00 13.05 ? 44  GLN A O   1 
ATOM   351  C  CB  . GLN A 1 44  ? 7.512   8.907   5.911   1.00 14.39 ? 44  GLN A CB  1 
ATOM   352  C  CG  . GLN A 1 44  ? 7.481   10.403  5.683   1.00 20.09 ? 44  GLN A CG  1 
ATOM   353  C  CD  . GLN A 1 44  ? 7.931   11.174  6.898   1.00 23.45 ? 44  GLN A CD  1 
ATOM   354  O  OE1 . GLN A 1 44  ? 9.040   10.969  7.391   1.00 27.11 ? 44  GLN A OE1 1 
ATOM   355  N  NE2 . GLN A 1 44  ? 7.070   12.056  7.393   1.00 26.90 ? 44  GLN A NE2 1 
ATOM   356  N  N   . ILE A 1 45  ? 8.017   5.966   4.826   1.00 12.44 ? 45  ILE A N   1 
ATOM   357  C  CA  . ILE A 1 45  ? 8.388   4.652   5.342   1.00 12.79 ? 45  ILE A CA  1 
ATOM   358  C  C   . ILE A 1 45  ? 9.749   4.821   5.981   1.00 13.79 ? 45  ILE A C   1 
ATOM   359  O  O   . ILE A 1 45  ? 10.631  5.449   5.405   1.00 14.42 ? 45  ILE A O   1 
ATOM   360  C  CB  . ILE A 1 45  ? 8.481   3.611   4.214   1.00 12.52 ? 45  ILE A CB  1 
ATOM   361  C  CG1 . ILE A 1 45  ? 7.114   3.385   3.591   1.00 11.93 ? 45  ILE A CG1 1 
ATOM   362  C  CG2 . ILE A 1 45  ? 9.058   2.302   4.739   1.00 12.56 ? 45  ILE A CG2 1 
ATOM   363  C  CD1 . ILE A 1 45  ? 7.128   2.458   2.367   1.00 15.54 ? 45  ILE A CD1 1 
ATOM   364  N  N   . HIS A 1 46  ? 9.915   4.307   7.188   1.00 14.07 ? 46  HIS A N   1 
ATOM   365  C  CA  . HIS A 1 46  ? 11.229  4.292   7.804   1.00 15.77 ? 46  HIS A CA  1 
ATOM   366  C  C   . HIS A 1 46  ? 11.609  2.829   7.925   1.00 15.31 ? 46  HIS A C   1 
ATOM   367  O  O   . HIS A 1 46  ? 10.932  2.063   8.611   1.00 14.83 ? 46  HIS A O   1 
ATOM   368  C  CB  . HIS A 1 46  ? 11.226  4.993   9.163   1.00 17.40 ? 46  HIS A CB  1 
ATOM   369  C  CG  . HIS A 1 46  ? 11.159  6.483   9.053   1.00 21.83 ? 46  HIS A CG  1 
ATOM   370  N  ND1 . HIS A 1 46  ? 10.133  7.228   9.596   1.00 27.03 ? 46  HIS A ND1 1 
ATOM   371  C  CD2 . HIS A 1 46  ? 11.968  7.364   8.421   1.00 26.24 ? 46  HIS A CD2 1 
ATOM   372  C  CE1 . HIS A 1 46  ? 10.328  8.506   9.329   1.00 26.88 ? 46  HIS A CE1 1 
ATOM   373  N  NE2 . HIS A 1 46  ? 11.434  8.617   8.617   1.00 29.50 ? 46  HIS A NE2 1 
ATOM   374  N  N   . VAL A 1 47  ? 12.686  2.452   7.243   1.00 14.95 ? 47  VAL A N   1 
ATOM   375  C  CA  . VAL A 1 47  ? 13.169  1.077   7.242   1.00 15.43 ? 47  VAL A CA  1 
ATOM   376  C  C   . VAL A 1 47  ? 14.140  0.807   8.382   1.00 16.41 ? 47  VAL A C   1 
ATOM   377  O  O   . VAL A 1 47  ? 15.224  1.409   8.442   1.00 16.93 ? 47  VAL A O   1 
ATOM   378  C  CB  . VAL A 1 47  ? 13.904  0.753   5.925   1.00 15.37 ? 47  VAL A CB  1 
ATOM   379  C  CG1 . VAL A 1 47  ? 14.363  -0.708  5.909   1.00 15.66 ? 47  VAL A CG1 1 
ATOM   380  C  CG2 . VAL A 1 47  ? 13.007  1.053   4.725   1.00 15.87 ? 47  VAL A CG2 1 
ATOM   381  N  N   . LEU A 1 48  ? 13.761  -0.100  9.274   1.00 16.88 ? 48  LEU A N   1 
ATOM   382  C  CA  . LEU A 1 48  ? 14.610  -0.493  10.391  1.00 17.79 ? 48  LEU A CA  1 
ATOM   383  C  C   . LEU A 1 48  ? 15.174  -1.872  10.084  1.00 18.44 ? 48  LEU A C   1 
ATOM   384  O  O   . LEU A 1 48  ? 14.903  -2.422  9.027   1.00 18.14 ? 48  LEU A O   1 
ATOM   385  C  CB  . LEU A 1 48  ? 13.800  -0.503  11.679  1.00 18.09 ? 48  LEU A CB  1 
ATOM   386  C  CG  . LEU A 1 48  ? 13.199  0.864   12.033  1.00 18.75 ? 48  LEU A CG  1 
ATOM   387  C  CD1 . LEU A 1 48  ? 12.205  0.767   13.192  1.00 21.43 ? 48  LEU A CD1 1 
ATOM   388  C  CD2 . LEU A 1 48  ? 14.281  1.887   12.339  1.00 23.20 ? 48  LEU A CD2 1 
ATOM   389  N  N   . GLU A 1 49  ? 15.952  -2.448  10.998  1.00 19.31 ? 49  GLU A N   1 
ATOM   390  C  CA  . GLU A 1 49  ? 16.533  -3.761  10.723  1.00 20.36 ? 49  GLU A CA  1 
ATOM   391  C  C   . GLU A 1 49  ? 15.538  -4.911  10.541  1.00 20.06 ? 49  GLU A C   1 
ATOM   392  O  O   . GLU A 1 49  ? 15.710  -5.726  9.640   1.00 20.10 ? 49  GLU A O   1 
ATOM   393  C  CB  . GLU A 1 49  ? 17.565  -4.131  11.782  1.00 21.43 ? 49  GLU A CB  1 
ATOM   394  C  CG  . GLU A 1 49  ? 18.770  -3.206  11.799  1.00 25.25 ? 49  GLU A CG  1 
ATOM   395  C  CD  . GLU A 1 49  ? 19.585  -3.268  10.519  1.00 30.49 ? 49  GLU A CD  1 
ATOM   396  O  OE1 . GLU A 1 49  ? 20.120  -4.354  10.209  1.00 32.19 ? 49  GLU A OE1 1 
ATOM   397  O  OE2 . GLU A 1 49  ? 19.701  -2.228  9.828   1.00 33.78 ? 49  GLU A OE2 1 
ATOM   398  N  N   . LYS A 1 50  ? 14.518  -4.986  11.391  1.00 19.15 ? 50  LYS A N   1 
ATOM   399  C  CA  . LYS A 1 50  ? 13.558  -6.083  11.323  1.00 19.27 ? 50  LYS A CA  1 
ATOM   400  C  C   . LYS A 1 50  ? 12.109  -5.591  11.231  1.00 18.06 ? 50  LYS A C   1 
ATOM   401  O  O   . LYS A 1 50  ? 11.169  -6.370  11.425  1.00 18.61 ? 50  LYS A O   1 
ATOM   402  C  CB  . LYS A 1 50  ? 13.702  -7.014  12.536  1.00 19.96 ? 50  LYS A CB  1 
ATOM   403  C  CG  . LYS A 1 50  ? 15.147  -7.305  12.928  1.00 22.45 ? 50  LYS A CG  1 
ATOM   404  C  CD  . LYS A 1 50  ? 15.225  -8.415  13.980  1.00 25.82 ? 50  LYS A CD  1 
ATOM   405  C  CE  . LYS A 1 50  ? 14.923  -7.907  15.378  1.00 28.05 ? 50  LYS A CE  1 
ATOM   406  N  NZ  . LYS A 1 50  ? 16.161  -7.520  16.119  1.00 30.02 ? 50  LYS A NZ  1 
ATOM   407  N  N   . SER A 1 51  ? 11.938  -4.297  10.971  1.00 16.57 ? 51  SER A N   1 
ATOM   408  C  CA  . SER A 1 51  ? 10.596  -3.722  10.880  1.00 15.59 ? 51  SER A CA  1 
ATOM   409  C  C   . SER A 1 51  ? 10.539  -2.487  9.975   1.00 14.96 ? 51  SER A C   1 
ATOM   410  O  O   . SER A 1 51  ? 11.573  -1.993  9.524   1.00 14.29 ? 51  SER A O   1 
ATOM   411  C  CB  . SER A 1 51  ? 10.078  -3.378  12.288  1.00 15.98 ? 51  SER A CB  1 
ATOM   412  O  OG  . SER A 1 51  ? 10.889  -2.382  12.896  1.00 19.48 ? 51  SER A OG  1 
ATOM   413  N  N   . LEU A 1 52  ? 9.318   -2.024  9.695   1.00 13.29 ? 52  LEU A N   1 
ATOM   414  C  CA  . LEU A 1 52  ? 9.063   -0.799  8.944   1.00 14.14 ? 52  LEU A CA  1 
ATOM   415  C  C   . LEU A 1 52  ? 8.207   0.110   9.807   1.00 13.69 ? 52  LEU A C   1 
ATOM   416  O  O   . LEU A 1 52  ? 7.227   -0.365  10.378  1.00 13.82 ? 52  LEU A O   1 
ATOM   417  C  CB  . LEU A 1 52  ? 8.215   -1.106  7.721   1.00 14.35 ? 52  LEU A CB  1 
ATOM   418  C  CG  . LEU A 1 52  ? 8.760   -1.323  6.314   1.00 17.37 ? 52  LEU A CG  1 
ATOM   419  C  CD1 . LEU A 1 52  ? 10.263  -1.532  6.260   1.00 14.40 ? 52  LEU A CD1 1 
ATOM   420  C  CD2 . LEU A 1 52  ? 7.981   -2.413  5.605   1.00 15.25 ? 52  LEU A CD2 1 
ATOM   421  N  N   . VAL A 1 53  ? 8.567   1.387   9.926   1.00 13.41 ? 53  VAL A N   1 
ATOM   422  C  CA  . VAL A 1 53  ? 7.661   2.345   10.552  1.00 14.19 ? 53  VAL A CA  1 
ATOM   423  C  C   . VAL A 1 53  ? 6.901   3.033   9.416   1.00 13.50 ? 53  VAL A C   1 
ATOM   424  O  O   . VAL A 1 53  ? 7.510   3.600   8.511   1.00 13.63 ? 53  VAL A O   1 
ATOM   425  C  CB  . VAL A 1 53  ? 8.384   3.374   11.442  1.00 14.05 ? 53  VAL A CB  1 
ATOM   426  C  CG1 . VAL A 1 53  ? 7.379   4.353   12.043  1.00 16.15 ? 53  VAL A CG1 1 
ATOM   427  C  CG2 . VAL A 1 53  ? 9.155   2.676   12.543  1.00 16.39 ? 53  VAL A CG2 1 
ATOM   428  N  N   . LEU A 1 54  ? 5.575   2.982   9.483   1.00 13.26 ? 54  LEU A N   1 
ATOM   429  C  CA  . LEU A 1 54  ? 4.716   3.538   8.431   1.00 13.63 ? 54  LEU A CA  1 
ATOM   430  C  C   . LEU A 1 54  ? 3.981   4.749   8.965   1.00 13.62 ? 54  LEU A C   1 
ATOM   431  O  O   . LEU A 1 54  ? 3.320   4.667   9.996   1.00 14.16 ? 54  LEU A O   1 
ATOM   432  C  CB  . LEU A 1 54  ? 3.702   2.489   7.965   1.00 13.37 ? 54  LEU A CB  1 
ATOM   433  C  CG  . LEU A 1 54  ? 4.312   1.148   7.524   1.00 15.10 ? 54  LEU A CG  1 
ATOM   434  C  CD1 . LEU A 1 54  ? 3.240   0.105   7.225   1.00 17.37 ? 54  LEU A CD1 1 
ATOM   435  C  CD2 . LEU A 1 54  ? 5.232   1.339   6.339   1.00 16.19 ? 54  LEU A CD2 1 
ATOM   436  N  N   . LYS A 1 55  ? 4.119   5.873   8.274   1.00 13.51 ? 55  LYS A N   1 
ATOM   437  C  CA  . LYS A 1 55  ? 3.459   7.098   8.684   1.00 13.98 ? 55  LYS A CA  1 
ATOM   438  C  C   . LYS A 1 55  ? 2.386   7.474   7.666   1.00 13.70 ? 55  LYS A C   1 
ATOM   439  O  O   . LYS A 1 55  ? 2.691   7.666   6.491   1.00 13.03 ? 55  LYS A O   1 
ATOM   440  C  CB  . LYS A 1 55  ? 4.489   8.211   8.806   1.00 14.96 ? 55  LYS A CB  1 
ATOM   441  C  CG  . LYS A 1 55  ? 5.521   7.951   9.891   1.00 18.88 ? 55  LYS A CG  1 
ATOM   442  C  CD  . LYS A 1 55  ? 5.147   8.694   11.156  1.00 25.53 ? 55  LYS A CD  1 
ATOM   443  C  CE  . LYS A 1 55  ? 5.643   10.126  11.109  1.00 29.22 ? 55  LYS A CE  1 
ATOM   444  N  NZ  . LYS A 1 55  ? 7.146   10.187  11.104  1.00 32.85 ? 55  LYS A NZ  1 
ATOM   445  N  N   . PHE A 1 56  ? 1.138   7.577   8.120   1.00 13.73 ? 56  PHE A N   1 
ATOM   446  C  CA  . PHE A 1 56  ? 0.026   7.918   7.248   1.00 14.70 ? 56  PHE A CA  1 
ATOM   447  C  C   . PHE A 1 56  ? -0.751  9.126   7.761   1.00 16.37 ? 56  PHE A C   1 
ATOM   448  O  O   . PHE A 1 56  ? -0.558  9.596   8.872   1.00 15.09 ? 56  PHE A O   1 
ATOM   449  C  CB  . PHE A 1 56  ? -1.039  6.813   7.264   1.00 15.03 ? 56  PHE A CB  1 
ATOM   450  C  CG  . PHE A 1 56  ? -0.563  5.457   6.839   1.00 15.18 ? 56  PHE A CG  1 
ATOM   451  C  CD1 . PHE A 1 56  ? -0.002  4.587   7.755   1.00 16.43 ? 56  PHE A CD1 1 
ATOM   452  C  CD2 . PHE A 1 56  ? -0.746  5.030   5.538   1.00 15.94 ? 56  PHE A CD2 1 
ATOM   453  C  CE1 . PHE A 1 56  ? 0.398   3.309   7.375   1.00 16.78 ? 56  PHE A CE1 1 
ATOM   454  C  CE2 . PHE A 1 56  ? -0.358  3.755   5.160   1.00 14.97 ? 56  PHE A CE2 1 
ATOM   455  C  CZ  . PHE A 1 56  ? 0.220   2.904   6.078   1.00 15.87 ? 56  PHE A CZ  1 
ATOM   456  N  N   . HIS A 1 57  ? -1.649  9.603   6.914   1.00 17.73 ? 57  HIS A N   1 
ATOM   457  C  CA  . HIS A 1 57  ? -2.683  10.515  7.363   1.00 20.60 ? 57  HIS A CA  1 
ATOM   458  C  C   . HIS A 1 57  ? -3.980  9.932   6.860   1.00 21.19 ? 57  HIS A C   1 
ATOM   459  O  O   . HIS A 1 57  ? -3.996  9.176   5.885   1.00 20.43 ? 57  HIS A O   1 
ATOM   460  C  CB  . HIS A 1 57  ? -2.451  11.976  6.948   1.00 21.35 ? 57  HIS A CB  1 
ATOM   461  C  CG  . HIS A 1 57  ? -2.671  12.269  5.499   1.00 24.23 ? 57  HIS A CG  1 
ATOM   462  N  ND1 . HIS A 1 57  ? -1.638  12.582  4.641   1.00 27.87 ? 57  HIS A ND1 1 
ATOM   463  C  CD2 . HIS A 1 57  ? -3.807  12.367  4.769   1.00 27.05 ? 57  HIS A CD2 1 
ATOM   464  C  CE1 . HIS A 1 57  ? -2.124  12.829  3.438   1.00 28.50 ? 57  HIS A CE1 1 
ATOM   465  N  NE2 . HIS A 1 57  ? -3.439  12.709  3.490   1.00 29.16 ? 57  HIS A NE2 1 
ATOM   466  N  N   . THR A 1 58  ? -5.072  10.221  7.548   1.00 22.68 ? 58  THR A N   1 
ATOM   467  C  CA  . THR A 1 58  ? -6.363  9.717   7.119   1.00 25.15 ? 58  THR A CA  1 
ATOM   468  C  C   . THR A 1 58  ? -7.266  10.926  6.966   1.00 26.39 ? 58  THR A C   1 
ATOM   469  O  O   . THR A 1 58  ? -6.992  11.960  7.555   1.00 25.89 ? 58  THR A O   1 
ATOM   470  C  CB  . THR A 1 58  ? -6.920  8.702   8.142   1.00 25.51 ? 58  THR A CB  1 
ATOM   471  O  OG1 . THR A 1 58  ? -7.815  7.793   7.488   1.00 27.24 ? 58  THR A OG1 1 
ATOM   472  C  CG2 . THR A 1 58  ? -7.795  9.391   9.179   1.00 26.30 ? 58  THR A CG2 1 
ATOM   473  N  N   . VAL A 1 59  ? -8.318  10.817  6.162   1.00 28.58 ? 59  VAL A N   1 
ATOM   474  C  CA  . VAL A 1 59  ? -9.203  11.954  5.956   1.00 30.95 ? 59  VAL A CA  1 
ATOM   475  C  C   . VAL A 1 59  ? -10.613 11.652  6.430   1.00 32.28 ? 59  VAL A C   1 
ATOM   476  O  O   . VAL A 1 59  ? -11.119 10.542  6.249   1.00 32.39 ? 59  VAL A O   1 
ATOM   477  C  CB  . VAL A 1 59  ? -9.230  12.406  4.477   1.00 31.21 ? 59  VAL A CB  1 
ATOM   478  C  CG1 . VAL A 1 59  ? -10.292 13.475  4.256   1.00 32.00 ? 59  VAL A CG1 1 
ATOM   479  C  CG2 . VAL A 1 59  ? -7.866  12.925  4.059   1.00 31.83 ? 59  VAL A CG2 1 
ATOM   480  N  N   . ARG A 1 60  ? -11.229 12.647  7.056   1.00 33.89 ? 60  ARG A N   1 
ATOM   481  C  CA  . ARG A 1 60  ? -12.594 12.540  7.546   1.00 35.77 ? 60  ARG A CA  1 
ATOM   482  C  C   . ARG A 1 60  ? -13.211 13.920  7.422   1.00 36.27 ? 60  ARG A C   1 
ATOM   483  O  O   . ARG A 1 60  ? -12.913 14.803  8.214   1.00 36.25 ? 60  ARG A O   1 
ATOM   484  C  CB  . ARG A 1 60  ? -12.601 12.073  9.006   1.00 36.27 ? 60  ARG A CB  1 
ATOM   485  C  CG  . ARG A 1 60  ? -11.997 10.692  9.203   1.00 38.21 ? 60  ARG A CG  1 
ATOM   486  C  CD  . ARG A 1 60  ? -11.671 10.355  10.640  1.00 41.36 ? 60  ARG A CD  1 
ATOM   487  N  NE  . ARG A 1 60  ? -10.986 9.072   10.751  1.00 44.30 ? 60  ARG A NE  1 
ATOM   488  C  CZ  . ARG A 1 60  ? -10.823 8.420   11.897  1.00 45.82 ? 60  ARG A CZ  1 
ATOM   489  N  NH1 . ARG A 1 60  ? -11.301 8.940   13.019  1.00 45.97 ? 60  ARG A NH1 1 
ATOM   490  N  NH2 . ARG A 1 60  ? -10.187 7.254   11.923  1.00 45.97 ? 60  ARG A NH2 1 
ATOM   491  N  N   . ASP A 1 61  ? -14.043 14.110  6.404   1.00 37.18 ? 61  ASP A N   1 
ATOM   492  C  CA  . ASP A 1 61  ? -14.649 15.414  6.140   1.00 38.18 ? 61  ASP A CA  1 
ATOM   493  C  C   . ASP A 1 61  ? -13.599 16.522  6.055   1.00 38.16 ? 61  ASP A C   1 
ATOM   494  O  O   . ASP A 1 61  ? -13.685 17.534  6.751   1.00 38.39 ? 61  ASP A O   1 
ATOM   495  C  CB  . ASP A 1 61  ? -15.734 15.753  7.178   1.00 38.33 ? 61  ASP A CB  1 
ATOM   496  C  CG  . ASP A 1 61  ? -15.188 15.895  8.594   1.00 39.86 ? 61  ASP A CG  1 
ATOM   497  O  OD1 . ASP A 1 61  ? -14.782 14.871  9.189   1.00 41.65 ? 61  ASP A OD1 1 
ATOM   498  O  OD2 . ASP A 1 61  ? -15.148 16.988  9.207   1.00 41.57 ? 61  ASP A OD2 1 
ATOM   499  N  N   . GLU A 1 62  ? -12.598 16.312  5.203   1.00 38.31 ? 62  GLU A N   1 
ATOM   500  C  CA  . GLU A 1 62  ? -11.537 17.291  4.985   1.00 38.12 ? 62  GLU A CA  1 
ATOM   501  C  C   . GLU A 1 62  ? -10.688 17.514  6.243   1.00 37.40 ? 62  GLU A C   1 
ATOM   502  O  O   . GLU A 1 62  ? -9.791  18.363  6.261   1.00 37.63 ? 62  GLU A O   1 
ATOM   503  C  CB  . GLU A 1 62  ? -12.124 18.609  4.462   1.00 38.54 ? 62  GLU A CB  1 
ATOM   504  C  CG  . GLU A 1 62  ? -11.104 19.587  3.897   1.00 40.59 ? 62  GLU A CG  1 
ATOM   505  C  CD  . GLU A 1 62  ? -10.585 19.174  2.532   1.00 43.15 ? 62  GLU A CD  1 
ATOM   506  O  OE1 . GLU A 1 62  ? -9.648  19.833  2.023   1.00 44.79 ? 62  GLU A OE1 1 
ATOM   507  O  OE2 . GLU A 1 62  ? -11.117 18.196  1.967   1.00 44.42 ? 62  GLU A OE2 1 
ATOM   508  N  N   . GLU A 1 63  ? -10.971 16.743  7.289   1.00 36.33 ? 63  GLU A N   1 
ATOM   509  C  CA  . GLU A 1 63  ? -10.208 16.812  8.529   1.00 35.42 ? 63  GLU A CA  1 
ATOM   510  C  C   . GLU A 1 63  ? -9.163  15.703  8.531   1.00 34.72 ? 63  GLU A C   1 
ATOM   511  O  O   . GLU A 1 63  ? -9.498  14.521  8.577   1.00 34.58 ? 63  GLU A O   1 
ATOM   512  C  CB  . GLU A 1 63  ? -11.128 16.677  9.749   1.00 35.52 ? 63  GLU A CB  1 
ATOM   513  C  CG  . GLU A 1 63  ? -10.417 16.530  11.094  1.00 35.95 ? 63  GLU A CG  1 
ATOM   514  C  CD  . GLU A 1 63  ? -10.073 17.863  11.754  1.00 35.36 ? 63  GLU A CD  1 
ATOM   515  O  OE1 . GLU A 1 63  ? -10.355 18.917  11.161  1.00 35.77 ? 63  GLU A OE1 1 
ATOM   516  O  OE2 . GLU A 1 63  ? -9.503  17.869  12.875  1.00 35.04 ? 63  GLU A OE2 1 
ATOM   517  N  N   . CYS A 1 64  ? -7.896  16.087  8.469   1.00 33.87 ? 64  CYS A N   1 
ATOM   518  C  CA  . CYS A 1 64  ? -6.819  15.112  8.461   1.00 33.13 ? 64  CYS A CA  1 
ATOM   519  C  C   . CYS A 1 64  ? -6.349  14.803  9.875   1.00 32.50 ? 64  CYS A C   1 
ATOM   520  O  O   . CYS A 1 64  ? -6.419  15.652  10.767  1.00 32.22 ? 64  CYS A O   1 
ATOM   521  C  CB  . CYS A 1 64  ? -5.644  15.621  7.621   1.00 33.86 ? 64  CYS A CB  1 
ATOM   522  S  SG  . CYS A 1 64  ? -6.025  15.908  5.870   1.00 34.95 ? 64  CYS A SG  1 
ATOM   523  N  N   . SER A 1 65  ? -5.903  13.571  10.079  1.00 31.09 ? 65  SER A N   1 
ATOM   524  C  CA  . SER A 1 65  ? -5.296  13.171  11.331  1.00 30.57 ? 65  SER A CA  1 
ATOM   525  C  C   . SER A 1 65  ? -4.131  12.261  10.983  1.00 29.57 ? 65  SER A C   1 
ATOM   526  O  O   . SER A 1 65  ? -4.099  11.657  9.906   1.00 29.27 ? 65  SER A O   1 
ATOM   527  C  CB  . SER A 1 65  ? -6.287  12.473  12.263  1.00 30.86 ? 65  SER A CB  1 
ATOM   528  O  OG  . SER A 1 65  ? -7.106  11.557  11.558  1.00 32.34 ? 65  SER A OG  1 
ATOM   529  N  N   . GLU A 1 66  ? -3.169  12.178  11.885  1.00 28.39 ? 66  GLU A N   1 
ATOM   530  C  CA  . GLU A 1 66  ? -1.994  11.362  11.646  1.00 27.47 ? 66  GLU A CA  1 
ATOM   531  C  C   . GLU A 1 66  ? -2.150  9.991   12.265  1.00 26.27 ? 66  GLU A C   1 
ATOM   532  O  O   . GLU A 1 66  ? -2.873  9.806   13.248  1.00 25.95 ? 66  GLU A O   1 
ATOM   533  C  CB  . GLU A 1 66  ? -0.750  12.024  12.219  1.00 28.28 ? 66  GLU A CB  1 
ATOM   534  C  CG  . GLU A 1 66  ? -0.395  13.366  11.608  1.00 30.81 ? 66  GLU A CG  1 
ATOM   535  C  CD  . GLU A 1 66  ? 0.897   13.910  12.195  1.00 33.89 ? 66  GLU A CD  1 
ATOM   536  O  OE1 . GLU A 1 66  ? 1.955   13.291  11.956  1.00 35.47 ? 66  GLU A OE1 1 
ATOM   537  O  OE2 . GLU A 1 66  ? 0.854   14.935  12.916  1.00 36.26 ? 66  GLU A OE2 1 
ATOM   538  N  N   . LEU A 1 67  ? -1.461  9.020   11.684  1.00 24.35 ? 67  LEU A N   1 
ATOM   539  C  CA  . LEU A 1 67  ? -1.526  7.667   12.167  1.00 23.25 ? 67  LEU A CA  1 
ATOM   540  C  C   . LEU A 1 67  ? -0.158  7.068   11.894  1.00 22.16 ? 67  LEU A C   1 
ATOM   541  O  O   . LEU A 1 67  ? 0.444   7.355   10.869  1.00 21.38 ? 67  LEU A O   1 
ATOM   542  C  CB  . LEU A 1 67  ? -2.619  6.915   11.399  1.00 23.71 ? 67  LEU A CB  1 
ATOM   543  C  CG  . LEU A 1 67  ? -2.874  5.420   11.578  1.00 24.47 ? 67  LEU A CG  1 
ATOM   544  C  CD1 . LEU A 1 67  ? -4.300  5.063   11.149  1.00 26.41 ? 67  LEU A CD1 1 
ATOM   545  C  CD2 . LEU A 1 67  ? -1.857  4.598   10.803  1.00 25.80 ? 67  LEU A CD2 1 
ATOM   546  N  N   . SER A 1 68  ? 0.354   6.286   12.831  1.00 21.04 ? 68  SER A N   1 
ATOM   547  C  CA  . SER A 1 68  ? 1.618   5.601   12.595  1.00 20.63 ? 68  SER A CA  1 
ATOM   548  C  C   . SER A 1 68  ? 1.514   4.150   13.005  1.00 19.86 ? 68  SER A C   1 
ATOM   549  O  O   . SER A 1 68  ? 0.804   3.813   13.958  1.00 19.36 ? 68  SER A O   1 
ATOM   550  C  CB  . SER A 1 68  ? 2.772   6.295   13.311  1.00 21.18 ? 68  SER A CB  1 
ATOM   551  O  OG  . SER A 1 68  ? 3.076   7.517   12.659  1.00 24.15 ? 68  SER A OG  1 
ATOM   552  N  N   . MET A 1 69  ? 2.209   3.286   12.271  1.00 18.32 ? 69  MET A N   1 
ATOM   553  C  CA  . MET A 1 69  ? 2.186   1.860   12.539  1.00 18.29 ? 69  MET A CA  1 
ATOM   554  C  C   . MET A 1 69  ? 3.582   1.273   12.372  1.00 17.29 ? 69  MET A C   1 
ATOM   555  O  O   . MET A 1 69  ? 4.361   1.750   11.559  1.00 16.90 ? 69  MET A O   1 
ATOM   556  C  CB  . MET A 1 69  ? 1.311   1.124   11.519  1.00 18.85 ? 69  MET A CB  1 
ATOM   557  C  CG  . MET A 1 69  ? -0.144  1.524   11.426  1.00 22.90 ? 69  MET A CG  1 
ATOM   558  S  SD  . MET A 1 69  ? -0.858  0.384   10.244  1.00 24.70 ? 69  MET A SD  1 
ATOM   559  C  CE  . MET A 1 69  ? -2.161  1.366   9.553   1.00 26.45 ? 69  MET A CE  1 
ATOM   560  N  N   . VAL A 1 70  ? 3.873   0.220   13.129  1.00 16.83 ? 70  VAL A N   1 
ATOM   561  C  CA  . VAL A 1 70  ? 5.129   -0.514  12.982  1.00 16.17 ? 70  VAL A CA  1 
ATOM   562  C  C   . VAL A 1 70  ? 4.798   -1.897  12.441  1.00 16.33 ? 70  VAL A C   1 
ATOM   563  O  O   . VAL A 1 70  ? 4.002   -2.622  13.039  1.00 16.42 ? 70  VAL A O   1 
ATOM   564  C  CB  . VAL A 1 70  ? 5.888   -0.656  14.321  1.00 16.37 ? 70  VAL A CB  1 
ATOM   565  C  CG1 . VAL A 1 70  ? 7.144   -1.519  14.129  1.00 16.28 ? 70  VAL A CG1 1 
ATOM   566  C  CG2 . VAL A 1 70  ? 6.243   0.716   14.880  1.00 17.06 ? 70  VAL A CG2 1 
ATOM   567  N  N   . ALA A 1 71  ? 5.392   -2.252  11.297  1.00 15.01 ? 71  ALA A N   1 
ATOM   568  C  CA  . ALA A 1 71  ? 5.183   -3.555  10.680  1.00 14.88 ? 71  ALA A CA  1 
ATOM   569  C  C   . ALA A 1 71  ? 6.412   -4.419  10.913  1.00 15.33 ? 71  ALA A C   1 
ATOM   570  O  O   . ALA A 1 71  ? 7.537   -3.955  10.708  1.00 15.62 ? 71  ALA A O   1 
ATOM   571  C  CB  . ALA A 1 71  ? 4.926   -3.390  9.174   1.00 14.93 ? 71  ALA A CB  1 
ATOM   572  N  N   . ASP A 1 72  ? 6.219   -5.660  11.355  1.00 16.34 ? 72  ASP A N   1 
ATOM   573  C  CA  . ASP A 1 72  ? 7.363   -6.534  11.649  1.00 17.76 ? 72  ASP A CA  1 
ATOM   574  C  C   . ASP A 1 72  ? 7.584   -7.510  10.499  1.00 18.22 ? 72  ASP A C   1 
ATOM   575  O  O   . ASP A 1 72  ? 6.617   -7.956  9.866   1.00 18.25 ? 72  ASP A O   1 
ATOM   576  C  CB  . ASP A 1 72  ? 7.107   -7.393  12.899  1.00 18.23 ? 72  ASP A CB  1 
ATOM   577  C  CG  . ASP A 1 72  ? 7.025   -6.596  14.196  1.00 20.10 ? 72  ASP A CG  1 
ATOM   578  O  OD1 . ASP A 1 72  ? 7.632   -5.510  14.318  1.00 22.19 ? 72  ASP A OD1 1 
ATOM   579  O  OD2 . ASP A 1 72  ? 6.369   -7.011  15.175  1.00 25.47 ? 72  ASP A OD2 1 
ATOM   580  N  N   . LYS A 1 73  ? 8.841   -7.860  10.238  1.00 18.96 ? 73  LYS A N   1 
ATOM   581  C  CA  . LYS A 1 73  ? 9.135   -8.919  9.268   1.00 20.26 ? 73  LYS A CA  1 
ATOM   582  C  C   . LYS A 1 73  ? 8.573   -10.238 9.796   1.00 20.15 ? 73  LYS A C   1 
ATOM   583  O  O   . LYS A 1 73  ? 8.647   -10.504 10.997  1.00 20.77 ? 73  LYS A O   1 
ATOM   584  C  CB  . LYS A 1 73  ? 10.651  -9.097  9.096   1.00 20.70 ? 73  LYS A CB  1 
ATOM   585  C  CG  . LYS A 1 73  ? 11.332  -8.091  8.214   1.00 23.44 ? 73  LYS A CG  1 
ATOM   586  C  CD  . LYS A 1 73  ? 12.692  -8.623  7.732   1.00 27.45 ? 73  LYS A CD  1 
ATOM   587  C  CE  . LYS A 1 73  ? 12.554  -9.934  6.954   1.00 28.71 ? 73  LYS A CE  1 
ATOM   588  N  NZ  . LYS A 1 73  ? 11.633  -9.844  5.765   1.00 31.47 ? 73  LYS A NZ  1 
ATOM   589  N  N   . THR A 1 74  ? 8.008   -11.055 8.910   1.00 19.78 ? 74  THR A N   1 
ATOM   590  C  CA  . THR A 1 74  ? 7.565   -12.396 9.283   1.00 20.01 ? 74  THR A CA  1 
ATOM   591  C  C   . THR A 1 74  ? 8.640   -13.348 8.819   1.00 20.63 ? 74  THR A C   1 
ATOM   592  O  O   . THR A 1 74  ? 9.721   -12.918 8.439   1.00 20.62 ? 74  THR A O   1 
ATOM   593  C  CB  . THR A 1 74  ? 6.236   -12.768 8.611   1.00 20.00 ? 74  THR A CB  1 
ATOM   594  O  OG1 . THR A 1 74  ? 6.420   -12.847 7.196   1.00 18.96 ? 74  THR A OG1 1 
ATOM   595  C  CG2 . THR A 1 74  ? 5.204   -11.653 8.783   1.00 18.69 ? 74  THR A CG2 1 
ATOM   596  N  N   . GLU A 1 75  ? 8.360   -14.647 8.830   1.00 21.14 ? 75  GLU A N   1 
ATOM   597  C  CA  . GLU A 1 75  ? 9.372   -15.594 8.392   1.00 21.98 ? 75  GLU A CA  1 
ATOM   598  C  C   . GLU A 1 75  ? 9.352   -15.873 6.903   1.00 22.50 ? 75  GLU A C   1 
ATOM   599  O  O   . GLU A 1 75  ? 10.200  -16.610 6.390   1.00 22.63 ? 75  GLU A O   1 
ATOM   600  C  CB  . GLU A 1 75  ? 9.246   -16.887 9.165   1.00 22.16 ? 75  GLU A CB  1 
ATOM   601  C  CG  . GLU A 1 75  ? 9.795   -16.769 10.556  1.00 22.45 ? 75  GLU A CG  1 
ATOM   602  C  CD  . GLU A 1 75  ? 9.260   -17.861 11.438  1.00 23.89 ? 75  GLU A CD  1 
ATOM   603  O  OE1 . GLU A 1 75  ? 8.032   -17.885 11.652  1.00 25.84 ? 75  GLU A OE1 1 
ATOM   604  O  OE2 . GLU A 1 75  ? 10.065  -18.691 11.883  1.00 23.68 ? 75  GLU A OE2 1 
ATOM   605  N  N   . LYS A 1 76  ? 8.375   -15.301 6.208   1.00 22.35 ? 76  LYS A N   1 
ATOM   606  C  CA  . LYS A 1 76  ? 8.295   -15.423 4.766   1.00 23.07 ? 76  LYS A CA  1 
ATOM   607  C  C   . LYS A 1 76  ? 9.088   -14.285 4.130   1.00 23.36 ? 76  LYS A C   1 
ATOM   608  O  O   . LYS A 1 76  ? 9.023   -13.141 4.573   1.00 22.90 ? 76  LYS A O   1 
ATOM   609  C  CB  . LYS A 1 76  ? 6.840   -15.388 4.315   1.00 23.34 ? 76  LYS A CB  1 
ATOM   610  C  CG  . LYS A 1 76  ? 6.003   -16.456 4.970   1.00 24.69 ? 76  LYS A CG  1 
ATOM   611  C  CD  . LYS A 1 76  ? 4.595   -16.467 4.435   1.00 26.22 ? 76  LYS A CD  1 
ATOM   612  C  CE  . LYS A 1 76  ? 3.964   -17.832 4.642   1.00 27.09 ? 76  LYS A CE  1 
ATOM   613  N  NZ  . LYS A 1 76  ? 2.574   -17.858 4.143   1.00 28.65 ? 76  LYS A NZ  1 
ATOM   614  N  N   . ALA A 1 77  ? 9.853   -14.615 3.097   1.00 23.59 ? 77  ALA A N   1 
ATOM   615  C  CA  . ALA A 1 77  ? 10.703  -13.647 2.408   1.00 23.56 ? 77  ALA A CA  1 
ATOM   616  C  C   . ALA A 1 77  ? 9.927   -12.441 1.889   1.00 22.37 ? 77  ALA A C   1 
ATOM   617  O  O   . ALA A 1 77  ? 8.970   -12.586 1.130   1.00 23.89 ? 77  ALA A O   1 
ATOM   618  C  CB  . ALA A 1 77  ? 11.440  -14.326 1.261   1.00 23.77 ? 77  ALA A CB  1 
ATOM   619  N  N   . GLY A 1 78  ? 10.325  -11.253 2.325   1.00 21.44 ? 78  GLY A N   1 
ATOM   620  C  CA  . GLY A 1 78  ? 9.708   -10.021 1.856   1.00 19.28 ? 78  GLY A CA  1 
ATOM   621  C  C   . GLY A 1 78  ? 8.316   -9.718  2.376   1.00 18.32 ? 78  GLY A C   1 
ATOM   622  O  O   . GLY A 1 78  ? 7.613   -8.865  1.826   1.00 18.28 ? 78  GLY A O   1 
ATOM   623  N  N   . GLU A 1 79  ? 7.900   -10.417 3.425   1.00 17.23 ? 79  GLU A N   1 
ATOM   624  C  CA  . GLU A 1 79  ? 6.567   -10.214 3.986   1.00 16.58 ? 79  GLU A CA  1 
ATOM   625  C  C   . GLU A 1 79  ? 6.633   -9.578  5.369   1.00 16.04 ? 79  GLU A C   1 
ATOM   626  O  O   . GLU A 1 79  ? 7.553   -9.851  6.140   1.00 15.21 ? 79  GLU A O   1 
ATOM   627  C  CB  . GLU A 1 79  ? 5.809   -11.541 4.035   1.00 17.15 ? 79  GLU A CB  1 
ATOM   628  C  CG  . GLU A 1 79  ? 4.437   -11.455 4.696   1.00 16.64 ? 79  GLU A CG  1 
ATOM   629  C  CD  . GLU A 1 79  ? 3.754   -12.804 4.821   1.00 18.80 ? 79  GLU A CD  1 
ATOM   630  O  OE1 . GLU A 1 79  ? 2.857   -13.100 4.007   1.00 20.52 ? 79  GLU A OE1 1 
ATOM   631  O  OE2 . GLU A 1 79  ? 4.105   -13.560 5.749   1.00 19.25 ? 79  GLU A OE2 1 
ATOM   632  N  N   . TYR A 1 80  ? 5.660   -8.718  5.664   1.00 14.95 ? 80  TYR A N   1 
ATOM   633  C  CA  . TYR A 1 80  ? 5.585   -7.995  6.934   1.00 14.85 ? 80  TYR A CA  1 
ATOM   634  C  C   . TYR A 1 80  ? 4.185   -8.141  7.500   1.00 14.57 ? 80  TYR A C   1 
ATOM   635  O  O   . TYR A 1 80  ? 3.242   -8.367  6.755   1.00 15.42 ? 80  TYR A O   1 
ATOM   636  C  CB  . TYR A 1 80  ? 5.841   -6.512  6.694   1.00 15.14 ? 80  TYR A CB  1 
ATOM   637  C  CG  . TYR A 1 80  ? 7.261   -6.218  6.334   1.00 14.11 ? 80  TYR A CG  1 
ATOM   638  C  CD1 . TYR A 1 80  ? 7.705   -6.345  5.039   1.00 15.02 ? 80  TYR A CD1 1 
ATOM   639  C  CD2 . TYR A 1 80  ? 8.160   -5.851  7.311   1.00 14.98 ? 80  TYR A CD2 1 
ATOM   640  C  CE1 . TYR A 1 80  ? 9.020   -6.091  4.719   1.00 17.07 ? 80  TYR A CE1 1 
ATOM   641  C  CE2 . TYR A 1 80  ? 9.465   -5.597  7.008   1.00 17.99 ? 80  TYR A CE2 1 
ATOM   642  C  CZ  . TYR A 1 80  ? 9.890   -5.720  5.704   1.00 16.55 ? 80  TYR A CZ  1 
ATOM   643  O  OH  . TYR A 1 80  ? 11.196  -5.458  5.402   1.00 21.53 ? 80  TYR A OH  1 
ATOM   644  N  N   . SER A 1 81  ? 4.036   -7.999  8.812   1.00 14.88 ? 81  SER A N   1 
ATOM   645  C  CA  . SER A 1 81  ? 2.720   -8.070  9.427   1.00 14.84 ? 81  SER A CA  1 
ATOM   646  C  C   . SER A 1 81  ? 2.491   -6.860  10.305  1.00 15.21 ? 81  SER A C   1 
ATOM   647  O  O   . SER A 1 81  ? 3.442   -6.228  10.768  1.00 14.75 ? 81  SER A O   1 
ATOM   648  C  CB  . SER A 1 81  ? 2.546   -9.340  10.258  1.00 14.81 ? 81  SER A CB  1 
ATOM   649  O  OG  . SER A 1 81  ? 3.383   -9.309  11.399  1.00 15.03 ? 81  SER A OG  1 
ATOM   650  N  N   . VAL A 1 82  ? 1.224   -6.543  10.540  1.00 15.37 ? 82  VAL A N   1 
ATOM   651  C  CA  . VAL A 1 82  ? 0.878   -5.411  11.386  1.00 17.13 ? 82  VAL A CA  1 
ATOM   652  C  C   . VAL A 1 82  ? -0.574  -5.568  11.836  1.00 17.32 ? 82  VAL A C   1 
ATOM   653  O  O   . VAL A 1 82  ? -1.427  -5.976  11.057  1.00 17.19 ? 82  VAL A O   1 
ATOM   654  C  CB  . VAL A 1 82  ? 1.046   -4.072  10.626  1.00 16.80 ? 82  VAL A CB  1 
ATOM   655  C  CG1 . VAL A 1 82  ? 0.208   -4.069  9.351   1.00 18.09 ? 82  VAL A CG1 1 
ATOM   656  C  CG2 . VAL A 1 82  ? 0.672   -2.888  11.530  1.00 19.25 ? 82  VAL A CG2 1 
ATOM   657  N  N   . THR A 1 83  ? -0.842  -5.270  13.103  1.00 17.50 ? 83  THR A N   1 
ATOM   658  C  CA  . THR A 1 83  ? -2.205  -5.330  13.618  1.00 18.69 ? 83  THR A CA  1 
ATOM   659  C  C   . THR A 1 83  ? -2.863  -3.974  13.382  1.00 18.04 ? 83  THR A C   1 
ATOM   660  O  O   . THR A 1 83  ? -2.361  -2.953  13.840  1.00 18.18 ? 83  THR A O   1 
ATOM   661  C  CB  . THR A 1 83  ? -2.183  -5.623  15.134  1.00 18.85 ? 83  THR A CB  1 
ATOM   662  O  OG1 . THR A 1 83  ? -1.529  -6.872  15.385  1.00 21.78 ? 83  THR A OG1 1 
ATOM   663  C  CG2 . THR A 1 83  ? -3.588  -5.874  15.641  1.00 19.83 ? 83  THR A CG2 1 
ATOM   664  N  N   . TYR A 1 84  ? -3.975  -3.972  12.653  1.00 18.24 ? 84  TYR A N   1 
ATOM   665  C  CA  . TYR A 1 84  ? -4.749  -2.761  12.372  1.00 18.23 ? 84  TYR A CA  1 
ATOM   666  C  C   . TYR A 1 84  ? -6.091  -3.196  11.829  1.00 18.61 ? 84  TYR A C   1 
ATOM   667  O  O   . TYR A 1 84  ? -6.172  -3.712  10.719  1.00 18.17 ? 84  TYR A O   1 
ATOM   668  C  CB  . TYR A 1 84  ? -4.049  -1.870  11.330  1.00 18.26 ? 84  TYR A CB  1 
ATOM   669  C  CG  . TYR A 1 84  ? -4.871  -0.666  10.906  1.00 17.77 ? 84  TYR A CG  1 
ATOM   670  C  CD1 . TYR A 1 84  ? -5.010  0.431   11.744  1.00 17.78 ? 84  TYR A CD1 1 
ATOM   671  C  CD2 . TYR A 1 84  ? -5.518  -0.632  9.679   1.00 16.74 ? 84  TYR A CD2 1 
ATOM   672  C  CE1 . TYR A 1 84  ? -5.764  1.527   11.373  1.00 19.01 ? 84  TYR A CE1 1 
ATOM   673  C  CE2 . TYR A 1 84  ? -6.280  0.474   9.293   1.00 16.74 ? 84  TYR A CE2 1 
ATOM   674  C  CZ  . TYR A 1 84  ? -6.398  1.551   10.147  1.00 18.62 ? 84  TYR A CZ  1 
ATOM   675  O  OH  . TYR A 1 84  ? -7.152  2.657   9.769   1.00 20.40 ? 84  TYR A OH  1 
ATOM   676  N  N   . ASP A 1 85  ? -7.150  -3.008  12.613  1.00 18.63 ? 85  ASP A N   1 
ATOM   677  C  CA  . ASP A 1 85  ? -8.486  -3.435  12.197  1.00 19.31 ? 85  ASP A CA  1 
ATOM   678  C  C   . ASP A 1 85  ? -8.423  -4.886  11.718  1.00 18.79 ? 85  ASP A C   1 
ATOM   679  O  O   . ASP A 1 85  ? -8.930  -5.234  10.646  1.00 18.98 ? 85  ASP A O   1 
ATOM   680  C  CB  . ASP A 1 85  ? -9.018  -2.519  11.097  1.00 19.38 ? 85  ASP A CB  1 
ATOM   681  C  CG  . ASP A 1 85  ? -10.511 -2.632  10.920  1.00 21.65 ? 85  ASP A CG  1 
ATOM   682  O  OD1 . ASP A 1 85  ? -11.205 -2.994  11.897  1.00 23.59 ? 85  ASP A OD1 1 
ATOM   683  O  OD2 . ASP A 1 85  ? -11.084 -2.358  9.848   1.00 22.49 ? 85  ASP A OD2 1 
ATOM   684  N  N   . GLY A 1 86  ? -7.820  -5.727  12.547  1.00 19.46 ? 86  GLY A N   1 
ATOM   685  C  CA  . GLY A 1 86  ? -7.571  -7.117  12.232  1.00 18.57 ? 86  GLY A CA  1 
ATOM   686  C  C   . GLY A 1 86  ? -6.082  -7.378  12.101  1.00 18.50 ? 86  GLY A C   1 
ATOM   687  O  O   . GLY A 1 86  ? -5.267  -6.581  12.553  1.00 19.06 ? 86  GLY A O   1 
ATOM   688  N  N   . PHE A 1 87  ? -5.728  -8.506  11.502  1.00 17.34 ? 87  PHE A N   1 
ATOM   689  C  CA  . PHE A 1 87  ? -4.349  -8.890  11.327  1.00 16.85 ? 87  PHE A CA  1 
ATOM   690  C  C   . PHE A 1 87  ? -4.027  -8.802  9.833   1.00 15.97 ? 87  PHE A C   1 
ATOM   691  O  O   . PHE A 1 87  ? -4.738  -9.367  9.006   1.00 15.06 ? 87  PHE A O   1 
ATOM   692  C  CB  . PHE A 1 87  ? -4.148  -10.314 11.829  1.00 17.85 ? 87  PHE A CB  1 
ATOM   693  C  CG  . PHE A 1 87  ? -2.804  -10.891 11.509  1.00 19.79 ? 87  PHE A CG  1 
ATOM   694  C  CD1 . PHE A 1 87  ? -1.661  -10.403 12.114  1.00 22.72 ? 87  PHE A CD1 1 
ATOM   695  C  CD2 . PHE A 1 87  ? -2.685  -11.926 10.603  1.00 22.96 ? 87  PHE A CD2 1 
ATOM   696  C  CE1 . PHE A 1 87  ? -0.425  -10.937 11.817  1.00 22.71 ? 87  PHE A CE1 1 
ATOM   697  C  CE2 . PHE A 1 87  ? -1.453  -12.463 10.303  1.00 23.82 ? 87  PHE A CE2 1 
ATOM   698  C  CZ  . PHE A 1 87  ? -0.323  -11.974 10.908  1.00 24.84 ? 87  PHE A CZ  1 
ATOM   699  N  N   . ASN A 1 88  ? -2.950  -8.088  9.511   1.00 14.56 ? 88  ASN A N   1 
ATOM   700  C  CA  . ASN A 1 88  ? -2.565  -7.878  8.123   1.00 14.26 ? 88  ASN A CA  1 
ATOM   701  C  C   . ASN A 1 88  ? -1.195  -8.434  7.813   1.00 13.86 ? 88  ASN A C   1 
ATOM   702  O  O   . ASN A 1 88  ? -0.289  -8.358  8.644   1.00 14.61 ? 88  ASN A O   1 
ATOM   703  C  CB  . ASN A 1 88  ? -2.515  -6.379  7.822   1.00 13.73 ? 88  ASN A CB  1 
ATOM   704  C  CG  . ASN A 1 88  ? -3.786  -5.670  8.207   1.00 13.95 ? 88  ASN A CG  1 
ATOM   705  O  OD1 . ASN A 1 88  ? -4.726  -5.626  7.435   1.00 13.00 ? 88  ASN A OD1 1 
ATOM   706  N  ND2 . ASN A 1 88  ? -3.819  -5.116  9.414   1.00 13.86 ? 88  ASN A ND2 1 
ATOM   707  N  N   . THR A 1 89  ? -1.036  -9.007  6.625   1.00 13.68 ? 89  THR A N   1 
ATOM   708  C  CA  . THR A 1 89  ? 0.296   -9.355  6.152   1.00 13.86 ? 89  THR A CA  1 
ATOM   709  C  C   . THR A 1 89  ? 0.423   -8.684  4.798   1.00 13.28 ? 89  THR A C   1 
ATOM   710  O  O   . THR A 1 89  ? -0.568  -8.629  4.043   1.00 13.31 ? 89  THR A O   1 
ATOM   711  C  CB  . THR A 1 89  ? 0.499   -10.883 6.020   1.00 15.10 ? 89  THR A CB  1 
ATOM   712  O  OG1 . THR A 1 89  ? -0.579  -11.452 5.264   1.00 15.69 ? 89  THR A OG1 1 
ATOM   713  C  CG2 . THR A 1 89  ? 0.338   -11.553 7.352   1.00 16.14 ? 89  THR A CG2 1 
ATOM   714  N  N   . PHE A 1 90  ? 1.596   -8.148  4.477   1.00 12.45 ? 90  PHE A N   1 
ATOM   715  C  CA  . PHE A 1 90  ? 1.748   -7.570  3.148   1.00 12.27 ? 90  PHE A CA  1 
ATOM   716  C  C   . PHE A 1 90  ? 3.100   -7.851  2.544   1.00 12.70 ? 90  PHE A C   1 
ATOM   717  O  O   . PHE A 1 90  ? 4.071   -8.120  3.248   1.00 13.06 ? 90  PHE A O   1 
ATOM   718  C  CB  . PHE A 1 90  ? 1.447   -6.062  3.138   1.00 11.65 ? 90  PHE A CB  1 
ATOM   719  C  CG  . PHE A 1 90  ? 2.385   -5.223  3.985   1.00 13.06 ? 90  PHE A CG  1 
ATOM   720  C  CD1 . PHE A 1 90  ? 2.057   -4.907  5.296   1.00 14.22 ? 90  PHE A CD1 1 
ATOM   721  C  CD2 . PHE A 1 90  ? 3.561   -4.722  3.459   1.00 12.46 ? 90  PHE A CD2 1 
ATOM   722  C  CE1 . PHE A 1 90  ? 2.898   -4.121  6.080   1.00 14.99 ? 90  PHE A CE1 1 
ATOM   723  C  CE2 . PHE A 1 90  ? 4.412   -3.925  4.225   1.00 14.95 ? 90  PHE A CE2 1 
ATOM   724  C  CZ  . PHE A 1 90  ? 4.078   -3.626  5.540   1.00 15.83 ? 90  PHE A CZ  1 
ATOM   725  N  N   . THR A 1 91  ? 3.146   -7.807  1.222   1.00 13.14 ? 91  THR A N   1 
ATOM   726  C  CA  . THR A 1 91  ? 4.386   -7.933  0.476   1.00 13.98 ? 91  THR A CA  1 
ATOM   727  C  C   . THR A 1 91  ? 4.438   -6.806  -0.521  1.00 13.69 ? 91  THR A C   1 
ATOM   728  O  O   . THR A 1 91  ? 3.475   -6.039  -0.656  1.00 13.95 ? 91  THR A O   1 
ATOM   729  C  CB  . THR A 1 91  ? 4.404   -9.218  -0.321  1.00 13.62 ? 91  THR A CB  1 
ATOM   730  O  OG1 . THR A 1 91  ? 3.160   -9.353  -1.021  1.00 15.19 ? 91  THR A OG1 1 
ATOM   731  C  CG2 . THR A 1 91  ? 4.451   -10.410 0.626   1.00 15.26 ? 91  THR A CG2 1 
ATOM   732  N  N   . ILE A 1 92  ? 5.557   -6.713  -1.236  1.00 14.46 ? 92  ILE A N   1 
ATOM   733  C  CA  . ILE A 1 92  ? 5.710   -5.691  -2.268  1.00 15.02 ? 92  ILE A CA  1 
ATOM   734  C  C   . ILE A 1 92  ? 6.084   -6.378  -3.586  1.00 15.42 ? 92  ILE A C   1 
ATOM   735  O  O   . ILE A 1 92  ? 7.263   -6.593  -3.876  1.00 15.80 ? 92  ILE A O   1 
ATOM   736  C  CB  . ILE A 1 92  ? 6.737   -4.625  -1.824  1.00 15.56 ? 92  ILE A CB  1 
ATOM   737  C  CG1 . ILE A 1 92  ? 6.173   -3.858  -0.621  1.00 17.39 ? 92  ILE A CG1 1 
ATOM   738  C  CG2 . ILE A 1 92  ? 7.062   -3.664  -2.954  1.00 16.30 ? 92  ILE A CG2 1 
ATOM   739  C  CD1 . ILE A 1 92  ? 7.161   -3.671  0.511   1.00 21.26 ? 92  ILE A CD1 1 
ATOM   740  N  N   . PRO A 1 93  ? 5.067   -6.744  -4.360  1.00 15.58 ? 93  PRO A N   1 
ATOM   741  C  CA  . PRO A 1 93  ? 5.275   -7.498  -5.606  1.00 15.78 ? 93  PRO A CA  1 
ATOM   742  C  C   . PRO A 1 93  ? 6.141   -6.785  -6.622  1.00 16.45 ? 93  PRO A C   1 
ATOM   743  O  O   . PRO A 1 93  ? 6.880   -7.469  -7.333  1.00 16.63 ? 93  PRO A O   1 
ATOM   744  C  CB  . PRO A 1 93  ? 3.868   -7.671  -6.174  1.00 17.03 ? 93  PRO A CB  1 
ATOM   745  C  CG  . PRO A 1 93  ? 2.924   -7.316  -5.097  1.00 16.48 ? 93  PRO A CG  1 
ATOM   746  C  CD  . PRO A 1 93  ? 3.639   -6.522  -4.069  1.00 15.08 ? 93  PRO A CD  1 
ATOM   747  N  N   . LYS A 1 94  ? 6.038   -5.461  -6.721  1.00 15.42 ? 94  LYS A N   1 
ATOM   748  C  CA  . LYS A 1 94  ? 6.840   -4.716  -7.685  1.00 15.88 ? 94  LYS A CA  1 
ATOM   749  C  C   . LYS A 1 94  ? 7.188   -3.313  -7.216  1.00 15.27 ? 94  LYS A C   1 
ATOM   750  O  O   . LYS A 1 94  ? 6.346   -2.599  -6.670  1.00 14.21 ? 94  LYS A O   1 
ATOM   751  C  CB  . LYS A 1 94  ? 6.126   -4.621  -9.038  1.00 15.87 ? 94  LYS A CB  1 
ATOM   752  C  CG  . LYS A 1 94  ? 7.029   -4.129  -10.182 1.00 20.57 ? 94  LYS A CG  1 
ATOM   753  C  CD  . LYS A 1 94  ? 8.490   -4.596  -10.050 1.00 24.52 ? 94  LYS A CD  1 
ATOM   754  C  CE  . LYS A 1 94  ? 8.719   -5.947  -10.723 1.00 26.84 ? 94  LYS A CE  1 
ATOM   755  N  NZ  . LYS A 1 94  ? 10.169  -6.274  -10.879 1.00 29.81 ? 94  LYS A NZ  1 
ATOM   756  N  N   . THR A 1 95  ? 8.444   -2.925  -7.426  1.00 14.48 ? 95  THR A N   1 
ATOM   757  C  CA  . THR A 1 95  ? 8.872   -1.550  -7.176  1.00 13.75 ? 95  THR A CA  1 
ATOM   758  C  C   . THR A 1 95  ? 10.134  -1.259  -7.980  1.00 13.96 ? 95  THR A C   1 
ATOM   759  O  O   . THR A 1 95  ? 10.918  -2.183  -8.282  1.00 13.37 ? 95  THR A O   1 
ATOM   760  C  CB  . THR A 1 95  ? 9.136   -1.281  -5.678  1.00 13.76 ? 95  THR A CB  1 
ATOM   761  O  OG1 . THR A 1 95  ? 9.581   0.068   -5.513  1.00 12.69 ? 95  THR A OG1 1 
ATOM   762  C  CG2 . THR A 1 95  ? 10.299  -2.109  -5.171  1.00 14.05 ? 95  THR A CG2 1 
ATOM   763  N  N   . ASP A 1 96  ? 10.309  0.001   -8.365  1.00 13.38 ? 96  ASP A N   1 
ATOM   764  C  CA  . ASP A 1 96  ? 11.577  0.424   -8.986  1.00 14.05 ? 96  ASP A CA  1 
ATOM   765  C  C   . ASP A 1 96  ? 12.356  1.342   -8.042  1.00 14.24 ? 96  ASP A C   1 
ATOM   766  O  O   . ASP A 1 96  ? 13.367  1.929   -8.418  1.00 14.31 ? 96  ASP A O   1 
ATOM   767  C  CB  . ASP A 1 96  ? 11.386  1.047   -10.369 1.00 14.24 ? 96  ASP A CB  1 
ATOM   768  C  CG  . ASP A 1 96  ? 10.764  2.429   -10.331 1.00 14.05 ? 96  ASP A CG  1 
ATOM   769  O  OD1 . ASP A 1 96  ? 10.279  2.855   -9.266  1.00 10.72 ? 96  ASP A OD1 1 
ATOM   770  O  OD2 . ASP A 1 96  ? 10.684  3.150   -11.353 1.00 14.58 ? 96  ASP A OD2 1 
ATOM   771  N  N   . TYR A 1 97  ? 11.867  1.448   -6.803  1.00 14.12 ? 97  TYR A N   1 
ATOM   772  C  CA  . TYR A 1 97  ? 12.500  2.215   -5.747  1.00 15.09 ? 97  TYR A CA  1 
ATOM   773  C  C   . TYR A 1 97  ? 12.444  3.727   -5.899  1.00 15.19 ? 97  TYR A C   1 
ATOM   774  O  O   . TYR A 1 97  ? 12.099  4.414   -4.947  1.00 16.01 ? 97  TYR A O   1 
ATOM   775  C  CB  . TYR A 1 97  ? 13.965  1.816   -5.564  1.00 15.30 ? 97  TYR A CB  1 
ATOM   776  C  CG  . TYR A 1 97  ? 14.179  0.349   -5.340  1.00 16.26 ? 97  TYR A CG  1 
ATOM   777  C  CD1 . TYR A 1 97  ? 13.699  -0.277  -4.198  1.00 15.24 ? 97  TYR A CD1 1 
ATOM   778  C  CD2 . TYR A 1 97  ? 14.875  -0.417  -6.271  1.00 16.91 ? 97  TYR A CD2 1 
ATOM   779  C  CE1 . TYR A 1 97  ? 13.900  -1.621  -3.988  1.00 17.55 ? 97  TYR A CE1 1 
ATOM   780  C  CE2 . TYR A 1 97  ? 15.078  -1.767  -6.071  1.00 18.74 ? 97  TYR A CE2 1 
ATOM   781  C  CZ  . TYR A 1 97  ? 14.588  -2.367  -4.928  1.00 20.38 ? 97  TYR A CZ  1 
ATOM   782  O  OH  . TYR A 1 97  ? 14.786  -3.713  -4.705  1.00 23.16 ? 97  TYR A OH  1 
ATOM   783  N  N   . ASP A 1 98  ? 12.818  4.249   -7.066  1.00 14.87 ? 98  ASP A N   1 
ATOM   784  C  CA  . ASP A 1 98  ? 12.851  5.703   -7.227  1.00 14.43 ? 98  ASP A CA  1 
ATOM   785  C  C   . ASP A 1 98  ? 11.615  6.355   -7.782  1.00 13.32 ? 98  ASP A C   1 
ATOM   786  O  O   . ASP A 1 98  ? 11.571  7.564   -7.867  1.00 12.17 ? 98  ASP A O   1 
ATOM   787  C  CB  . ASP A 1 98  ? 14.099  6.221   -7.987  1.00 16.25 ? 98  ASP A CB  1 
ATOM   788  C  CG  . ASP A 1 98  ? 14.777  5.173   -8.810  1.00 20.91 ? 98  ASP A CG  1 
ATOM   789  O  OD1 . ASP A 1 98  ? 14.036  4.413   -9.491  1.00 27.35 ? 98  ASP A OD1 1 
ATOM   790  O  OD2 . ASP A 1 98  ? 16.036  5.071   -8.860  1.00 22.06 ? 98  ASP A OD2 1 
ATOM   791  N  N   . ASN A 1 99  ? 10.615  5.556   -8.154  1.00 12.87 ? 99  ASN A N   1 
ATOM   792  C  CA  . ASN A 1 99  ? 9.375   6.102   -8.703  1.00 13.01 ? 99  ASN A CA  1 
ATOM   793  C  C   . ASN A 1 99  ? 8.076   5.512   -8.178  1.00 12.52 ? 99  ASN A C   1 
ATOM   794  O  O   . ASN A 1 99  ? 7.218   6.244   -7.710  1.00 12.31 ? 99  ASN A O   1 
ATOM   795  C  CB  . ASN A 1 99  ? 9.370   6.004   -10.219 1.00 13.98 ? 99  ASN A CB  1 
ATOM   796  C  CG  . ASN A 1 99  ? 9.179   7.332   -10.862 1.00 19.59 ? 99  ASN A CG  1 
ATOM   797  O  OD1 . ASN A 1 99  ? 10.098  7.868   -11.491 1.00 20.50 ? 99  ASN A OD1 1 
ATOM   798  N  ND2 . ASN A 1 99  ? 8.000   7.918   -10.669 1.00 23.40 ? 99  ASN A ND2 1 
ATOM   799  N  N   . PHE A 1 100 ? 7.914   4.197   -8.283  1.00 11.91 ? 100 PHE A N   1 
ATOM   800  C  CA  . PHE A 1 100 ? 6.683   3.574   -7.821  1.00 11.52 ? 100 PHE A CA  1 
ATOM   801  C  C   . PHE A 1 100 ? 6.884   2.365   -6.917  1.00 11.48 ? 100 PHE A C   1 
ATOM   802  O  O   . PHE A 1 100 ? 7.937   1.741   -6.887  1.00 11.16 ? 100 PHE A O   1 
ATOM   803  C  CB  . PHE A 1 100 ? 5.812   3.161   -9.011  1.00 11.67 ? 100 PHE A CB  1 
ATOM   804  C  CG  . PHE A 1 100 ? 6.344   1.977   -9.758  1.00 13.12 ? 100 PHE A CG  1 
ATOM   805  C  CD1 . PHE A 1 100 ? 5.896   0.701   -9.461  1.00 15.00 ? 100 PHE A CD1 1 
ATOM   806  C  CD2 . PHE A 1 100 ? 7.305   2.141   -10.752 1.00 15.30 ? 100 PHE A CD2 1 
ATOM   807  C  CE1 . PHE A 1 100 ? 6.390   -0.400  -10.154 1.00 17.96 ? 100 PHE A CE1 1 
ATOM   808  C  CE2 . PHE A 1 100 ? 7.792   1.051   -11.462 1.00 16.30 ? 100 PHE A CE2 1 
ATOM   809  C  CZ  . PHE A 1 100 ? 7.345   -0.212  -11.157 1.00 16.40 ? 100 PHE A CZ  1 
ATOM   810  N  N   . LEU A 1 101 ? 5.841   2.047   -6.162  1.00 10.85 ? 101 LEU A N   1 
ATOM   811  C  CA  . LEU A 1 101 ? 5.871   0.890   -5.300  1.00 11.47 ? 101 LEU A CA  1 
ATOM   812  C  C   . LEU A 1 101 ? 4.468   0.290   -5.343  1.00 11.74 ? 101 LEU A C   1 
ATOM   813  O  O   . LEU A 1 101 ? 3.483   1.013   -5.197  1.00 11.38 ? 101 LEU A O   1 
ATOM   814  C  CB  . LEU A 1 101 ? 6.247   1.326   -3.871  1.00 12.36 ? 101 LEU A CB  1 
ATOM   815  C  CG  . LEU A 1 101 ? 6.426   0.276   -2.777  1.00 13.90 ? 101 LEU A CG  1 
ATOM   816  C  CD1 . LEU A 1 101 ? 7.453   0.773   -1.757  1.00 17.64 ? 101 LEU A CD1 1 
ATOM   817  C  CD2 . LEU A 1 101 ? 5.091   -0.030  -2.103  1.00 16.06 ? 101 LEU A CD2 1 
ATOM   818  N  N   . MET A 1 102 ? 4.373   -1.017  -5.577  1.00 10.70 ? 102 MET A N   1 
ATOM   819  C  CA  . MET A 1 102 ? 3.075   -1.690  -5.580  1.00 11.95 ? 102 MET A CA  1 
ATOM   820  C  C   . MET A 1 102 ? 3.024   -2.667  -4.404  1.00 11.63 ? 102 MET A C   1 
ATOM   821  O  O   . MET A 1 102 ? 3.946   -3.449  -4.231  1.00 11.81 ? 102 MET A O   1 
ATOM   822  C  CB  . MET A 1 102 ? 2.852   -2.413  -6.903  1.00 12.15 ? 102 MET A CB  1 
ATOM   823  C  CG  . MET A 1 102 ? 2.979   -1.520  -8.117  1.00 12.91 ? 102 MET A CG  1 
ATOM   824  S  SD  . MET A 1 102 ? 2.440   -2.406  -9.626  1.00 15.40 ? 102 MET A SD  1 
ATOM   825  C  CE  . MET A 1 102 ? 2.757   -1.172  -10.790 1.00 13.28 ? 102 MET A CE  1 
ATOM   826  N  N   . ALA A 1 103 ? 1.986   -2.576  -3.560  1.00 11.26 ? 103 ALA A N   1 
ATOM   827  C  CA  . ALA A 1 103 ? 1.872   -3.438  -2.382  1.00 10.89 ? 103 ALA A CA  1 
ATOM   828  C  C   . ALA A 1 103 ? 0.642   -4.336  -2.446  1.00 10.68 ? 103 ALA A C   1 
ATOM   829  O  O   . ALA A 1 103 ? -0.375  -3.970  -3.043  1.00 11.46 ? 103 ALA A O   1 
ATOM   830  C  CB  . ALA A 1 103 ? 1.823   -2.602  -1.090  1.00 11.30 ? 103 ALA A CB  1 
ATOM   831  N  N   . HIS A 1 104 ? 0.728   -5.501  -1.800  1.00 9.96  ? 104 HIS A N   1 
ATOM   832  C  CA  . HIS A 1 104 ? -0.374  -6.453  -1.753  1.00 10.82 ? 104 HIS A CA  1 
ATOM   833  C  C   . HIS A 1 104 ? -0.582  -6.846  -0.303  1.00 11.16 ? 104 HIS A C   1 
ATOM   834  O  O   . HIS A 1 104 ? 0.322   -7.361  0.326   1.00 10.87 ? 104 HIS A O   1 
ATOM   835  C  CB  . HIS A 1 104 ? -0.032  -7.690  -2.583  1.00 10.63 ? 104 HIS A CB  1 
ATOM   836  C  CG  . HIS A 1 104 ? -1.064  -8.780  -2.518  1.00 12.02 ? 104 HIS A CG  1 
ATOM   837  N  ND1 . HIS A 1 104 ? -0.958  -9.860  -1.668  1.00 15.84 ? 104 HIS A ND1 1 
ATOM   838  C  CD2 . HIS A 1 104 ? -2.214  -8.959  -3.210  1.00 15.85 ? 104 HIS A CD2 1 
ATOM   839  C  CE1 . HIS A 1 104 ? -1.994  -10.662 -1.847  1.00 15.67 ? 104 HIS A CE1 1 
ATOM   840  N  NE2 . HIS A 1 104 ? -2.775  -10.134 -2.768  1.00 14.79 ? 104 HIS A NE2 1 
ATOM   841  N  N   . LEU A 1 105 ? -1.770  -6.581  0.225   1.00 11.03 ? 105 LEU A N   1 
ATOM   842  C  CA  . LEU A 1 105 ? -2.047  -6.829  1.640   1.00 11.49 ? 105 LEU A CA  1 
ATOM   843  C  C   . LEU A 1 105 ? -3.245  -7.752  1.836   1.00 11.34 ? 105 LEU A C   1 
ATOM   844  O  O   . LEU A 1 105 ? -4.232  -7.650  1.097   1.00 12.06 ? 105 LEU A O   1 
ATOM   845  C  CB  . LEU A 1 105 ? -2.311  -5.495  2.342   1.00 11.95 ? 105 LEU A CB  1 
ATOM   846  C  CG  . LEU A 1 105 ? -2.728  -5.569  3.813   1.00 12.84 ? 105 LEU A CG  1 
ATOM   847  C  CD1 . LEU A 1 105 ? -2.197  -4.380  4.574   1.00 14.76 ? 105 LEU A CD1 1 
ATOM   848  C  CD2 . LEU A 1 105 ? -4.243  -5.602  3.925   1.00 15.59 ? 105 LEU A CD2 1 
ATOM   849  N  N   . ILE A 1 106 ? -3.166  -8.624  2.835   1.00 12.58 ? 106 ILE A N   1 
ATOM   850  C  CA  . ILE A 1 106 ? -4.283  -9.496  3.166   1.00 14.18 ? 106 ILE A CA  1 
ATOM   851  C  C   . ILE A 1 106 ? -4.675  -9.198  4.605   1.00 14.11 ? 106 ILE A C   1 
ATOM   852  O  O   . ILE A 1 106 ? -3.847  -9.218  5.499   1.00 14.40 ? 106 ILE A O   1 
ATOM   853  C  CB  . ILE A 1 106 ? -3.910  -10.983 3.002   1.00 14.41 ? 106 ILE A CB  1 
ATOM   854  C  CG1 . ILE A 1 106 ? -3.549  -11.304 1.554   1.00 16.19 ? 106 ILE A CG1 1 
ATOM   855  C  CG2 . ILE A 1 106 ? -5.059  -11.877 3.422   1.00 16.27 ? 106 ILE A CG2 1 
ATOM   856  C  CD1 . ILE A 1 106 ? -2.909  -12.666 1.410   1.00 20.73 ? 106 ILE A CD1 1 
ATOM   857  N  N   . ASN A 1 107 ? -5.953  -8.915  4.813   1.00 14.60 ? 107 ASN A N   1 
ATOM   858  C  CA  . ASN A 1 107 ? -6.467  -8.615  6.139   1.00 15.50 ? 107 ASN A CA  1 
ATOM   859  C  C   . ASN A 1 107 ? -7.346  -9.761  6.616   1.00 16.28 ? 107 ASN A C   1 
ATOM   860  O  O   . ASN A 1 107 ? -8.077  -10.356 5.836   1.00 16.39 ? 107 ASN A O   1 
ATOM   861  C  CB  . ASN A 1 107 ? -7.291  -7.331  6.081   1.00 15.42 ? 107 ASN A CB  1 
ATOM   862  C  CG  . ASN A 1 107 ? -8.023  -7.030  7.385   1.00 17.29 ? 107 ASN A CG  1 
ATOM   863  O  OD1 . ASN A 1 107 ? -9.198  -7.364  7.540   1.00 17.52 ? 107 ASN A OD1 1 
ATOM   864  N  ND2 . ASN A 1 107 ? -7.345  -6.363  8.305   1.00 17.35 ? 107 ASN A ND2 1 
ATOM   865  N  N   . GLU A 1 108 ? -7.245  -10.077 7.899   1.00 17.49 ? 108 GLU A N   1 
ATOM   866  C  CA  . GLU A 1 108 ? -8.081  -11.111 8.492   1.00 19.56 ? 108 GLU A CA  1 
ATOM   867  C  C   . GLU A 1 108 ? -8.730  -10.521 9.730   1.00 19.52 ? 108 GLU A C   1 
ATOM   868  O  O   . GLU A 1 108 ? -8.056  -9.960  10.583  1.00 19.52 ? 108 GLU A O   1 
ATOM   869  C  CB  . GLU A 1 108 ? -7.247  -12.348 8.851   1.00 20.37 ? 108 GLU A CB  1 
ATOM   870  C  CG  . GLU A 1 108 ? -6.525  -12.960 7.651   1.00 25.06 ? 108 GLU A CG  1 
ATOM   871  C  CD  . GLU A 1 108 ? -5.565  -14.084 8.007   1.00 30.13 ? 108 GLU A CD  1 
ATOM   872  O  OE1 . GLU A 1 108 ? -5.769  -14.761 9.047   1.00 32.98 ? 108 GLU A OE1 1 
ATOM   873  O  OE2 . GLU A 1 108 ? -4.601  -14.293 7.235   1.00 31.97 ? 108 GLU A OE2 1 
ATOM   874  N  N   . LYS A 1 109 ? -10.055 -10.580 9.792   1.00 20.46 ? 109 LYS A N   1 
ATOM   875  C  CA  . LYS A 1 109 ? -10.764 -10.142 10.990  1.00 21.33 ? 109 LYS A CA  1 
ATOM   876  C  C   . LYS A 1 109 ? -12.172 -10.721 11.081  1.00 21.39 ? 109 LYS A C   1 
ATOM   877  O  O   . LYS A 1 109 ? -12.912 -10.786 10.094  1.00 20.50 ? 109 LYS A O   1 
ATOM   878  C  CB  . LYS A 1 109 ? -10.781 -8.621  11.149  1.00 22.08 ? 109 LYS A CB  1 
ATOM   879  C  CG  . LYS A 1 109 ? -11.590 -7.849  10.163  1.00 24.26 ? 109 LYS A CG  1 
ATOM   880  C  CD  . LYS A 1 109 ? -12.516 -6.882  10.888  1.00 27.89 ? 109 LYS A CD  1 
ATOM   881  C  CE  . LYS A 1 109 ? -11.869 -6.279  12.118  1.00 29.51 ? 109 LYS A CE  1 
ATOM   882  N  NZ  . LYS A 1 109 ? -12.866 -5.502  12.906  1.00 31.77 ? 109 LYS A NZ  1 
ATOM   883  N  N   . ASP A 1 110 ? -12.511 -11.157 12.289  1.00 22.06 ? 110 ASP A N   1 
ATOM   884  C  CA  . ASP A 1 110 ? -13.828 -11.701 12.568  1.00 22.98 ? 110 ASP A CA  1 
ATOM   885  C  C   . ASP A 1 110 ? -14.272 -12.750 11.562  1.00 22.79 ? 110 ASP A C   1 
ATOM   886  O  O   . ASP A 1 110 ? -15.391 -12.712 11.053  1.00 23.12 ? 110 ASP A O   1 
ATOM   887  C  CB  . ASP A 1 110 ? -14.846 -10.569 12.636  1.00 23.49 ? 110 ASP A CB  1 
ATOM   888  C  CG  . ASP A 1 110 ? -14.673 -9.714  13.859  1.00 24.76 ? 110 ASP A CG  1 
ATOM   889  O  OD1 . ASP A 1 110 ? -14.001 -10.165 14.806  1.00 26.51 ? 110 ASP A OD1 1 
ATOM   890  O  OD2 . ASP A 1 110 ? -15.160 -8.569  13.965  1.00 28.00 ? 110 ASP A OD2 1 
ATOM   891  N  N   . GLY A 1 111 ? -13.381 -13.678 11.256  1.00 22.01 ? 111 GLY A N   1 
ATOM   892  C  CA  . GLY A 1 111 ? -13.720 -14.780 10.383  1.00 21.30 ? 111 GLY A CA  1 
ATOM   893  C  C   . GLY A 1 111 ? -13.785 -14.485 8.905   1.00 20.80 ? 111 GLY A C   1 
ATOM   894  O  O   . GLY A 1 111 ? -14.180 -15.352 8.139   1.00 20.55 ? 111 GLY A O   1 
ATOM   895  N  N   . GLU A 1 112 ? -13.391 -13.277 8.506   1.00 20.37 ? 112 GLU A N   1 
ATOM   896  C  CA  . GLU A 1 112 ? -13.420 -12.871 7.105   1.00 20.01 ? 112 GLU A CA  1 
ATOM   897  C  C   . GLU A 1 112 ? -12.073 -12.337 6.631   1.00 19.49 ? 112 GLU A C   1 
ATOM   898  O  O   . GLU A 1 112 ? -11.278 -11.872 7.425   1.00 19.87 ? 112 GLU A O   1 
ATOM   899  C  CB  . GLU A 1 112 ? -14.480 -11.799 6.891   1.00 20.17 ? 112 GLU A CB  1 
ATOM   900  C  CG  . GLU A 1 112 ? -15.902 -12.282 7.158   1.00 22.74 ? 112 GLU A CG  1 
ATOM   901  C  CD  . GLU A 1 112 ? -16.927 -11.249 6.753   1.00 24.76 ? 112 GLU A CD  1 
ATOM   902  O  OE1 . GLU A 1 112 ? -16.864 -10.792 5.596   1.00 26.14 ? 112 GLU A OE1 1 
ATOM   903  O  OE2 . GLU A 1 112 ? -17.794 -10.884 7.583   1.00 27.66 ? 112 GLU A OE2 1 
ATOM   904  N  N   . THR A 1 113 ? -11.837 -12.419 5.329   1.00 19.03 ? 113 THR A N   1 
ATOM   905  C  CA  . THR A 1 113 ? -10.584 -11.952 4.750   1.00 19.00 ? 113 THR A CA  1 
ATOM   906  C  C   . THR A 1 113 ? -10.870 -11.067 3.549   1.00 18.27 ? 113 THR A C   1 
ATOM   907  O  O   . THR A 1 113 ? -11.897 -11.245 2.873   1.00 19.00 ? 113 THR A O   1 
ATOM   908  C  CB  . THR A 1 113 ? -9.739  -13.160 4.291   1.00 19.60 ? 113 THR A CB  1 
ATOM   909  O  OG1 . THR A 1 113 ? -9.317  -13.928 5.425   1.00 22.72 ? 113 THR A OG1 1 
ATOM   910  C  CG2 . THR A 1 113 ? -8.429  -12.713 3.677   1.00 19.74 ? 113 THR A CG2 1 
ATOM   911  N  N   . PHE A 1 114 ? -9.994  -10.097 3.291   1.00 16.61 ? 114 PHE A N   1 
ATOM   912  C  CA  . PHE A 1 114 ? -10.109 -9.315  2.058   1.00 16.08 ? 114 PHE A CA  1 
ATOM   913  C  C   . PHE A 1 114 ? -8.705  -8.955  1.610   1.00 15.78 ? 114 PHE A C   1 
ATOM   914  O  O   . PHE A 1 114 ? -7.769  -9.028  2.400   1.00 15.46 ? 114 PHE A O   1 
ATOM   915  C  CB  . PHE A 1 114 ? -11.004 -8.067  2.207   1.00 16.09 ? 114 PHE A CB  1 
ATOM   916  C  CG  . PHE A 1 114 ? -10.361 -6.896  2.944   1.00 17.11 ? 114 PHE A CG  1 
ATOM   917  C  CD1 . PHE A 1 114 ? -9.570  -5.970  2.281   1.00 17.45 ? 114 PHE A CD1 1 
ATOM   918  C  CD2 . PHE A 1 114 ? -10.610 -6.695  4.296   1.00 18.76 ? 114 PHE A CD2 1 
ATOM   919  C  CE1 . PHE A 1 114 ? -9.018  -4.895  2.959   1.00 18.55 ? 114 PHE A CE1 1 
ATOM   920  C  CE2 . PHE A 1 114 ? -10.056 -5.626  4.977   1.00 17.69 ? 114 PHE A CE2 1 
ATOM   921  C  CZ  . PHE A 1 114 ? -9.259  -4.731  4.319   1.00 18.84 ? 114 PHE A CZ  1 
ATOM   922  N  N   . GLN A 1 115 ? -8.562  -8.626  0.336   1.00 15.12 ? 115 GLN A N   1 
ATOM   923  C  CA  . GLN A 1 115 ? -7.267  -8.258  -0.214  1.00 15.54 ? 115 GLN A CA  1 
ATOM   924  C  C   . GLN A 1 115 ? -7.281  -6.781  -0.551  1.00 14.25 ? 115 GLN A C   1 
ATOM   925  O  O   . GLN A 1 115 ? -8.297  -6.243  -0.986  1.00 13.32 ? 115 GLN A O   1 
ATOM   926  C  CB  . GLN A 1 115 ? -6.947  -9.081  -1.474  1.00 16.19 ? 115 GLN A CB  1 
ATOM   927  C  CG  . GLN A 1 115 ? -7.392  -10.514 -1.404  1.00 21.21 ? 115 GLN A CG  1 
ATOM   928  C  CD  . GLN A 1 115 ? -7.370  -11.239 -2.755  1.00 25.42 ? 115 GLN A CD  1 
ATOM   929  O  OE1 . GLN A 1 115 ? -7.840  -10.711 -3.775  1.00 28.47 ? 115 GLN A OE1 1 
ATOM   930  N  NE2 . GLN A 1 115 ? -6.831  -12.453 -2.757  1.00 27.64 ? 115 GLN A NE2 1 
ATOM   931  N  N   . LEU A 1 116 ? -6.137  -6.135  -0.376  1.00 13.52 ? 116 LEU A N   1 
ATOM   932  C  CA  . LEU A 1 116 ? -5.984  -4.725  -0.713  1.00 14.15 ? 116 LEU A CA  1 
ATOM   933  C  C   . LEU A 1 116 ? -4.713  -4.579  -1.516  1.00 12.99 ? 116 LEU A C   1 
ATOM   934  O  O   . LEU A 1 116 ? -3.704  -5.197  -1.187  1.00 14.15 ? 116 LEU A O   1 
ATOM   935  C  CB  . LEU A 1 116 ? -5.857  -3.886  0.553   1.00 13.92 ? 116 LEU A CB  1 
ATOM   936  C  CG  . LEU A 1 116 ? -5.643  -2.379  0.473   1.00 16.60 ? 116 LEU A CG  1 
ATOM   937  C  CD1 . LEU A 1 116 ? -6.017  -1.789  1.815   1.00 19.78 ? 116 LEU A CD1 1 
ATOM   938  C  CD2 . LEU A 1 116 ? -4.216  -2.006  0.111   1.00 18.93 ? 116 LEU A CD2 1 
ATOM   939  N  N   . MET A 1 117 ? -4.751  -3.778  -2.566  1.00 12.41 ? 117 MET A N   1 
ATOM   940  C  CA  . MET A 1 117 ? -3.532  -3.505  -3.320  1.00 11.73 ? 117 MET A CA  1 
ATOM   941  C  C   . MET A 1 117 ? -3.384  -1.994  -3.397  1.00 11.08 ? 117 MET A C   1 
ATOM   942  O  O   . MET A 1 117 ? -4.386  -1.269  -3.440  1.00 11.13 ? 117 MET A O   1 
ATOM   943  C  CB  . MET A 1 117 ? -3.584  -4.178  -4.690  1.00 12.44 ? 117 MET A CB  1 
ATOM   944  C  CG  . MET A 1 117 ? -3.772  -5.671  -4.532  1.00 14.42 ? 117 MET A CG  1 
ATOM   945  S  SD  . MET A 1 117 ? -3.542  -6.590  -6.067  1.00 20.94 ? 117 MET A SD  1 
ATOM   946  C  CE  . MET A 1 117 ? -1.985  -6.079  -6.505  1.00 19.32 ? 117 MET A CE  1 
ATOM   947  N  N   . GLY A 1 118 ? -2.148  -1.519  -3.365  1.00 9.50  ? 118 GLY A N   1 
ATOM   948  C  CA  . GLY A 1 118 ? -1.883  -0.096  -3.355  1.00 9.60  ? 118 GLY A CA  1 
ATOM   949  C  C   . GLY A 1 118 ? -0.794  0.272   -4.342  1.00 9.48  ? 118 GLY A C   1 
ATOM   950  O  O   . GLY A 1 118 ? 0.108   -0.520  -4.557  1.00 9.67  ? 118 GLY A O   1 
ATOM   951  N  N   . LEU A 1 119 ? -0.915  1.444   -4.953  1.00 9.64  ? 119 LEU A N   1 
ATOM   952  C  CA  . LEU A 1 119 ? 0.118   1.962   -5.842  1.00 9.40  ? 119 LEU A CA  1 
ATOM   953  C  C   . LEU A 1 119 ? 0.599   3.235   -5.183  1.00 9.96  ? 119 LEU A C   1 
ATOM   954  O  O   . LEU A 1 119 ? -0.212  4.155   -4.903  1.00 10.00 ? 119 LEU A O   1 
ATOM   955  C  CB  . LEU A 1 119 ? -0.442  2.253   -7.246  1.00 9.63  ? 119 LEU A CB  1 
ATOM   956  C  CG  . LEU A 1 119 ? 0.520   2.933   -8.237  1.00 8.09  ? 119 LEU A CG  1 
ATOM   957  C  CD1 . LEU A 1 119 ? 1.764   2.081   -8.453  1.00 9.81  ? 119 LEU A CD1 1 
ATOM   958  C  CD2 . LEU A 1 119 ? -0.202  3.178   -9.563  1.00 10.61 ? 119 LEU A CD2 1 
ATOM   959  N  N   . TYR A 1 120 ? 1.899   3.287   -4.917  1.00 8.37  ? 120 TYR A N   1 
ATOM   960  C  CA  . TYR A 1 120 ? 2.509   4.437   -4.244  1.00 9.23  ? 120 TYR A CA  1 
ATOM   961  C  C   . TYR A 1 120 ? 3.554   5.104   -5.129  1.00 9.42  ? 120 TYR A C   1 
ATOM   962  O  O   . TYR A 1 120 ? 4.198   4.434   -5.935  1.00 9.44  ? 120 TYR A O   1 
ATOM   963  C  CB  . TYR A 1 120 ? 3.117   4.018   -2.884  1.00 8.92  ? 120 TYR A CB  1 
ATOM   964  C  CG  . TYR A 1 120 ? 2.085   3.333   -2.035  1.00 9.73  ? 120 TYR A CG  1 
ATOM   965  C  CD1 . TYR A 1 120 ? 1.266   4.060   -1.178  1.00 11.15 ? 120 TYR A CD1 1 
ATOM   966  C  CD2 . TYR A 1 120 ? 1.863   1.970   -2.154  1.00 9.23  ? 120 TYR A CD2 1 
ATOM   967  C  CE1 . TYR A 1 120 ? 0.288   3.422   -0.429  1.00 11.31 ? 120 TYR A CE1 1 
ATOM   968  C  CE2 . TYR A 1 120 ? 0.876   1.326   -1.406  1.00 11.31 ? 120 TYR A CE2 1 
ATOM   969  C  CZ  . TYR A 1 120 ? 0.094   2.072   -0.545  1.00 11.48 ? 120 TYR A CZ  1 
ATOM   970  O  OH  . TYR A 1 120 ? -0.905  1.454   0.189   1.00 14.81 ? 120 TYR A OH  1 
ATOM   971  N  N   . GLY A 1 121 ? 3.680   6.423   -5.018  1.00 8.67  ? 121 GLY A N   1 
ATOM   972  C  CA  . GLY A 1 121 ? 4.664   7.157   -5.793  1.00 9.99  ? 121 GLY A CA  1 
ATOM   973  C  C   . GLY A 1 121 ? 5.587   8.040   -4.970  1.00 10.02 ? 121 GLY A C   1 
ATOM   974  O  O   . GLY A 1 121 ? 5.201   8.545   -3.912  1.00 8.82  ? 121 GLY A O   1 
ATOM   975  N  N   . ARG A 1 122 ? 6.812   8.250   -5.471  1.00 9.51  ? 122 ARG A N   1 
ATOM   976  C  CA  . ARG A 1 122 ? 7.744   9.185   -4.849  1.00 10.65 ? 122 ARG A CA  1 
ATOM   977  C  C   . ARG A 1 122 ? 7.236   10.611  -5.059  1.00 11.34 ? 122 ARG A C   1 
ATOM   978  O  O   . ARG A 1 122 ? 7.476   11.483  -4.237  1.00 11.49 ? 122 ARG A O   1 
ATOM   979  C  CB  . ARG A 1 122 ? 9.146   9.036   -5.438  1.00 10.14 ? 122 ARG A CB  1 
ATOM   980  C  CG  . ARG A 1 122 ? 9.845   7.744   -5.085  1.00 10.21 ? 122 ARG A CG  1 
ATOM   981  C  CD  . ARG A 1 122 ? 10.083  7.554   -3.587  1.00 9.94  ? 122 ARG A CD  1 
ATOM   982  N  NE  . ARG A 1 122 ? 11.131  6.563   -3.306  1.00 9.19  ? 122 ARG A NE  1 
ATOM   983  C  CZ  . ARG A 1 122 ? 11.616  6.313   -2.102  1.00 10.55 ? 122 ARG A CZ  1 
ATOM   984  N  NH1 . ARG A 1 122 ? 11.178  7.016   -1.067  1.00 9.72  ? 122 ARG A NH1 1 
ATOM   985  N  NH2 . ARG A 1 122 ? 12.559  5.384   -1.926  1.00 11.52 ? 122 ARG A NH2 1 
ATOM   986  N  N   . GLU A 1 123 ? 6.545   10.827  -6.177  1.00 11.95 ? 123 GLU A N   1 
ATOM   987  C  CA  . GLU A 1 123 ? 5.878   12.094  -6.478  1.00 13.12 ? 123 GLU A CA  1 
ATOM   988  C  C   . GLU A 1 123 ? 4.389   11.953  -6.221  1.00 13.05 ? 123 GLU A C   1 
ATOM   989  O  O   . GLU A 1 123 ? 3.877   10.846  -6.100  1.00 12.45 ? 123 GLU A O   1 
ATOM   990  C  CB  . GLU A 1 123 ? 6.085   12.467  -7.944  1.00 13.57 ? 123 GLU A CB  1 
ATOM   991  C  CG  . GLU A 1 123 ? 7.523   12.418  -8.408  1.00 17.76 ? 123 GLU A CG  1 
ATOM   992  C  CD  . GLU A 1 123 ? 7.647   12.967  -9.807  1.00 22.83 ? 123 GLU A CD  1 
ATOM   993  O  OE1 . GLU A 1 123 ? 7.423   12.196  -10.762 1.00 26.27 ? 123 GLU A OE1 1 
ATOM   994  O  OE2 . GLU A 1 123 ? 7.932   14.178  -9.938  1.00 27.37 ? 123 GLU A OE2 1 
ATOM   995  N  N   . PRO A 1 124 ? 3.683   13.073  -6.146  1.00 13.70 ? 124 PRO A N   1 
ATOM   996  C  CA  . PRO A 1 124 ? 2.231   13.055  -5.924  1.00 14.54 ? 124 PRO A CA  1 
ATOM   997  C  C   . PRO A 1 124 ? 1.372   12.403  -7.011  1.00 14.81 ? 124 PRO A C   1 
ATOM   998  O  O   . PRO A 1 124 ? 0.185   12.168  -6.773  1.00 15.43 ? 124 PRO A O   1 
ATOM   999  C  CB  . PRO A 1 124 ? 1.875   14.540  -5.785  1.00 14.86 ? 124 PRO A CB  1 
ATOM   1000 C  CG  . PRO A 1 124 ? 3.141   15.194  -5.437  1.00 15.53 ? 124 PRO A CG  1 
ATOM   1001 C  CD  . PRO A 1 124 ? 4.238   14.435  -6.147  1.00 13.61 ? 124 PRO A CD  1 
ATOM   1002 N  N   . ASP A 1 125 ? 1.933   12.124  -8.177  1.00 14.68 ? 125 ASP A N   1 
ATOM   1003 C  CA  . ASP A 1 125 ? 1.157   11.445  -9.213  1.00 15.18 ? 125 ASP A CA  1 
ATOM   1004 C  C   . ASP A 1 125 ? 2.102   10.567  -10.004 1.00 15.10 ? 125 ASP A C   1 
ATOM   1005 O  O   . ASP A 1 125 ? 3.313   10.716  -9.903  1.00 15.61 ? 125 ASP A O   1 
ATOM   1006 C  CB  . ASP A 1 125 ? 0.473   12.452  -10.133 1.00 16.00 ? 125 ASP A CB  1 
ATOM   1007 C  CG  . ASP A 1 125 ? -0.774  11.886  -10.821 1.00 16.97 ? 125 ASP A CG  1 
ATOM   1008 O  OD1 . ASP A 1 125 ? -1.097  10.690  -10.658 1.00 17.75 ? 125 ASP A OD1 1 
ATOM   1009 O  OD2 . ASP A 1 125 ? -1.501  12.594  -11.559 1.00 20.09 ? 125 ASP A OD2 1 
ATOM   1010 N  N   . LEU A 1 126 ? 1.536   9.632   -10.756 1.00 15.07 ? 126 LEU A N   1 
ATOM   1011 C  CA  . LEU A 1 126 ? 2.316   8.711   -11.562 1.00 15.42 ? 126 LEU A CA  1 
ATOM   1012 C  C   . LEU A 1 126 ? 1.771   8.756   -12.973 1.00 15.77 ? 126 LEU A C   1 
ATOM   1013 O  O   . LEU A 1 126 ? 0.628   9.187   -13.201 1.00 16.45 ? 126 LEU A O   1 
ATOM   1014 C  CB  . LEU A 1 126 ? 2.193   7.292   -11.006 1.00 15.08 ? 126 LEU A CB  1 
ATOM   1015 C  CG  . LEU A 1 126 ? 3.131   6.987   -9.833  1.00 16.21 ? 126 LEU A CG  1 
ATOM   1016 C  CD1 . LEU A 1 126 ? 2.810   5.657   -9.201  1.00 15.15 ? 126 LEU A CD1 1 
ATOM   1017 C  CD2 . LEU A 1 126 ? 4.588   7.021   -10.293 1.00 16.59 ? 126 LEU A CD2 1 
ATOM   1018 N  N   . SER A 1 127 ? 2.585   8.305   -13.920 1.00 15.97 ? 127 SER A N   1 
ATOM   1019 C  CA  . SER A 1 127 ? 2.168   8.299   -15.316 1.00 16.65 ? 127 SER A CA  1 
ATOM   1020 C  C   . SER A 1 127 ? 0.971   7.371   -15.556 1.00 16.76 ? 127 SER A C   1 
ATOM   1021 O  O   . SER A 1 127 ? 0.817   6.362   -14.889 1.00 16.41 ? 127 SER A O   1 
ATOM   1022 C  CB  . SER A 1 127 ? 3.321   7.878   -16.202 1.00 16.03 ? 127 SER A CB  1 
ATOM   1023 O  OG  . SER A 1 127 ? 3.523   6.479   -16.155 1.00 18.49 ? 127 SER A OG  1 
ATOM   1024 N  N   . SER A 1 128 ? 0.131   7.705   -16.530 1.00 17.35 ? 128 SER A N   1 
ATOM   1025 C  CA  . SER A 1 128 ? -1.017  6.851   -16.823 1.00 18.30 ? 128 SER A CA  1 
ATOM   1026 C  C   . SER A 1 128 ? -0.585  5.413   -17.166 1.00 18.10 ? 128 SER A C   1 
ATOM   1027 O  O   . SER A 1 128 ? -1.316  4.451   -16.922 1.00 17.76 ? 128 SER A O   1 
ATOM   1028 C  CB  . SER A 1 128 ? -1.896  7.482   -17.923 1.00 18.15 ? 128 SER A CB  1 
ATOM   1029 O  OG  . SER A 1 128 ? -1.206  7.525   -19.163 1.00 20.98 ? 128 SER A OG  1 
ATOM   1030 N  N   . ASP A 1 129 ? 0.612   5.264   -17.713 1.00 18.39 ? 129 ASP A N   1 
ATOM   1031 C  CA  . ASP A 1 129 ? 1.129   3.953   -18.079 1.00 18.61 ? 129 ASP A CA  1 
ATOM   1032 C  C   . ASP A 1 129 ? 1.347   3.092   -16.847 1.00 17.40 ? 129 ASP A C   1 
ATOM   1033 O  O   . ASP A 1 129 ? 0.968   1.929   -16.820 1.00 16.55 ? 129 ASP A O   1 
ATOM   1034 C  CB  . ASP A 1 129 ? 2.421   4.134   -18.860 1.00 20.24 ? 129 ASP A CB  1 
ATOM   1035 C  CG  . ASP A 1 129 ? 2.302   5.233   -19.872 1.00 23.63 ? 129 ASP A CG  1 
ATOM   1036 O  OD1 . ASP A 1 129 ? 1.671   4.973   -20.918 1.00 25.75 ? 129 ASP A OD1 1 
ATOM   1037 O  OD2 . ASP A 1 129 ? 2.761   6.392   -19.704 1.00 28.68 ? 129 ASP A OD2 1 
ATOM   1038 N  N   . ILE A 1 130 ? 1.932   3.684   -15.808 1.00 15.84 ? 130 ILE A N   1 
ATOM   1039 C  CA  . ILE A 1 130 ? 2.162   2.959   -14.566 1.00 15.10 ? 130 ILE A CA  1 
ATOM   1040 C  C   . ILE A 1 130 ? 0.823   2.636   -13.922 1.00 13.80 ? 130 ILE A C   1 
ATOM   1041 O  O   . ILE A 1 130 ? 0.621   1.533   -13.409 1.00 13.41 ? 130 ILE A O   1 
ATOM   1042 C  CB  . ILE A 1 130 ? 3.070   3.757   -13.640 1.00 14.63 ? 130 ILE A CB  1 
ATOM   1043 C  CG1 . ILE A 1 130 ? 4.497   3.763   -14.224 1.00 15.14 ? 130 ILE A CG1 1 
ATOM   1044 C  CG2 . ILE A 1 130 ? 3.056   3.160   -12.245 1.00 15.35 ? 130 ILE A CG2 1 
ATOM   1045 C  CD1 . ILE A 1 130 ? 5.443   4.718   -13.516 1.00 19.54 ? 130 ILE A CD1 1 
ATOM   1046 N  N   . LYS A 1 131 ? -0.113  3.574   -13.981 1.00 13.34 ? 131 LYS A N   1 
ATOM   1047 C  CA  . LYS A 1 131 ? -1.443  3.310   -13.441 1.00 12.53 ? 131 LYS A CA  1 
ATOM   1048 C  C   . LYS A 1 131 ? -2.102  2.112   -14.144 1.00 12.94 ? 131 LYS A C   1 
ATOM   1049 O  O   . LYS A 1 131 ? -2.743  1.285   -13.499 1.00 12.29 ? 131 LYS A O   1 
ATOM   1050 C  CB  . LYS A 1 131 ? -2.348  4.542   -13.532 1.00 12.46 ? 131 LYS A CB  1 
ATOM   1051 C  CG  . LYS A 1 131 ? -1.935  5.660   -12.567 1.00 13.88 ? 131 LYS A CG  1 
ATOM   1052 C  CD  . LYS A 1 131 ? -2.861  6.844   -12.658 1.00 15.37 ? 131 LYS A CD  1 
ATOM   1053 C  CE  . LYS A 1 131 ? -2.338  7.977   -11.807 1.00 13.96 ? 131 LYS A CE  1 
ATOM   1054 N  NZ  . LYS A 1 131 ? -3.260  9.157   -11.876 1.00 18.51 ? 131 LYS A NZ  1 
ATOM   1055 N  N   . GLU A 1 132 ? -1.931  2.017   -15.464 1.00 13.25 ? 132 GLU A N   1 
ATOM   1056 C  CA  . GLU A 1 132 ? -2.508  0.887   -16.209 1.00 14.06 ? 132 GLU A CA  1 
ATOM   1057 C  C   . GLU A 1 132 ? -1.832  -0.427  -15.815 1.00 13.79 ? 132 GLU A C   1 
ATOM   1058 O  O   . GLU A 1 132 ? -2.489  -1.465  -15.694 1.00 13.79 ? 132 GLU A O   1 
ATOM   1059 C  CB  . GLU A 1 132 ? -2.399  1.117   -17.723 1.00 14.17 ? 132 GLU A CB  1 
ATOM   1060 C  CG  . GLU A 1 132 ? -2.885  -0.054  -18.578 1.00 14.97 ? 132 GLU A CG  1 
ATOM   1061 C  CD  . GLU A 1 132 ? -4.376  -0.307  -18.458 1.00 15.17 ? 132 GLU A CD  1 
ATOM   1062 O  OE1 . GLU A 1 132 ? -5.080  0.520   -17.838 1.00 16.08 ? 132 GLU A OE1 1 
ATOM   1063 O  OE2 . GLU A 1 132 ? -4.841  -1.342  -18.981 1.00 16.09 ? 132 GLU A OE2 1 
ATOM   1064 N  N   . ARG A 1 133 ? -0.520  -0.380  -15.606 1.00 13.42 ? 133 ARG A N   1 
ATOM   1065 C  CA  . ARG A 1 133 ? 0.208   -1.570  -15.188 1.00 13.42 ? 133 ARG A CA  1 
ATOM   1066 C  C   . ARG A 1 133 ? -0.364  -2.074  -13.879 1.00 13.02 ? 133 ARG A C   1 
ATOM   1067 O  O   . ARG A 1 133 ? -0.534  -3.270  -13.680 1.00 13.32 ? 133 ARG A O   1 
ATOM   1068 C  CB  . ARG A 1 133 ? 1.688   -1.272  -15.025 1.00 14.70 ? 133 ARG A CB  1 
ATOM   1069 C  CG  . ARG A 1 133 ? 2.504   -2.430  -14.491 1.00 18.94 ? 133 ARG A CG  1 
ATOM   1070 C  CD  . ARG A 1 133 ? 3.879   -2.039  -13.979 1.00 25.79 ? 133 ARG A CD  1 
ATOM   1071 N  NE  . ARG A 1 133 ? 4.806   -3.154  -14.074 1.00 30.82 ? 133 ARG A NE  1 
ATOM   1072 C  CZ  . ARG A 1 133 ? 6.039   -3.060  -14.537 1.00 32.97 ? 133 ARG A CZ  1 
ATOM   1073 N  NH1 . ARG A 1 133 ? 6.517   -1.888  -14.947 1.00 34.58 ? 133 ARG A NH1 1 
ATOM   1074 N  NH2 . ARG A 1 133 ? 6.801   -4.143  -14.589 1.00 35.77 ? 133 ARG A NH2 1 
ATOM   1075 N  N   . PHE A 1 134 ? -0.674  -1.137  -12.986 1.00 11.41 ? 134 PHE A N   1 
ATOM   1076 C  CA  . PHE A 1 134 ? -1.255  -1.498  -11.712 1.00 11.32 ? 134 PHE A CA  1 
ATOM   1077 C  C   . PHE A 1 134 ? -2.594  -2.171  -11.928 1.00 11.26 ? 134 PHE A C   1 
ATOM   1078 O  O   . PHE A 1 134 ? -2.893  -3.177  -11.305 1.00 11.45 ? 134 PHE A O   1 
ATOM   1079 C  CB  . PHE A 1 134 ? -1.437  -0.245  -10.849 1.00 10.75 ? 134 PHE A CB  1 
ATOM   1080 C  CG  . PHE A 1 134 ? -1.997  -0.534  -9.472  1.00 10.55 ? 134 PHE A CG  1 
ATOM   1081 C  CD1 . PHE A 1 134 ? -1.241  -1.197  -8.516  1.00 12.48 ? 134 PHE A CD1 1 
ATOM   1082 C  CD2 . PHE A 1 134 ? -3.259  -0.103  -9.140  1.00 12.35 ? 134 PHE A CD2 1 
ATOM   1083 C  CE1 . PHE A 1 134 ? -1.762  -1.443  -7.245  1.00 13.48 ? 134 PHE A CE1 1 
ATOM   1084 C  CE2 . PHE A 1 134 ? -3.791  -0.347  -7.884  1.00 11.55 ? 134 PHE A CE2 1 
ATOM   1085 C  CZ  . PHE A 1 134 ? -3.028  -1.014  -6.929  1.00 12.27 ? 134 PHE A CZ  1 
ATOM   1086 N  N   . ALA A 1 135 ? -3.410  -1.615  -12.815 1.00 11.11 ? 135 ALA A N   1 
ATOM   1087 C  CA  . ALA A 1 135 ? -4.710  -2.214  -13.067 1.00 11.90 ? 135 ALA A CA  1 
ATOM   1088 C  C   . ALA A 1 135 ? -4.549  -3.648  -13.547 1.00 12.76 ? 135 ALA A C   1 
ATOM   1089 O  O   . ALA A 1 135 ? -5.337  -4.520  -13.183 1.00 12.14 ? 135 ALA A O   1 
ATOM   1090 C  CB  . ALA A 1 135 ? -5.508  -1.374  -14.091 1.00 11.74 ? 135 ALA A CB  1 
ATOM   1091 N  N   . GLN A 1 136 ? -3.530  -3.882  -14.366 1.00 13.53 ? 136 GLN A N   1 
ATOM   1092 C  CA  . GLN A 1 136 ? -3.256  -5.228  -14.857 1.00 14.45 ? 136 GLN A CA  1 
ATOM   1093 C  C   . GLN A 1 136 ? -2.919  -6.207  -13.734 1.00 14.06 ? 136 GLN A C   1 
ATOM   1094 O  O   . GLN A 1 136 ? -3.395  -7.342  -13.723 1.00 14.66 ? 136 GLN A O   1 
ATOM   1095 C  CB  . GLN A 1 136 ? -2.133  -5.184  -15.890 1.00 14.84 ? 136 GLN A CB  1 
ATOM   1096 C  CG  . GLN A 1 136 ? -2.545  -4.486  -17.181 1.00 19.10 ? 136 GLN A CG  1 
ATOM   1097 C  CD  . GLN A 1 136 ? -3.660  -5.214  -17.909 1.00 22.12 ? 136 GLN A CD  1 
ATOM   1098 O  OE1 . GLN A 1 136 ? -3.668  -6.444  -17.972 1.00 24.49 ? 136 GLN A OE1 1 
ATOM   1099 N  NE2 . GLN A 1 136 ? -4.596  -4.462  -18.460 1.00 22.70 ? 136 GLN A NE2 1 
ATOM   1100 N  N   . LEU A 1 137 ? -2.099  -5.765  -12.792 1.00 13.69 ? 137 LEU A N   1 
ATOM   1101 C  CA  . LEU A 1 137 ? -1.745  -6.587  -11.643 1.00 14.41 ? 137 LEU A CA  1 
ATOM   1102 C  C   . LEU A 1 137 ? -2.990  -6.854  -10.785 1.00 13.65 ? 137 LEU A C   1 
ATOM   1103 O  O   . LEU A 1 137 ? -3.209  -7.974  -10.314 1.00 14.14 ? 137 LEU A O   1 
ATOM   1104 C  CB  . LEU A 1 137 ? -0.653  -5.893  -10.850 1.00 14.92 ? 137 LEU A CB  1 
ATOM   1105 C  CG  . LEU A 1 137 ? -0.135  -6.509  -9.548  1.00 18.27 ? 137 LEU A CG  1 
ATOM   1106 C  CD1 . LEU A 1 137 ? 0.977   -7.493  -9.801  1.00 21.53 ? 137 LEU A CD1 1 
ATOM   1107 C  CD2 . LEU A 1 137 ? 0.346   -5.415  -8.618  1.00 21.58 ? 137 LEU A CD2 1 
ATOM   1108 N  N   . CYS A 1 138 ? -3.835  -5.840  -10.614 1.00 13.25 ? 138 CYS A N   1 
ATOM   1109 C  CA  . CYS A 1 138 ? -5.077  -6.022  -9.866  1.00 12.82 ? 138 CYS A CA  1 
ATOM   1110 C  C   . CYS A 1 138 ? -5.929  -7.116  -10.520 1.00 13.90 ? 138 CYS A C   1 
ATOM   1111 O  O   . CYS A 1 138 ? -6.498  -7.980  -9.832  1.00 14.09 ? 138 CYS A O   1 
ATOM   1112 C  CB  . CYS A 1 138 ? -5.874  -4.714  -9.782  1.00 13.09 ? 138 CYS A CB  1 
ATOM   1113 S  SG  . CYS A 1 138 ? -5.162  -3.527  -8.603  1.00 13.46 ? 138 CYS A SG  1 
ATOM   1114 N  N   . GLU A 1 139 ? -6.015  -7.067  -11.843 1.00 14.51 ? 139 GLU A N   1 
ATOM   1115 C  CA  . GLU A 1 139 ? -6.776  -8.072  -12.597 1.00 15.73 ? 139 GLU A CA  1 
ATOM   1116 C  C   . GLU A 1 139 ? -6.272  -9.479  -12.299 1.00 16.72 ? 139 GLU A C   1 
ATOM   1117 O  O   . GLU A 1 139 ? -7.060  -10.423 -12.164 1.00 17.07 ? 139 GLU A O   1 
ATOM   1118 C  CB  . GLU A 1 139 ? -6.697  -7.803  -14.103 1.00 15.48 ? 139 GLU A CB  1 
ATOM   1119 C  CG  . GLU A 1 139 ? -7.467  -8.812  -14.956 1.00 16.66 ? 139 GLU A CG  1 
ATOM   1120 C  CD  . GLU A 1 139 ? -7.362  -8.541  -16.459 1.00 18.80 ? 139 GLU A CD  1 
ATOM   1121 O  OE1 . GLU A 1 139 ? -7.308  -7.353  -16.892 1.00 18.89 ? 139 GLU A OE1 1 
ATOM   1122 O  OE2 . GLU A 1 139 ? -7.343  -9.529  -17.233 1.00 18.55 ? 139 GLU A OE2 1 
ATOM   1123 N  N   . GLU A 1 140 ? -4.955  -9.613  -12.188 1.00 17.58 ? 140 GLU A N   1 
ATOM   1124 C  CA  . GLU A 1 140 ? -4.327  -10.895 -11.928 1.00 19.02 ? 140 GLU A CA  1 
ATOM   1125 C  C   . GLU A 1 140 ? -4.772  -11.452 -10.590 1.00 18.52 ? 140 GLU A C   1 
ATOM   1126 O  O   . GLU A 1 140 ? -4.813  -12.662 -10.393 1.00 18.46 ? 140 GLU A O   1 
ATOM   1127 C  CB  . GLU A 1 140 ? -2.807  -10.746 -11.940 1.00 19.76 ? 140 GLU A CB  1 
ATOM   1128 C  CG  . GLU A 1 140 ? -2.059  -12.000 -12.352 1.00 25.32 ? 140 GLU A CG  1 
ATOM   1129 C  CD  . GLU A 1 140 ? -0.760  -11.668 -13.059 1.00 29.82 ? 140 GLU A CD  1 
ATOM   1130 O  OE1 . GLU A 1 140 ? -0.474  -10.465 -13.201 1.00 32.78 ? 140 GLU A OE1 1 
ATOM   1131 O  OE2 . GLU A 1 140 ? -0.028  -12.600 -13.473 1.00 34.00 ? 140 GLU A OE2 1 
ATOM   1132 N  N   . HIS A 1 141 ? -5.132  -10.554 -9.685  1.00 18.23 ? 141 HIS A N   1 
ATOM   1133 C  CA  . HIS A 1 141 ? -5.546  -10.936 -8.348  1.00 18.34 ? 141 HIS A CA  1 
ATOM   1134 C  C   . HIS A 1 141 ? -7.048  -10.973 -8.181  1.00 18.76 ? 141 HIS A C   1 
ATOM   1135 O  O   . HIS A 1 141 ? -7.549  -11.132 -7.076  1.00 19.48 ? 141 HIS A O   1 
ATOM   1136 C  CB  . HIS A 1 141 ? -4.935  -9.974  -7.349  1.00 18.27 ? 141 HIS A CB  1 
ATOM   1137 C  CG  . HIS A 1 141 ? -3.485  -10.223 -7.124  1.00 18.25 ? 141 HIS A CG  1 
ATOM   1138 N  ND1 . HIS A 1 141 ? -3.016  -10.938 -6.043  1.00 18.49 ? 141 HIS A ND1 1 
ATOM   1139 C  CD2 . HIS A 1 141 ? -2.398  -9.899  -7.862  1.00 18.97 ? 141 HIS A CD2 1 
ATOM   1140 C  CE1 . HIS A 1 141 ? -1.699  -11.008 -6.105  1.00 19.49 ? 141 HIS A CE1 1 
ATOM   1141 N  NE2 . HIS A 1 141 ? -1.302  -10.404 -7.208  1.00 18.73 ? 141 HIS A NE2 1 
ATOM   1142 N  N   . GLY A 1 142 ? -7.763  -10.814 -9.288  1.00 18.26 ? 142 GLY A N   1 
ATOM   1143 C  CA  . GLY A 1 142 ? -9.207  -10.885 -9.269  1.00 18.61 ? 142 GLY A CA  1 
ATOM   1144 C  C   . GLY A 1 142 ? -9.912  -9.603  -8.864  1.00 18.83 ? 142 GLY A C   1 
ATOM   1145 O  O   . GLY A 1 142 ? -11.102 -9.636  -8.556  1.00 19.42 ? 142 GLY A O   1 
ATOM   1146 N  N   . ILE A 1 143 ? -9.186  -8.482  -8.837  1.00 18.36 ? 143 ILE A N   1 
ATOM   1147 C  CA  . ILE A 1 143 ? -9.795  -7.186  -8.521  1.00 18.74 ? 143 ILE A CA  1 
ATOM   1148 C  C   . ILE A 1 143 ? -10.146 -6.451  -9.809  1.00 18.57 ? 143 ILE A C   1 
ATOM   1149 O  O   . ILE A 1 143 ? -9.254  -6.128  -10.599 1.00 17.91 ? 143 ILE A O   1 
ATOM   1150 C  CB  . ILE A 1 143 ? -8.851  -6.311  -7.695  1.00 18.77 ? 143 ILE A CB  1 
ATOM   1151 C  CG1 . ILE A 1 143 ? -8.410  -7.044  -6.426  1.00 20.54 ? 143 ILE A CG1 1 
ATOM   1152 C  CG2 . ILE A 1 143 ? -9.533  -4.968  -7.362  1.00 19.31 ? 143 ILE A CG2 1 
ATOM   1153 C  CD1 . ILE A 1 143 ? -7.380  -6.267  -5.611  1.00 20.15 ? 143 ILE A CD1 1 
ATOM   1154 N  N   . LEU A 1 144 ? -11.439 -6.208  -10.018 1.00 18.40 ? 144 LEU A N   1 
ATOM   1155 C  CA  . LEU A 1 144 ? -11.919 -5.505  -11.207 1.00 18.14 ? 144 LEU A CA  1 
ATOM   1156 C  C   . LEU A 1 144 ? -11.728 -3.988  -11.124 1.00 17.63 ? 144 LEU A C   1 
ATOM   1157 O  O   . LEU A 1 144 ? -11.538 -3.426  -10.040 1.00 17.45 ? 144 LEU A O   1 
ATOM   1158 C  CB  . LEU A 1 144 ? -13.392 -5.842  -11.481 1.00 18.87 ? 144 LEU A CB  1 
ATOM   1159 C  CG  . LEU A 1 144 ? -14.278 -6.813  -10.135 1.00 22.19 ? 144 LEU A CG  1 
ATOM   1160 C  CD1 . LEU A 1 144 ? -13.570 -7.232  -8.213  0.50 13.35 ? 144 LEU A CD1 1 
ATOM   1161 C  CD2 . LEU A 1 144 ? -16.309 -6.616  -9.812  0.50 26.04 ? 144 LEU A CD2 1 
ATOM   1162 N  N   . ARG A 1 145 ? -11.779 -3.318  -12.270 1.00 16.92 ? 145 ARG A N   1 
ATOM   1163 C  CA  . ARG A 1 145 ? -11.520 -1.882  -12.296 1.00 16.39 ? 145 ARG A CA  1 
ATOM   1164 C  C   . ARG A 1 145 ? -12.515 -1.048  -11.494 1.00 16.40 ? 145 ARG A C   1 
ATOM   1165 O  O   . ARG A 1 145 ? -12.179 0.034   -11.038 1.00 15.96 ? 145 ARG A O   1 
ATOM   1166 C  CB  . ARG A 1 145 ? -11.414 -1.363  -13.728 1.00 16.00 ? 145 ARG A CB  1 
ATOM   1167 C  CG  . ARG A 1 145 ? -10.166 -1.822  -14.438 1.00 16.13 ? 145 ARG A CG  1 
ATOM   1168 C  CD  . ARG A 1 145 ? -10.123 -1.411  -15.896 1.00 16.62 ? 145 ARG A CD  1 
ATOM   1169 N  NE  . ARG A 1 145 ? -9.083  -2.118  -16.632 1.00 18.58 ? 145 ARG A NE  1 
ATOM   1170 C  CZ  . ARG A 1 145 ? -7.991  -1.535  -17.102 1.00 16.62 ? 145 ARG A CZ  1 
ATOM   1171 N  NH1 . ARG A 1 145 ? -7.828  -0.234  -16.934 1.00 17.81 ? 145 ARG A NH1 1 
ATOM   1172 N  NH2 . ARG A 1 145 ? -7.087  -2.244  -17.764 1.00 18.12 ? 145 ARG A NH2 1 
ATOM   1173 N  N   . GLU A 1 146 ? -13.734 -1.549  -11.304 1.00 16.71 ? 146 GLU A N   1 
ATOM   1174 C  CA  . GLU A 1 146 ? -14.727 -0.779  -10.567 1.00 18.22 ? 146 GLU A CA  1 
ATOM   1175 C  C   . GLU A 1 146 ? -14.371 -0.696  -9.087  1.00 17.41 ? 146 GLU A C   1 
ATOM   1176 O  O   . GLU A 1 146 ? -14.981 0.099   -8.348  1.00 16.95 ? 146 GLU A O   1 
ATOM   1177 C  CB  . GLU A 1 146 ? -16.119 -1.385  -10.752 1.00 18.80 ? 146 GLU A CB  1 
ATOM   1178 C  CG  . GLU A 1 146 ? -16.592 -1.424  -12.194 1.00 23.66 ? 146 GLU A CG  1 
ATOM   1179 C  CD  . GLU A 1 146 ? -17.969 -2.041  -12.340 1.00 27.57 ? 146 GLU A CD  1 
ATOM   1180 O  OE1 . GLU A 1 146 ? -18.556 -2.433  -11.310 1.00 27.60 ? 146 GLU A OE1 1 
ATOM   1181 O  OE2 . GLU A 1 146 ? -18.461 -2.134  -13.484 1.00 31.74 ? 146 GLU A OE2 1 
ATOM   1182 N  N   . ASN A 1 147 ? -13.406 -1.507  -8.678  1.00 16.24 ? 147 ASN A N   1 
ATOM   1183 C  CA  . ASN A 1 147 ? -12.922 -1.529  -7.299  1.00 16.72 ? 147 ASN A CA  1 
ATOM   1184 C  C   . ASN A 1 147 ? -11.527 -0.884  -7.142  1.00 15.92 ? 147 ASN A C   1 
ATOM   1185 O  O   . ASN A 1 147 ? -10.879 -1.050  -6.119  1.00 15.64 ? 147 ASN A O   1 
ATOM   1186 C  CB  . ASN A 1 147 ? -12.925 -2.963  -6.764  1.00 17.40 ? 147 ASN A CB  1 
ATOM   1187 C  CG  . ASN A 1 147 ? -14.294 -3.393  -6.251  1.00 19.73 ? 147 ASN A CG  1 
ATOM   1188 O  OD1 . ASN A 1 147 ? -14.419 -4.408  -5.562  1.00 24.77 ? 147 ASN A OD1 1 
ATOM   1189 N  ND2 . ASN A 1 147 ? -15.313 -2.609  -6.560  1.00 20.72 ? 147 ASN A ND2 1 
ATOM   1190 N  N   . ILE A 1 148 ? -11.080 -0.186  -8.186  1.00 15.03 ? 148 ILE A N   1 
ATOM   1191 C  CA  . ILE A 1 148 ? -9.807  0.550   -8.197  1.00 15.08 ? 148 ILE A CA  1 
ATOM   1192 C  C   . ILE A 1 148 ? -10.128 2.031   -8.120  1.00 15.03 ? 148 ILE A C   1 
ATOM   1193 O  O   . ILE A 1 148 ? -10.857 2.556   -8.972  1.00 16.64 ? 148 ILE A O   1 
ATOM   1194 C  CB  . ILE A 1 148 ? -9.018  0.256   -9.483  1.00 14.69 ? 148 ILE A CB  1 
ATOM   1195 C  CG1 . ILE A 1 148 ? -8.674  -1.224  -9.536  1.00 15.95 ? 148 ILE A CG1 1 
ATOM   1196 C  CG2 . ILE A 1 148 ? -7.732  1.132   -9.560  1.00 14.91 ? 148 ILE A CG2 1 
ATOM   1197 C  CD1 . ILE A 1 148 ? -7.973  -1.634  -10.816 1.00 14.83 ? 148 ILE A CD1 1 
ATOM   1198 N  N   . ILE A 1 149 ? -9.612  2.686   -7.088  1.00 14.61 ? 149 ILE A N   1 
ATOM   1199 C  CA  . ILE A 1 149 ? -9.858  4.105   -6.865  1.00 14.95 ? 149 ILE A CA  1 
ATOM   1200 C  C   . ILE A 1 149 ? -8.591  4.950   -6.946  1.00 15.28 ? 149 ILE A C   1 
ATOM   1201 O  O   . ILE A 1 149 ? -7.677  4.785   -6.151  1.00 14.75 ? 149 ILE A O   1 
ATOM   1202 C  CB  . ILE A 1 149 ? -10.544 4.325   -5.500  1.00 15.29 ? 149 ILE A CB  1 
ATOM   1203 C  CG1 . ILE A 1 149 ? -11.832 3.502   -5.383  1.00 15.43 ? 149 ILE A CG1 1 
ATOM   1204 C  CG2 . ILE A 1 149 ? -10.862 5.796   -5.296  1.00 15.75 ? 149 ILE A CG2 1 
ATOM   1205 C  CD1 . ILE A 1 149 ? -12.483 3.645   -4.015  1.00 15.23 ? 149 ILE A CD1 1 
ATOM   1206 N  N   . ASP A 1 150 ? -8.552  5.847   -7.918  1.00 16.45 ? 150 ASP A N   1 
ATOM   1207 C  CA  . ASP A 1 150 ? -7.446  6.776   -8.078  1.00 18.18 ? 150 ASP A CA  1 
ATOM   1208 C  C   . ASP A 1 150 ? -7.631  7.914   -7.071  1.00 18.82 ? 150 ASP A C   1 
ATOM   1209 O  O   . ASP A 1 150 ? -8.622  8.652   -7.125  1.00 19.17 ? 150 ASP A O   1 
ATOM   1210 C  CB  . ASP A 1 150 ? -7.402  7.293   -9.521  1.00 18.66 ? 150 ASP A CB  1 
ATOM   1211 C  CG  . ASP A 1 150 ? -6.172  8.127   -9.799  1.00 20.36 ? 150 ASP A CG  1 
ATOM   1212 O  OD1 . ASP A 1 150 ? -5.731  8.825   -8.863  1.00 20.49 ? 150 ASP A OD1 1 
ATOM   1213 O  OD2 . ASP A 1 150 ? -5.591  8.148   -10.914 1.00 22.35 ? 150 ASP A OD2 1 
ATOM   1214 N  N   . LEU A 1 151 ? -6.692  8.023   -6.130  1.00 19.73 ? 151 LEU A N   1 
ATOM   1215 C  CA  . LEU A 1 151 ? -6.750  9.015   -5.053  1.00 21.46 ? 151 LEU A CA  1 
ATOM   1216 C  C   . LEU A 1 151 ? -5.743  10.143  -5.250  1.00 22.65 ? 151 LEU A C   1 
ATOM   1217 O  O   . LEU A 1 151 ? -5.526  10.952  -4.339  1.00 22.62 ? 151 LEU A O   1 
ATOM   1218 C  CB  . LEU A 1 151 ? -6.450  8.345   -3.715  1.00 21.18 ? 151 LEU A CB  1 
ATOM   1219 C  CG  . LEU A 1 151 ? -7.541  7.908   -2.734  1.00 23.50 ? 151 LEU A CG  1 
ATOM   1220 C  CD1 . LEU A 1 151 ? -8.890  7.745   -3.379  1.00 23.55 ? 151 LEU A CD1 1 
ATOM   1221 C  CD2 . LEU A 1 151 ? -7.116  6.629   -2.001  1.00 22.20 ? 151 LEU A CD2 1 
ATOM   1222 N  N   . SER A 1 152 ? -5.143  10.209  -6.430  1.00 24.31 ? 152 SER A N   1 
ATOM   1223 C  CA  . SER A 1 152 ? -4.081  11.183  -6.668  1.00 26.79 ? 152 SER A CA  1 
ATOM   1224 C  C   . SER A 1 152 ? -4.513  12.632  -6.435  1.00 28.20 ? 152 SER A C   1 
ATOM   1225 O  O   . SER A 1 152 ? -3.738  13.432  -5.904  1.00 28.85 ? 152 SER A O   1 
ATOM   1226 C  CB  . SER A 1 152 ? -3.455  11.004  -8.057  1.00 26.51 ? 152 SER A CB  1 
ATOM   1227 O  OG  . SER A 1 152 ? -4.428  11.041  -9.076  1.00 27.84 ? 152 SER A OG  1 
ATOM   1228 N  N   . ASN A 1 153 ? -5.738  12.963  -6.826  1.00 30.06 ? 153 ASN A N   1 
ATOM   1229 C  CA  . ASN A 1 153 ? -6.264  14.317  -6.646  1.00 32.13 ? 153 ASN A CA  1 
ATOM   1230 C  C   . ASN A 1 153 ? -6.864  14.547  -5.258  1.00 33.51 ? 153 ASN A C   1 
ATOM   1231 O  O   . ASN A 1 153 ? -7.542  15.553  -5.013  1.00 33.67 ? 153 ASN A O   1 
ATOM   1232 C  CB  . ASN A 1 153 ? -7.306  14.630  -7.718  1.00 32.02 ? 153 ASN A CB  1 
ATOM   1233 N  N   . ALA A 1 154 ? -6.609  13.612  -4.352  1.00 35.00 ? 154 ALA A N   1 
ATOM   1234 C  CA  . ALA A 1 154 ? -7.099  13.706  -2.987  1.00 36.77 ? 154 ALA A CA  1 
ATOM   1235 C  C   . ALA A 1 154 ? -5.938  13.488  -2.024  1.00 38.06 ? 154 ALA A C   1 
ATOM   1236 O  O   . ALA A 1 154 ? -6.076  13.679  -0.813  1.00 38.39 ? 154 ALA A O   1 
ATOM   1237 C  CB  . ALA A 1 154 ? -8.183  12.674  -2.748  1.00 36.69 ? 154 ALA A CB  1 
ATOM   1238 N  N   . ASN A 1 155 ? -4.792  13.090  -2.573  1.00 39.53 ? 155 ASN A N   1 
ATOM   1239 C  CA  . ASN A 1 155 ? -3.601  12.803  -1.771  1.00 40.97 ? 155 ASN A CA  1 
ATOM   1240 C  C   . ASN A 1 155 ? -2.823  14.061  -1.378  1.00 41.69 ? 155 ASN A C   1 
ATOM   1241 O  O   . ASN A 1 155 ? -1.600  14.142  -1.548  1.00 42.15 ? 155 ASN A O   1 
ATOM   1242 C  CB  . ASN A 1 155 ? -2.698  11.756  -2.461  1.00 40.85 ? 155 ASN A CB  1 
ATOM   1243 C  CG  . ASN A 1 155 ? -1.979  12.296  -3.692  1.00 41.63 ? 155 ASN A CG  1 
ATOM   1244 O  OD1 . ASN A 1 155 ? -1.074  11.650  -4.228  1.00 41.58 ? 155 ASN A OD1 1 
ATOM   1245 N  ND2 . ASN A 1 155 ? -2.373  13.477  -4.142  1.00 41.71 ? 155 ASN A ND2 1 
ATOM   1246 N  N   . ARG A 1 156 ? -3.549  15.036  -0.840  1.00 42.48 ? 156 ARG A N   1 
ATOM   1247 C  CA  . ARG A 1 156 ? -2.965  16.307  -0.431  1.00 43.06 ? 156 ARG A CA  1 
ATOM   1248 C  C   . ARG A 1 156 ? -2.386  16.255  0.979   1.00 43.06 ? 156 ARG A C   1 
ATOM   1249 O  O   . ARG A 1 156 ? -1.463  15.481  1.242   1.00 43.40 ? 156 ARG A O   1 
ATOM   1250 C  CB  . ARG A 1 156 ? -4.003  17.424  -0.550  1.00 43.20 ? 156 ARG A CB  1 
ATOM   1251 C  CG  . ARG A 1 156 ? -5.282  17.174  0.216   1.00 44.32 ? 156 ARG A CG  1 
ATOM   1252 C  CD  . ARG A 1 156 ? -6.416  18.102  -0.170  1.00 46.31 ? 156 ARG A CD  1 
ATOM   1253 N  NE  . ARG A 1 156 ? -7.083  17.638  -1.382  1.00 48.20 ? 156 ARG A NE  1 
ATOM   1254 C  CZ  . ARG A 1 156 ? -8.398  17.613  -1.539  1.00 49.08 ? 156 ARG A CZ  1 
ATOM   1255 N  NH1 . ARG A 1 156 ? -9.193  18.035  -0.563  1.00 50.02 ? 156 ARG A NH1 1 
ATOM   1256 N  NH2 . ARG A 1 156 ? -8.921  17.166  -2.672  1.00 49.37 ? 156 ARG A NH2 1 
ATOM   1257 N  N   . CYS A 1 157 ? -2.931  17.078  1.875   1.00 43.12 ? 157 CYS A N   1 
ATOM   1258 C  CA  . CYS A 1 157 ? -2.462  17.166  3.260   1.00 42.93 ? 157 CYS A CA  1 
ATOM   1259 C  C   . CYS A 1 157 ? -1.565  15.995  3.648   1.00 42.93 ? 157 CYS A C   1 
ATOM   1260 O  O   . CYS A 1 157 ? -0.345  16.064  3.511   1.00 43.21 ? 157 CYS A O   1 
ATOM   1261 C  CB  . CYS A 1 157 ? -3.640  17.269  4.237   1.00 42.64 ? 157 CYS A CB  1 
ATOM   1262 S  SG  . CYS A 1 157 ? -4.348  15.676  4.743   1.00 41.82 ? 157 CYS A SG  1 
HETATM 1263 CD CD  . CD  B 2 .   ? 8.854   -20.228 13.256  1.00 22.75 ? 163 CD  A CD  1 
HETATM 1264 CD CD  . CD  C 2 .   ? -4.075  -11.521 -4.093  1.00 22.62 ? 164 CD  A CD  1 
HETATM 1265 CD CD  . CD  D 2 .   ? 14.271  7.124   9.795   1.00 39.71 ? 165 CD  A CD  1 
HETATM 1266 CD CD  . CD  E 2 .   ? 8.532   15.414  -2.247  1.00 16.66 ? 166 CD  A CD  1 
HETATM 1267 CD CD  . CD  F 2 .   ? -9.326  20.038  13.305  0.80 38.08 ? 167 CD  A CD  1 
HETATM 1268 CD CD  . CD  G 2 .   ? 2.378   14.812  7.539   0.80 40.94 ? 168 CD  A CD  1 
HETATM 1269 CD CD  . CD  H 2 .   ? 6.868   -5.355  16.625  0.50 20.38 ? 169 CD  A CD  1 
HETATM 1270 S  S1  . TZL I 3 .   ? -1.608  -0.534  4.116   0.60 25.17 ? 170 TZL A S1  1 
HETATM 1271 C  C2  . TZL I 3 .   ? 0.141   -0.725  4.184   0.60 21.30 ? 170 TZL A C2  1 
HETATM 1272 N  N3  . TZL I 3 .   ? 0.277   -1.259  5.341   0.60 25.30 ? 170 TZL A N3  1 
HETATM 1273 C  C4  . TZL I 3 .   ? -0.713  -1.342  6.497   0.60 22.10 ? 170 TZL A C4  1 
HETATM 1274 C  C5  . TZL I 3 .   ? -2.051  -0.754  5.853   0.60 22.05 ? 170 TZL A C5  1 
HETATM 1275 C  C6  . TZL I 3 .   ? 0.897   -0.882  2.872   0.60 23.42 ? 170 TZL A C6  1 
HETATM 1276 C  C7  . TZL I 3 .   ? 1.592   0.532   2.733   0.60 21.13 ? 170 TZL A C7  1 
HETATM 1277 C  C8  . TZL I 3 .   ? 2.817   0.545   1.765   0.60 29.00 ? 170 TZL A C8  1 
HETATM 1278 C  C9  . TZL I 3 .   ? 1.885   -1.879  2.921   0.60 23.75 ? 170 TZL A C9  1 
HETATM 1279 O  O   . HOH J 4 .   ? -9.673  -8.037  -19.051 1.00 15.54 ? 171 HOH A O   1 
HETATM 1280 O  O   . HOH J 4 .   ? 18.247  4.320   -8.858  1.00 22.26 ? 172 HOH A O   1 
HETATM 1281 O  O   . HOH J 4 .   ? -0.429  9.935   0.453   1.00 13.14 ? 173 HOH A O   1 
HETATM 1282 O  O   . HOH J 4 .   ? 13.641  -3.440  13.734  1.00 20.65 ? 174 HOH A O   1 
HETATM 1283 O  O   . HOH J 4 .   ? 12.093  2.344   -13.443 1.00 29.80 ? 175 HOH A O   1 
HETATM 1284 O  O   . HOH J 4 .   ? -9.656  -13.421 13.504  1.00 19.90 ? 176 HOH A O   1 
HETATM 1285 O  O   . HOH J 4 .   ? -2.320  2.942   1.867   1.00 16.75 ? 177 HOH A O   1 
HETATM 1286 O  O   . HOH J 4 .   ? -10.933 -5.385  8.487   1.00 24.94 ? 178 HOH A O   1 
HETATM 1287 O  O   . HOH J 4 .   ? 0.923   -11.394 2.743   1.00 27.99 ? 179 HOH A O   1 
HETATM 1288 O  O   . HOH J 4 .   ? -13.711 0.252   7.088   1.00 25.34 ? 180 HOH A O   1 
HETATM 1289 O  O   . HOH J 4 .   ? -15.012 -3.313  -13.432 1.00 25.05 ? 181 HOH A O   1 
HETATM 1290 O  O   . HOH J 4 .   ? -9.097  8.554   4.687   1.00 27.65 ? 182 HOH A O   1 
HETATM 1291 O  O   . HOH J 4 .   ? -13.274 -2.383  8.502   1.00 27.02 ? 183 HOH A O   1 
HETATM 1292 O  O   . HOH J 4 .   ? 5.713   8.235   -13.516 1.00 22.81 ? 184 HOH A O   1 
HETATM 1293 O  O   . HOH J 4 .   ? 3.073   -8.109  13.477  1.00 25.60 ? 185 HOH A O   1 
HETATM 1294 O  O   . HOH J 4 .   ? 4.736   12.734  1.437   1.00 18.99 ? 186 HOH A O   1 
HETATM 1295 O  O   . HOH J 4 .   ? -5.548  2.119   -12.799 1.00 25.62 ? 187 HOH A O   1 
HETATM 1296 O  O   . HOH J 4 .   ? -11.243 -8.915  6.805   1.00 17.81 ? 188 HOH A O   1 
HETATM 1297 O  O   . HOH J 4 .   ? -7.876  4.686   11.164  1.00 35.68 ? 189 HOH A O   1 
HETATM 1298 O  O   . HOH J 4 .   ? -14.952 -9.067  9.020   1.00 27.85 ? 190 HOH A O   1 
HETATM 1299 O  O   . HOH J 4 .   ? 12.652  -4.341  7.368   1.00 26.10 ? 191 HOH A O   1 
HETATM 1300 O  O   . HOH J 4 .   ? 11.814  -18.018 7.555   1.00 24.95 ? 192 HOH A O   1 
HETATM 1301 O  O   . HOH J 4 .   ? -0.792  16.630  8.887   1.00 19.52 ? 193 HOH A O   1 
HETATM 1302 O  O   . HOH J 4 .   ? -2.737  -14.050 -7.025  1.00 34.52 ? 194 HOH A O   1 
HETATM 1303 O  O   . HOH J 4 .   ? -14.123 -8.877  16.692  1.00 21.62 ? 195 HOH A O   1 
HETATM 1304 O  O   . HOH J 4 .   ? 16.095  4.116   -11.238 1.00 36.65 ? 196 HOH A O   1 
HETATM 1305 O  O   . HOH J 4 .   ? 1.500   -10.449 -7.428  1.00 38.08 ? 197 HOH A O   1 
HETATM 1306 O  O   . HOH J 4 .   ? -14.652 17.073  11.733  1.00 36.53 ? 198 HOH A O   1 
HETATM 1307 O  O   . HOH J 4 .   ? 2.904   14.868  0.941   1.00 26.38 ? 199 HOH A O   1 
HETATM 1308 O  O   . HOH J 4 .   ? -15.034 10.610  -2.538  1.00 48.46 ? 200 HOH A O   1 
HETATM 1309 O  O   . HOH J 4 .   ? 15.628  5.503   -6.458  1.00 27.24 ? 201 HOH A O   1 
HETATM 1310 O  O   . HOH J 4 .   ? -10.195 -12.019 -1.097  1.00 43.16 ? 202 HOH A O   1 
HETATM 1311 O  O   . HOH J 4 .   ? -2.223  -13.622 -3.965  1.00 33.74 ? 203 HOH A O   1 
HETATM 1312 O  O   . HOH J 4 .   ? -8.135  11.574  -6.963  1.00 40.05 ? 204 HOH A O   1 
HETATM 1313 O  O   . HOH J 4 .   ? -3.427  -11.508 7.349   1.00 25.54 ? 205 HOH A O   1 
HETATM 1314 O  O   . HOH J 4 .   ? -13.306 2.851   -9.589  1.00 30.23 ? 206 HOH A O   1 
HETATM 1315 O  O   . HOH J 4 .   ? -14.668 7.366   -5.484  1.00 41.89 ? 207 HOH A O   1 
HETATM 1316 O  O   . HOH J 4 .   ? 3.731   -5.162  14.139  1.00 21.85 ? 208 HOH A O   1 
HETATM 1317 O  O   . HOH J 4 .   ? 5.844   -10.959 12.425  1.00 34.10 ? 209 HOH A O   1 
HETATM 1318 O  O   . HOH J 4 .   ? -8.417  -4.794  -12.988 1.00 19.14 ? 210 HOH A O   1 
HETATM 1319 O  O   . HOH J 4 .   ? -13.108 9.872   -3.970  1.00 37.58 ? 211 HOH A O   1 
HETATM 1320 O  O   . HOH J 4 .   ? 1.348   0.086   -18.834 1.00 29.26 ? 212 HOH A O   1 
HETATM 1321 O  O   . HOH J 4 .   ? -17.379 -11.104 10.396  1.00 28.03 ? 213 HOH A O   1 
HETATM 1322 O  O   . HOH J 4 .   ? 3.168   -15.003 7.894   1.00 31.86 ? 214 HOH A O   1 
HETATM 1323 O  O   . HOH J 4 .   ? 5.757   -16.052 8.978   1.00 31.44 ? 215 HOH A O   1 
HETATM 1324 O  O   . HOH J 4 .   ? -3.438  -8.682  -16.363 1.00 28.68 ? 216 HOH A O   1 
HETATM 1325 O  O   . HOH J 4 .   ? -4.316  15.514  -3.794  1.00 32.66 ? 217 HOH A O   1 
HETATM 1326 O  O   . HOH J 4 .   ? 8.946   4.248   -13.094 1.00 31.01 ? 218 HOH A O   1 
HETATM 1327 O  O   . HOH J 4 .   ? -5.415  -13.048 -5.198  1.00 20.43 ? 219 HOH A O   1 
HETATM 1328 O  O   . HOH J 4 .   ? 16.007  4.272   -3.006  1.00 35.02 ? 220 HOH A O   1 
HETATM 1329 O  O   . HOH J 4 .   ? -9.984  -6.208  -15.661 1.00 43.96 ? 221 HOH A O   1 
HETATM 1330 O  O   . HOH J 4 .   ? 12.288  -7.644  3.511   1.00 32.89 ? 222 HOH A O   1 
HETATM 1331 O  O   . HOH J 4 .   ? 3.280   14.028  14.565  1.00 34.72 ? 223 HOH A O   1 
HETATM 1332 O  O   . HOH J 4 .   ? -2.994  -2.487  -21.000 1.00 28.20 ? 224 HOH A O   1 
HETATM 1333 O  O   . HOH J 4 .   ? 0.382   -15.092 9.572   1.00 46.13 ? 225 HOH A O   1 
HETATM 1334 O  O   . HOH J 4 .   ? 15.597  5.517   -0.650  1.00 30.36 ? 226 HOH A O   1 
HETATM 1335 O  O   . HOH J 4 .   ? -1.698  12.951  -13.807 1.00 38.40 ? 227 HOH A O   1 
HETATM 1336 O  O   . HOH J 4 .   ? 10.395  -7.242  14.252  1.00 24.52 ? 228 HOH A O   1 
HETATM 1337 O  O   . HOH J 4 .   ? -12.362 -4.471  -14.851 1.00 24.37 ? 229 HOH A O   1 
HETATM 1338 O  O   . HOH J 4 .   ? -0.197  14.032  7.662   1.00 23.85 ? 230 HOH A O   1 
HETATM 1339 O  O   . HOH J 4 .   ? -1.278  11.428  -15.738 1.00 41.28 ? 231 HOH A O   1 
HETATM 1340 O  O   . HOH J 4 .   ? 15.168  1.863   -10.277 1.00 29.88 ? 232 HOH A O   1 
HETATM 1341 O  O   . HOH J 4 .   ? -15.985 12.737  10.714  1.00 37.88 ? 233 HOH A O   1 
HETATM 1342 O  O   . HOH J 4 .   ? 14.534  8.324   6.986   1.00 28.68 ? 234 HOH A O   1 
HETATM 1343 O  O   . HOH J 4 .   ? -17.197 9.181   9.162   1.00 42.04 ? 235 HOH A O   1 
HETATM 1344 O  O   . HOH J 4 .   ? -3.961  13.557  -15.081 1.00 32.06 ? 236 HOH A O   1 
HETATM 1345 O  O   . HOH J 4 .   ? 12.037  7.926   5.904   1.00 33.39 ? 237 HOH A O   1 
HETATM 1346 O  O   . HOH J 4 .   ? -4.972  -11.033 -17.674 1.00 44.00 ? 238 HOH A O   1 
HETATM 1347 O  O   . HOH J 4 .   ? -10.448 -11.123 14.245  1.00 28.91 ? 239 HOH A O   1 
HETATM 1348 O  O   . HOH J 4 .   ? -4.436  1.269   2.955   1.00 23.78 ? 240 HOH A O   1 
HETATM 1349 O  O   . HOH J 4 .   ? 6.123   12.985  3.192   1.00 32.07 ? 241 HOH A O   1 
HETATM 1350 O  O   . HOH J 4 .   ? -5.900  2.655   -16.374 1.00 28.75 ? 242 HOH A O   1 
HETATM 1351 O  O   . HOH J 4 .   ? -13.925 -13.912 3.843   1.00 27.05 ? 243 HOH A O   1 
HETATM 1352 O  O   . HOH J 4 .   ? -15.330 -16.325 5.546   1.00 38.28 ? 244 HOH A O   1 
HETATM 1353 O  O   . HOH J 4 .   ? 3.792   -0.886  -16.917 1.00 47.34 ? 245 HOH A O   1 
HETATM 1354 O  O   . HOH J 4 .   ? 3.422   15.900  3.625   1.00 31.82 ? 246 HOH A O   1 
HETATM 1355 O  O   . HOH J 4 .   ? 1.413   -5.282  -14.206 1.00 29.43 ? 247 HOH A O   1 
HETATM 1356 O  O   . HOH J 4 .   ? -16.957 -4.630  -3.341  1.00 28.11 ? 248 HOH A O   1 
HETATM 1357 O  O   . HOH J 4 .   ? 13.522  -14.091 -1.036  1.00 41.09 ? 249 HOH A O   1 
HETATM 1358 O  O   . HOH J 4 .   ? -10.125 10.848  1.450   1.00 42.86 ? 250 HOH A O   1 
HETATM 1359 O  O   . HOH J 4 .   ? -0.699  6.636   -21.288 1.00 40.05 ? 251 HOH A O   1 
HETATM 1360 O  O   . HOH J 4 .   ? -14.361 12.080  -0.221  1.00 38.89 ? 252 HOH A O   1 
HETATM 1361 O  O   . HOH J 4 .   ? 1.637   -10.587 -4.632  1.00 31.28 ? 253 HOH A O   1 
HETATM 1362 O  O   . HOH J 4 .   ? -5.430  -17.027 5.711   1.00 34.74 ? 254 HOH A O   1 
HETATM 1363 O  O   . HOH J 4 .   ? 17.257  6.689   2.843   1.00 22.27 ? 255 HOH A O   1 
HETATM 1364 O  O   . HOH J 4 .   ? 0.536   -12.063 -5.920  1.00 34.12 ? 256 HOH A O   1 
HETATM 1365 O  O   . HOH J 4 .   ? -11.358 7.123   5.913   1.00 32.60 ? 257 HOH A O   1 
HETATM 1366 O  O   . HOH J 4 .   ? 8.384   14.713  -6.624  1.00 46.18 ? 258 HOH A O   1 
HETATM 1367 O  O   . HOH J 4 .   ? -13.904 -7.496  6.921   1.00 38.71 ? 259 HOH A O   1 
HETATM 1368 O  O   . HOH J 4 .   ? 1.176   -6.189  -17.361 1.00 33.03 ? 260 HOH A O   1 
HETATM 1369 O  O   . HOH J 4 .   ? 0.944   -10.590 0.191   1.00 24.70 ? 261 HOH A O   1 
HETATM 1370 O  O   . HOH J 4 .   ? 6.459   -10.109 -7.934  1.00 37.83 ? 262 HOH A O   1 
HETATM 1371 O  O   . HOH J 4 .   ? 17.873  4.236   -6.944  1.00 29.05 ? 263 HOH A O   1 
HETATM 1372 O  O   . HOH J 4 .   ? -17.997 15.088  4.972   1.00 36.94 ? 264 HOH A O   1 
HETATM 1373 O  O   . HOH J 4 .   ? -11.073 4.691   12.119  1.00 30.98 ? 265 HOH A O   1 
HETATM 1374 O  O   . HOH J 4 .   ? -16.243 -18.067 5.147   1.00 37.12 ? 266 HOH A O   1 
HETATM 1375 O  O   . HOH J 4 .   ? 17.070  2.988   3.982   1.00 29.74 ? 267 HOH A O   1 
HETATM 1376 O  O   . HOH J 4 .   ? 5.877   9.207   -8.277  1.00 26.65 ? 268 HOH A O   1 
HETATM 1377 O  O   . HOH J 4 .   ? 6.670   -13.865 0.561   1.00 47.46 ? 269 HOH A O   1 
HETATM 1378 O  O   . HOH J 4 .   ? -9.164  1.827   -15.420 1.00 31.75 ? 270 HOH A O   1 
HETATM 1379 O  O   . HOH J 4 .   ? -15.188 10.777  8.749   1.00 41.82 ? 271 HOH A O   1 
HETATM 1380 O  O   . HOH J 4 .   ? 16.037  -9.557  9.185   1.00 46.08 ? 272 HOH A O   1 
HETATM 1381 O  O   . HOH J 4 .   ? -0.041  -12.957 -3.600  1.00 37.40 ? 273 HOH A O   1 
HETATM 1382 O  O   . HOH J 4 .   ? 9.798   8.859   -13.923 1.00 25.37 ? 274 HOH A O   1 
HETATM 1383 O  O   . HOH J 4 .   ? -4.358  13.652  1.383   1.00 45.76 ? 275 HOH A O   1 
HETATM 1384 O  O   . HOH J 4 .   ? 18.498  0.790   11.086  1.00 45.60 ? 276 HOH A O   1 
HETATM 1385 O  O   . HOH J 4 .   ? 10.261  12.122  -3.680  1.00 22.62 ? 277 HOH A O   1 
HETATM 1386 O  O   . HOH J 4 .   ? -0.583  -12.679 -0.676  1.00 51.07 ? 278 HOH A O   1 
HETATM 1387 O  O   . HOH J 4 .   ? 15.784  -7.068  7.295   1.00 56.56 ? 279 HOH A O   1 
HETATM 1388 O  O   . HOH J 4 .   ? -17.248 -19.072 7.411   1.00 33.52 ? 280 HOH A O   1 
HETATM 1389 O  O   . HOH J 4 .   ? 17.226  -1.989  7.695   1.00 43.65 ? 281 HOH A O   1 
HETATM 1390 O  O   . HOH J 4 .   ? -6.996  -5.658  15.394  1.00 48.02 ? 282 HOH A O   1 
HETATM 1391 O  O   . HOH J 4 .   ? 0.983   10.264  -18.159 1.00 35.41 ? 283 HOH A O   1 
HETATM 1392 O  O   . HOH J 4 .   ? 1.253   -15.257 5.122   1.00 32.89 ? 284 HOH A O   1 
HETATM 1393 O  O   . HOH J 4 .   ? -4.105  -16.558 -7.544  1.00 39.43 ? 285 HOH A O   1 
HETATM 1394 O  O   . HOH J 4 .   ? 8.106   6.872   8.507   1.00 33.58 ? 286 HOH A O   1 
HETATM 1395 O  O   . HOH J 4 .   ? -10.169 0.847   -3.020  1.00 24.57 ? 287 HOH A O   1 
HETATM 1396 O  O   . HOH J 4 .   ? 13.189  -10.733 3.843   1.00 54.93 ? 288 HOH A O   1 
HETATM 1397 O  O   . HOH J 4 .   ? 11.126  10.452  6.365   1.00 37.84 ? 289 HOH A O   1 
HETATM 1398 O  O   . HOH J 4 .   ? -16.519 3.305   3.886   1.00 24.95 ? 290 HOH A O   1 
HETATM 1399 O  O   . HOH J 4 .   ? 17.293  -5.175  14.643  1.00 36.78 ? 291 HOH A O   1 
HETATM 1400 O  O   . HOH J 4 .   ? 13.131  -10.735 0.616   1.00 51.75 ? 292 HOH A O   1 
HETATM 1401 O  O   . HOH J 4 .   ? 1.359   17.444  10.174  1.00 18.42 ? 293 HOH A O   1 
HETATM 1402 O  O   . HOH J 4 .   ? -0.791  6.011   15.691  1.00 34.57 ? 294 HOH A O   1 
HETATM 1403 O  O   . HOH J 4 .   ? 9.854   -6.155  16.411  1.00 38.54 ? 295 HOH A O   1 
HETATM 1404 O  O   . HOH J 4 .   ? -14.762 5.431   -6.824  1.00 50.00 ? 296 HOH A O   1 
HETATM 1405 O  O   . HOH J 4 .   ? 1.518   10.287  14.109  1.00 40.81 ? 297 HOH A O   1 
HETATM 1406 O  O   . HOH J 4 .   ? -19.974 0.110   -11.199 1.00 44.57 ? 298 HOH A O   1 
HETATM 1407 O  O   . HOH J 4 .   ? -10.631 2.060   -12.191 1.00 30.58 ? 299 HOH A O   1 
HETATM 1408 O  O   . HOH J 4 .   ? -15.058 -17.486 9.543   1.00 33.26 ? 300 HOH A O   1 
HETATM 1409 O  O   . HOH J 4 .   ? 9.934   9.930   -9.083  1.00 42.61 ? 301 HOH A O   1 
HETATM 1410 O  O   . HOH J 4 .   ? 19.485  -0.847  13.829  1.00 50.16 ? 302 HOH A O   1 
HETATM 1411 O  O   . HOH J 4 .   ? -1.920  -15.222 8.603   1.00 42.34 ? 303 HOH A O   1 
HETATM 1412 O  O   . HOH J 4 .   ? 5.846   16.302  1.008   1.00 32.74 ? 304 HOH A O   1 
HETATM 1413 O  O   . HOH J 4 .   ? -3.693  12.310  -12.402 1.00 34.91 ? 305 HOH A O   1 
HETATM 1414 O  O   . HOH J 4 .   ? 3.945   -10.999 -3.418  1.00 35.90 ? 306 HOH A O   1 
HETATM 1415 O  O   . HOH J 4 .   ? -2.642  14.147  13.868  1.00 34.83 ? 307 HOH A O   1 
HETATM 1416 O  O   . HOH J 4 .   ? -0.128  -1.620  -21.031 1.00 41.78 ? 308 HOH A O   1 
HETATM 1417 O  O   . HOH J 4 .   ? -0.006  14.402  -12.568 1.00 41.92 ? 309 HOH A O   1 
HETATM 1418 O  O   . HOH J 4 .   ? -6.753  -18.538 -6.744  1.00 43.42 ? 310 HOH A O   1 
HETATM 1419 O  O   . HOH J 4 .   ? -3.393  -2.156  16.907  1.00 50.03 ? 311 HOH A O   1 
HETATM 1420 O  O   . HOH J 4 .   ? 1.549   -0.572  15.077  1.00 29.67 ? 312 HOH A O   1 
HETATM 1421 O  O   . HOH J 4 .   ? -1.273  -1.125  14.837  1.00 39.51 ? 313 HOH A O   1 
HETATM 1422 O  O   . HOH J 4 .   ? -17.700 -3.335  0.477   1.00 29.74 ? 314 HOH A O   1 
HETATM 1423 O  O   . HOH J 4 .   ? 3.520   -14.143 1.365   1.00 32.86 ? 315 HOH A O   1 
HETATM 1424 O  O   . HOH J 4 .   ? 12.087  -4.411  14.971  1.00 42.51 ? 316 HOH A O   1 
HETATM 1425 O  O   . HOH J 4 .   ? 9.964   -8.111  -13.652 1.00 35.47 ? 317 HOH A O   1 
HETATM 1426 O  O   . HOH J 4 .   ? 6.202   -6.706  18.432  1.00 45.76 ? 318 HOH A O   1 
HETATM 1427 O  O   . HOH J 4 .   ? 7.431   0.922   -15.580 1.00 41.88 ? 319 HOH A O   1 
HETATM 1428 O  O   . HOH J 4 .   ? -18.347 -13.975 4.521   1.00 33.75 ? 320 HOH A O   1 
HETATM 1429 O  O   . HOH J 4 .   ? 10.948  -14.991 -4.368  1.00 55.81 ? 321 HOH A O   1 
HETATM 1430 O  O   . HOH J 4 .   ? -3.566  9.229   -15.451 1.00 37.84 ? 322 HOH A O   1 
HETATM 1431 O  O   . HOH J 4 .   ? 14.061  -16.059 -2.809  1.00 46.18 ? 323 HOH A O   1 
HETATM 1432 O  O   . HOH J 4 .   ? 8.563   11.584  -12.976 1.00 45.75 ? 324 HOH A O   1 
HETATM 1433 O  O   . HOH J 4 .   ? -12.656 15.012  2.486   1.00 35.43 ? 325 HOH A O   1 
HETATM 1434 O  O   . HOH J 4 .   ? 20.763  1.953   -1.275  1.00 38.42 ? 326 HOH A O   1 
HETATM 1435 O  O   . HOH J 4 .   ? -15.259 -0.542  9.189   1.00 45.29 ? 327 HOH A O   1 
HETATM 1436 O  O   . HOH J 4 .   ? -7.569  8.445   13.030  1.00 39.15 ? 328 HOH A O   1 
HETATM 1437 O  O   . HOH J 4 .   ? 13.459  3.895   -11.923 1.00 31.97 ? 329 HOH A O   1 
HETATM 1438 O  O   . HOH J 4 .   ? -8.086  11.106  -11.967 1.00 46.13 ? 330 HOH A O   1 
HETATM 1439 O  O   . HOH J 4 .   ? 9.235   -17.418 1.459   1.00 36.69 ? 331 HOH A O   1 
HETATM 1440 O  O   . HOH J 4 .   ? 15.492  -9.348  5.831   1.00 58.12 ? 332 HOH A O   1 
HETATM 1441 O  O   . HOH J 4 .   ? -14.317 11.896  5.004   1.00 34.77 ? 333 HOH A O   1 
HETATM 1442 O  O   . HOH J 4 .   ? -16.442 -2.726  8.484   1.00 42.50 ? 334 HOH A O   1 
HETATM 1443 O  O   . HOH J 4 .   ? -1.092  3.760   15.249  1.00 49.48 ? 335 HOH A O   1 
HETATM 1444 O  O   . HOH J 4 .   ? 8.779   16.690  -8.131  1.00 47.89 ? 336 HOH A O   1 
HETATM 1445 O  O   . HOH J 4 .   ? -16.243 -12.313 3.105   1.00 55.91 ? 337 HOH A O   1 
HETATM 1446 O  O   . HOH J 4 .   ? 3.121   -14.953 10.673  1.00 44.10 ? 338 HOH A O   1 
HETATM 1447 O  O   . HOH J 4 .   ? -8.314  11.547  -9.400  1.00 61.91 ? 339 HOH A O   1 
HETATM 1448 O  O   . HOH J 4 .   ? 19.190  5.631   -4.120  1.00 46.76 ? 340 HOH A O   1 
HETATM 1449 O  O   . HOH J 4 .   ? -7.594  -11.781 -16.605 1.00 42.43 ? 341 HOH A O   1 
# 
